data_4M2F
#
_entry.id   4M2F
#
_cell.length_a   67.993
_cell.length_b   116.608
_cell.length_c   96.177
_cell.angle_alpha   90.00
_cell.angle_beta   92.19
_cell.angle_gamma   90.00
#
_symmetry.space_group_name_H-M   'P 1 21 1'
#
loop_
_entity.id
_entity.type
_entity.pdbx_description
1 polymer 'L-arginine beta-hydroxylase'
2 non-polymer 'FE (III) ION'
3 non-polymer L-CANAVANINE
4 water water
#
_entity_poly.entity_id   1
_entity_poly.type   'polypeptide(L)'
_entity_poly.pdbx_seq_one_letter_code
;MGSSHHHHHHSSGLVPRGSHMSNLTDQSTPSYSLTPAEASAVAELTLELAAAYGSFGDPVLLRDLPRLAARLPEGVQDFL
REFKLADRHGHTVIRGHDFDQRRIGPTPDHWRGRVRPGPEFPEELLLMLYSALLGEPFGWATQQDGHLVHDIFPIRSHEN
DQLGMGSKQLLTWHTEDAFHPYRSDYLILGALRNPDHVPTTVGELDLSSLSAEDIDVLFEPRYHIAPDESHLPKNNTIAT
EEEAARFATIQRMIDERPLGPLLYGSRLDPYMRLDPYFTSVPQDDTDARRAYDALFKVVDSGMREVVADQGDVLFIDNHR
AVHGRLPFQARYDGTDRWLKRVCVTSDLRRSREMRATSATRLLG
;
_entity_poly.pdbx_strand_id   A,B,C,D
#
# COMPACT_ATOMS: atom_id res chain seq x y z
N THR A 29 -33.78 -17.80 22.87
CA THR A 29 -32.91 -17.49 21.69
C THR A 29 -31.81 -16.52 22.10
N PRO A 30 -30.54 -16.95 22.01
CA PRO A 30 -29.42 -16.09 22.39
C PRO A 30 -29.39 -14.79 21.59
N SER A 31 -29.04 -13.70 22.27
CA SER A 31 -28.78 -12.42 21.62
C SER A 31 -27.56 -11.76 22.29
N TYR A 32 -27.10 -10.67 21.69
CA TYR A 32 -25.96 -9.92 22.22
C TYR A 32 -26.35 -8.45 22.37
N SER A 33 -26.13 -7.92 23.57
CA SER A 33 -26.42 -6.54 23.84
C SER A 33 -25.12 -5.79 24.01
N LEU A 34 -24.89 -4.82 23.13
CA LEU A 34 -23.66 -4.03 23.15
C LEU A 34 -23.67 -3.09 24.36
N THR A 35 -22.53 -2.99 25.04
CA THR A 35 -22.34 -1.93 26.02
C THR A 35 -22.21 -0.60 25.27
N PRO A 36 -22.40 0.55 25.97
CA PRO A 36 -22.14 1.80 25.25
C PRO A 36 -20.73 1.94 24.69
N ALA A 37 -19.72 1.39 25.38
CA ALA A 37 -18.35 1.38 24.84
C ALA A 37 -18.27 0.61 23.52
N GLU A 38 -18.85 -0.58 23.47
CA GLU A 38 -18.83 -1.38 22.25
C GLU A 38 -19.57 -0.67 21.11
N ALA A 39 -20.73 -0.07 21.40
CA ALA A 39 -21.50 0.67 20.40
C ALA A 39 -20.68 1.85 19.84
N SER A 40 -20.02 2.57 20.73
CA SER A 40 -19.13 3.66 20.32
C SER A 40 -17.99 3.16 19.44
N ALA A 41 -17.39 2.03 19.79
CA ALA A 41 -16.28 1.50 19.02
C ALA A 41 -16.76 1.03 17.63
N VAL A 42 -17.93 0.40 17.58
CA VAL A 42 -18.49 -0.05 16.30
C VAL A 42 -18.80 1.17 15.44
N ALA A 43 -19.46 2.17 16.03
CA ALA A 43 -19.77 3.40 15.31
C ALA A 43 -18.53 4.08 14.74
N GLU A 44 -17.47 4.22 15.55
CA GLU A 44 -16.23 4.85 15.09
C GLU A 44 -15.58 4.13 13.91
N LEU A 45 -15.59 2.80 13.99
CA LEU A 45 -14.99 1.96 12.96
C LEU A 45 -15.74 2.18 11.63
N THR A 46 -17.06 2.16 11.69
CA THR A 46 -17.86 2.29 10.47
C THR A 46 -17.70 3.68 9.85
N LEU A 47 -17.54 4.72 10.68
CA LEU A 47 -17.26 6.05 10.14
C LEU A 47 -15.90 6.11 9.47
N GLU A 48 -14.91 5.48 10.10
CA GLU A 48 -13.54 5.48 9.55
C GLU A 48 -13.51 4.78 8.18
N LEU A 49 -14.12 3.61 8.11
CA LEU A 49 -14.17 2.86 6.86
C LEU A 49 -14.99 3.57 5.80
N ALA A 50 -16.09 4.21 6.20
CA ALA A 50 -16.88 5.00 5.25
C ALA A 50 -16.06 6.12 4.64
N ALA A 51 -15.21 6.76 5.45
CA ALA A 51 -14.29 7.77 4.91
C ALA A 51 -13.18 7.16 4.04
N ALA A 52 -12.71 5.97 4.38
CA ALA A 52 -11.56 5.35 3.71
C ALA A 52 -11.89 4.75 2.34
N TYR A 53 -13.13 4.29 2.17
CA TYR A 53 -13.54 3.69 0.92
C TYR A 53 -14.60 4.52 0.21
N GLY A 54 -14.61 4.44 -1.12
CA GLY A 54 -15.53 5.24 -1.92
C GLY A 54 -16.95 4.73 -1.91
N SER A 55 -17.09 3.42 -2.11
CA SER A 55 -18.40 2.77 -2.23
C SER A 55 -18.18 1.26 -2.27
N PHE A 56 -19.27 0.51 -2.32
CA PHE A 56 -19.18 -0.93 -2.55
C PHE A 56 -18.76 -1.27 -3.98
N GLY A 57 -18.74 -0.26 -4.84
CA GLY A 57 -18.19 -0.38 -6.19
C GLY A 57 -16.69 -0.61 -6.18
N ASP A 58 -16.06 -0.23 -5.07
CA ASP A 58 -14.62 -0.44 -4.85
C ASP A 58 -14.34 -1.95 -4.65
N PRO A 59 -13.65 -2.58 -5.62
CA PRO A 59 -13.36 -4.01 -5.46
C PRO A 59 -12.51 -4.28 -4.21
N VAL A 60 -11.70 -3.29 -3.81
CA VAL A 60 -10.78 -3.45 -2.66
C VAL A 60 -11.55 -3.56 -1.33
N LEU A 61 -12.64 -2.82 -1.21
CA LEU A 61 -13.49 -2.91 -0.01
C LEU A 61 -14.01 -4.32 0.16
N LEU A 62 -14.51 -4.89 -0.93
CA LEU A 62 -15.05 -6.24 -0.92
C LEU A 62 -13.97 -7.26 -0.54
N ARG A 63 -12.77 -7.08 -1.08
CA ARG A 63 -11.61 -7.88 -0.68
C ARG A 63 -11.32 -7.75 0.82
N ASP A 64 -11.31 -6.50 1.32
CA ASP A 64 -10.85 -6.20 2.69
C ASP A 64 -11.82 -6.60 3.80
N LEU A 65 -13.06 -6.89 3.42
CA LEU A 65 -14.17 -7.03 4.35
C LEU A 65 -13.87 -7.96 5.55
N PRO A 66 -13.42 -9.20 5.31
CA PRO A 66 -13.21 -10.05 6.51
C PRO A 66 -12.09 -9.58 7.44
N ARG A 67 -11.02 -9.04 6.87
CA ARG A 67 -9.94 -8.44 7.68
C ARG A 67 -10.44 -7.21 8.48
N LEU A 68 -11.26 -6.36 7.85
CA LEU A 68 -11.85 -5.21 8.55
C LEU A 68 -12.81 -5.65 9.64
N ALA A 69 -13.57 -6.71 9.37
CA ALA A 69 -14.51 -7.25 10.36
C ALA A 69 -13.80 -7.73 11.62
N ALA A 70 -12.53 -8.08 11.50
CA ALA A 70 -11.74 -8.47 12.66
C ALA A 70 -11.42 -7.30 13.58
N ARG A 71 -11.75 -6.07 13.14
CA ARG A 71 -11.58 -4.88 13.99
C ARG A 71 -12.81 -4.58 14.86
N LEU A 72 -13.88 -5.35 14.68
CA LEU A 72 -15.09 -5.23 15.49
C LEU A 72 -14.79 -5.71 16.91
N PRO A 73 -15.56 -5.25 17.92
CA PRO A 73 -15.31 -5.72 19.28
C PRO A 73 -15.22 -7.23 19.32
N GLU A 74 -14.29 -7.75 20.10
CA GLU A 74 -14.02 -9.19 20.11
C GLU A 74 -15.20 -10.00 20.61
N GLY A 75 -15.91 -9.49 21.61
CA GLY A 75 -17.11 -10.15 22.09
C GLY A 75 -18.13 -10.37 20.96
N VAL A 76 -18.22 -9.39 20.05
CA VAL A 76 -19.15 -9.46 18.91
C VAL A 76 -18.75 -10.55 17.91
N GLN A 77 -17.47 -10.56 17.54
CA GLN A 77 -16.93 -11.59 16.65
C GLN A 77 -17.08 -12.98 17.25
N ASP A 78 -16.80 -13.11 18.55
CA ASP A 78 -16.92 -14.40 19.25
C ASP A 78 -18.37 -14.87 19.21
N PHE A 79 -19.28 -13.94 19.49
CA PHE A 79 -20.69 -14.26 19.54
C PHE A 79 -21.23 -14.78 18.20
N LEU A 80 -20.87 -14.12 17.10
CA LEU A 80 -21.36 -14.52 15.77
C LEU A 80 -20.71 -15.79 15.30
N ARG A 81 -19.42 -15.93 15.60
CA ARG A 81 -18.73 -17.18 15.30
C ARG A 81 -19.41 -18.35 16.02
N GLU A 82 -19.77 -18.17 17.29
CA GLU A 82 -20.44 -19.24 18.03
C GLU A 82 -21.80 -19.59 17.43
N PHE A 83 -22.56 -18.57 17.08
CA PHE A 83 -23.85 -18.73 16.40
C PHE A 83 -23.68 -19.53 15.13
N LYS A 84 -22.73 -19.13 14.30
CA LYS A 84 -22.49 -19.79 13.03
C LYS A 84 -22.12 -21.25 13.24
N LEU A 85 -21.15 -21.50 14.12
CA LEU A 85 -20.63 -22.85 14.31
C LEU A 85 -21.59 -23.76 15.08
N ALA A 86 -22.35 -23.21 16.03
CA ALA A 86 -23.31 -24.02 16.80
C ALA A 86 -24.32 -24.69 15.87
N ASP A 87 -24.72 -23.98 14.81
CA ASP A 87 -25.66 -24.50 13.82
C ASP A 87 -26.88 -25.13 14.54
N ARG A 88 -27.49 -24.35 15.42
CA ARG A 88 -28.56 -24.81 16.30
C ARG A 88 -29.74 -23.84 16.24
N HIS A 89 -29.58 -22.63 16.79
CA HIS A 89 -30.63 -21.61 16.70
C HIS A 89 -30.68 -21.00 15.33
N GLY A 90 -31.90 -20.67 14.89
CA GLY A 90 -32.16 -20.20 13.52
C GLY A 90 -32.15 -18.69 13.35
N HIS A 91 -32.01 -17.96 14.45
CA HIS A 91 -31.81 -16.52 14.39
C HIS A 91 -31.12 -16.03 15.63
N THR A 92 -30.53 -14.84 15.53
CA THR A 92 -29.98 -14.12 16.69
C THR A 92 -30.03 -12.61 16.40
N VAL A 93 -29.88 -11.80 17.44
CA VAL A 93 -29.92 -10.35 17.29
C VAL A 93 -28.77 -9.74 18.06
N ILE A 94 -28.14 -8.73 17.46
CA ILE A 94 -27.18 -7.89 18.17
C ILE A 94 -27.84 -6.53 18.33
N ARG A 95 -28.03 -6.13 19.59
CA ARG A 95 -28.80 -4.95 19.95
C ARG A 95 -27.94 -3.83 20.53
N GLY A 96 -28.43 -2.60 20.44
CA GLY A 96 -27.77 -1.45 21.05
C GLY A 96 -26.71 -0.74 20.23
N HIS A 97 -26.74 -0.88 18.90
CA HIS A 97 -25.86 -0.08 18.05
C HIS A 97 -26.27 1.37 18.10
N ASP A 98 -25.29 2.24 17.84
CA ASP A 98 -25.51 3.67 17.75
C ASP A 98 -25.61 4.06 16.28
N PHE A 99 -26.84 4.25 15.82
CA PHE A 99 -27.11 4.68 14.46
C PHE A 99 -27.54 6.15 14.51
N ASP A 100 -26.60 7.03 14.20
CA ASP A 100 -26.77 8.49 14.32
C ASP A 100 -27.87 8.98 13.40
N GLN A 101 -29.00 9.36 13.97
CA GLN A 101 -30.18 9.72 13.19
C GLN A 101 -30.02 11.00 12.38
N ARG A 102 -29.34 11.98 12.96
CA ARG A 102 -29.04 13.22 12.25
C ARG A 102 -28.17 13.04 11.03
N ARG A 103 -27.16 12.19 11.16
CA ARG A 103 -26.27 11.87 10.06
C ARG A 103 -26.99 11.08 8.97
N ILE A 104 -27.79 10.10 9.40
CA ILE A 104 -28.49 9.20 8.47
C ILE A 104 -29.51 9.95 7.62
N GLY A 105 -30.25 10.87 8.23
CA GLY A 105 -31.19 11.69 7.48
C GLY A 105 -32.55 11.06 7.29
N PRO A 106 -33.44 11.75 6.55
CA PRO A 106 -34.79 11.28 6.28
C PRO A 106 -34.79 9.97 5.52
N THR A 107 -35.80 9.14 5.77
CA THR A 107 -36.01 7.91 5.03
C THR A 107 -36.37 8.32 3.60
N PRO A 108 -35.73 7.69 2.60
CA PRO A 108 -35.96 8.17 1.23
C PRO A 108 -37.34 7.78 0.71
N ASP A 109 -37.82 8.51 -0.30
CA ASP A 109 -39.10 8.22 -0.96
C ASP A 109 -39.00 7.01 -1.90
N HIS A 110 -37.80 6.75 -2.44
CA HIS A 110 -37.56 5.60 -3.30
C HIS A 110 -36.10 5.20 -3.24
N TRP A 111 -35.77 3.97 -3.64
CA TRP A 111 -34.36 3.60 -3.78
C TRP A 111 -33.80 4.07 -5.09
N ARG A 112 -34.63 4.10 -6.13
CA ARG A 112 -34.18 4.56 -7.44
C ARG A 112 -33.78 6.02 -7.40
N GLY A 113 -32.68 6.34 -8.08
CA GLY A 113 -32.18 7.70 -8.21
C GLY A 113 -31.45 8.33 -7.02
N ARG A 114 -31.28 7.59 -5.93
CA ARG A 114 -30.53 8.11 -4.76
C ARG A 114 -29.05 8.24 -5.09
N VAL A 115 -28.37 9.20 -4.50
CA VAL A 115 -26.90 9.26 -4.56
C VAL A 115 -26.35 8.06 -3.78
N ARG A 116 -25.39 7.36 -4.37
CA ARG A 116 -24.77 6.19 -3.76
C ARG A 116 -23.26 6.36 -3.61
N PRO A 117 -22.71 6.08 -2.41
CA PRO A 117 -23.46 5.71 -1.21
C PRO A 117 -24.08 6.93 -0.56
N GLY A 118 -25.09 6.68 0.26
CA GLY A 118 -25.77 7.75 0.97
C GLY A 118 -25.11 8.03 2.29
N PRO A 119 -25.72 8.90 3.10
CA PRO A 119 -25.12 9.28 4.38
C PRO A 119 -25.18 8.15 5.39
N GLU A 120 -25.95 7.10 5.07
CA GLU A 120 -26.05 5.90 5.91
C GLU A 120 -25.06 4.80 5.47
N PHE A 121 -24.09 5.18 4.64
CA PHE A 121 -23.00 4.28 4.24
C PHE A 121 -22.35 3.55 5.41
N PRO A 122 -22.09 4.25 6.57
CA PRO A 122 -21.50 3.50 7.68
C PRO A 122 -22.33 2.29 8.11
N GLU A 123 -23.66 2.43 8.14
CA GLU A 123 -24.55 1.32 8.51
C GLU A 123 -24.54 0.19 7.48
N GLU A 124 -24.46 0.56 6.21
CA GLU A 124 -24.32 -0.43 5.13
C GLU A 124 -23.00 -1.19 5.30
N LEU A 125 -21.93 -0.45 5.60
CA LEU A 125 -20.62 -1.06 5.83
C LEU A 125 -20.65 -2.03 6.99
N LEU A 126 -21.33 -1.65 8.06
CA LEU A 126 -21.49 -2.52 9.23
C LEU A 126 -22.10 -3.88 8.84
N LEU A 127 -23.18 -3.82 8.08
CA LEU A 127 -23.83 -5.06 7.67
C LEU A 127 -22.96 -5.88 6.75
N MET A 128 -22.15 -5.22 5.92
CA MET A 128 -21.20 -5.94 5.06
C MET A 128 -20.09 -6.60 5.88
N LEU A 129 -19.61 -5.91 6.92
CA LEU A 129 -18.66 -6.51 7.85
C LEU A 129 -19.24 -7.77 8.49
N TYR A 130 -20.47 -7.66 9.00
CA TYR A 130 -21.16 -8.81 9.60
C TYR A 130 -21.33 -9.93 8.57
N SER A 131 -21.64 -9.57 7.33
CA SER A 131 -21.83 -10.60 6.32
C SER A 131 -20.53 -11.36 6.11
N ALA A 132 -19.40 -10.67 6.21
CA ALA A 132 -18.08 -11.28 6.01
C ALA A 132 -17.67 -12.24 7.13
N LEU A 133 -18.18 -12.01 8.34
CA LEU A 133 -18.00 -12.94 9.46
C LEU A 133 -18.81 -14.22 9.26
N LEU A 134 -19.91 -14.13 8.52
CA LEU A 134 -20.72 -15.30 8.26
C LEU A 134 -20.45 -16.01 6.95
N GLY A 135 -20.01 -15.28 5.92
CA GLY A 135 -19.75 -15.89 4.62
C GLY A 135 -19.36 -14.81 3.64
N GLU A 136 -20.06 -14.75 2.53
CA GLU A 136 -19.86 -13.72 1.50
C GLU A 136 -21.18 -13.05 1.19
N PRO A 137 -21.18 -11.70 1.16
CA PRO A 137 -22.37 -10.99 0.69
C PRO A 137 -22.57 -11.22 -0.82
N PHE A 138 -23.81 -11.38 -1.22
CA PHE A 138 -24.11 -11.57 -2.64
C PHE A 138 -25.48 -10.96 -2.90
N GLY A 139 -25.81 -10.77 -4.16
CA GLY A 139 -27.13 -10.25 -4.52
C GLY A 139 -27.71 -10.84 -5.78
N TRP A 140 -28.81 -10.25 -6.22
CA TRP A 140 -29.52 -10.69 -7.42
C TRP A 140 -29.49 -9.56 -8.38
N ALA A 141 -29.05 -9.85 -9.60
CA ALA A 141 -28.71 -8.83 -10.60
C ALA A 141 -29.88 -7.92 -10.97
N THR A 142 -31.11 -8.45 -10.92
CA THR A 142 -32.28 -7.67 -11.31
C THR A 142 -32.87 -6.87 -10.15
N GLN A 143 -32.39 -7.12 -8.93
CA GLN A 143 -32.97 -6.49 -7.74
C GLN A 143 -32.19 -5.25 -7.26
N GLN A 144 -32.93 -4.16 -7.09
CA GLN A 144 -32.39 -2.85 -6.63
C GLN A 144 -31.07 -2.44 -7.27
N ASP A 145 -31.03 -2.45 -8.61
CA ASP A 145 -29.89 -1.98 -9.40
C ASP A 145 -28.62 -2.84 -9.17
N GLY A 146 -28.79 -4.03 -8.61
CA GLY A 146 -27.67 -4.91 -8.26
C GLY A 146 -26.96 -4.57 -6.95
N HIS A 147 -27.56 -3.73 -6.11
CA HIS A 147 -26.90 -3.32 -4.84
C HIS A 147 -26.78 -4.48 -3.90
N LEU A 148 -25.64 -4.61 -3.24
CA LEU A 148 -25.45 -5.69 -2.26
C LEU A 148 -26.22 -5.46 -0.96
N VAL A 149 -26.37 -4.20 -0.55
CA VAL A 149 -27.19 -3.87 0.61
C VAL A 149 -28.50 -3.29 0.09
N HIS A 150 -29.61 -3.95 0.39
CA HIS A 150 -30.96 -3.52 -0.07
C HIS A 150 -31.61 -2.59 0.90
N ASP A 151 -32.44 -1.70 0.37
CA ASP A 151 -33.27 -0.84 1.19
C ASP A 151 -34.63 -1.46 1.46
N ILE A 152 -35.07 -1.34 2.69
CA ILE A 152 -36.42 -1.72 3.06
C ILE A 152 -37.10 -0.53 3.72
N PHE A 153 -37.92 0.19 2.95
CA PHE A 153 -38.71 1.30 3.48
C PHE A 153 -39.96 1.45 2.61
N PRO A 154 -40.99 2.17 3.09
CA PRO A 154 -42.21 2.16 2.30
C PRO A 154 -42.08 3.05 1.07
N ILE A 155 -42.60 2.56 -0.06
CA ILE A 155 -42.63 3.34 -1.27
C ILE A 155 -44.09 3.47 -1.69
N ARG A 156 -44.57 4.71 -1.73
CA ARG A 156 -45.99 5.02 -1.91
C ARG A 156 -46.60 4.27 -3.09
N SER A 157 -45.92 4.28 -4.24
CA SER A 157 -46.46 3.59 -5.42
C SER A 157 -46.51 2.07 -5.27
N HIS A 158 -45.71 1.53 -4.35
CA HIS A 158 -45.65 0.09 -4.11
C HIS A 158 -46.66 -0.36 -3.07
N GLU A 159 -47.49 0.57 -2.61
CA GLU A 159 -48.42 0.35 -1.50
C GLU A 159 -49.39 -0.84 -1.67
N ASN A 160 -49.49 -1.36 -2.89
CA ASN A 160 -50.49 -2.40 -3.19
C ASN A 160 -49.94 -3.80 -3.47
N ASP A 161 -49.96 -4.64 -2.42
CA ASP A 161 -49.63 -6.08 -2.45
C ASP A 161 -48.50 -6.46 -1.47
N GLN A 162 -47.96 -7.67 -1.64
CA GLN A 162 -47.00 -8.26 -0.70
C GLN A 162 -45.55 -8.14 -1.20
N LEU A 163 -44.76 -7.32 -0.51
CA LEU A 163 -43.32 -7.16 -0.77
C LEU A 163 -42.61 -6.38 0.35
N GLY A 164 -41.30 -6.18 0.19
CA GLY A 164 -40.47 -5.48 1.18
C GLY A 164 -40.61 -3.96 1.16
N MET A 165 -40.85 -3.40 -0.02
CA MET A 165 -41.02 -1.95 -0.17
C MET A 165 -42.44 -1.47 0.13
N GLY A 166 -43.31 -2.41 0.49
CA GLY A 166 -44.69 -2.10 0.84
C GLY A 166 -44.86 -1.66 2.28
N SER A 167 -46.07 -1.89 2.80
CA SER A 167 -46.44 -1.50 4.16
C SER A 167 -47.85 -1.98 4.50
N LYS A 168 -48.83 -1.47 3.75
CA LYS A 168 -50.26 -1.70 4.00
C LYS A 168 -50.73 -3.15 4.15
N GLN A 169 -50.09 -4.07 3.44
CA GLN A 169 -50.55 -5.46 3.37
C GLN A 169 -49.55 -6.48 3.91
N LEU A 170 -50.08 -7.59 4.42
CA LEU A 170 -49.31 -8.65 5.09
C LEU A 170 -48.26 -9.31 4.20
N LEU A 171 -47.17 -9.76 4.84
CA LEU A 171 -46.17 -10.61 4.19
C LEU A 171 -46.00 -11.92 4.98
N THR A 172 -46.79 -12.92 4.58
CA THR A 172 -46.76 -14.27 5.14
C THR A 172 -45.35 -14.83 5.08
N TRP A 173 -45.09 -15.83 5.92
CA TRP A 173 -43.72 -16.27 6.15
C TRP A 173 -43.23 -17.31 5.20
N HIS A 174 -41.90 -17.40 5.09
CA HIS A 174 -41.24 -18.34 4.20
C HIS A 174 -39.75 -18.40 4.41
N THR A 175 -39.16 -19.51 3.97
CA THR A 175 -37.75 -19.59 3.65
C THR A 175 -37.56 -18.70 2.42
N GLU A 176 -36.52 -17.86 2.43
CA GLU A 176 -36.15 -17.07 1.25
C GLU A 176 -35.71 -17.95 0.08
N ASP A 177 -36.39 -17.80 -1.06
CA ASP A 177 -36.04 -18.52 -2.30
C ASP A 177 -35.90 -20.02 -2.09
N ALA A 178 -36.91 -20.63 -1.46
CA ALA A 178 -36.87 -22.03 -1.06
C ALA A 178 -36.50 -23.00 -2.19
N PHE A 179 -36.98 -22.70 -3.40
CA PHE A 179 -36.77 -23.57 -4.55
C PHE A 179 -35.32 -23.57 -5.06
N HIS A 180 -34.61 -22.46 -4.81
CA HIS A 180 -33.35 -22.15 -5.46
C HIS A 180 -32.16 -22.84 -4.82
N PRO A 181 -31.33 -23.55 -5.63
CA PRO A 181 -30.19 -24.27 -5.11
C PRO A 181 -29.11 -23.34 -4.53
N TYR A 182 -29.08 -22.08 -4.99
CA TYR A 182 -28.14 -21.06 -4.49
C TYR A 182 -28.83 -19.96 -3.66
N ARG A 183 -29.95 -20.30 -3.02
CA ARG A 183 -30.62 -19.37 -2.09
C ARG A 183 -29.66 -18.94 -0.97
N SER A 184 -29.92 -17.77 -0.40
CA SER A 184 -29.18 -17.29 0.77
C SER A 184 -29.02 -18.37 1.83
N ASP A 185 -27.87 -18.39 2.47
CA ASP A 185 -27.65 -19.21 3.63
C ASP A 185 -28.00 -18.44 4.92
N TYR A 186 -27.70 -17.15 4.94
CA TYR A 186 -28.16 -16.26 6.02
C TYR A 186 -28.69 -14.95 5.46
N LEU A 187 -29.50 -14.27 6.26
CA LEU A 187 -29.96 -12.92 5.92
C LEU A 187 -29.63 -12.05 7.10
N ILE A 188 -29.22 -10.82 6.82
CA ILE A 188 -28.89 -9.84 7.87
C ILE A 188 -29.78 -8.61 7.65
N LEU A 189 -30.53 -8.25 8.68
CA LEU A 189 -31.46 -7.12 8.59
C LEU A 189 -31.07 -6.14 9.69
N GLY A 190 -30.67 -4.93 9.31
CA GLY A 190 -30.33 -3.87 10.26
C GLY A 190 -31.41 -2.79 10.29
N ALA A 191 -31.92 -2.50 11.48
CA ALA A 191 -32.96 -1.48 11.61
C ALA A 191 -32.37 -0.08 11.84
N LEU A 192 -32.37 0.74 10.80
CA LEU A 192 -31.84 2.10 10.90
C LEU A 192 -32.82 2.99 11.66
N ARG A 193 -34.12 2.77 11.44
CA ARG A 193 -35.16 3.35 12.27
C ARG A 193 -36.44 2.54 12.19
N ASN A 194 -37.21 2.64 13.26
CA ASN A 194 -38.44 1.89 13.43
C ASN A 194 -39.28 2.58 14.52
N PRO A 195 -39.73 3.83 14.25
CA PRO A 195 -40.38 4.67 15.28
C PRO A 195 -41.59 4.02 15.93
N ASP A 196 -42.33 3.21 15.16
CA ASP A 196 -43.55 2.56 15.67
C ASP A 196 -43.31 1.11 16.06
N HIS A 197 -42.05 0.71 16.12
CA HIS A 197 -41.66 -0.61 16.64
C HIS A 197 -42.38 -1.74 15.95
N VAL A 198 -42.44 -1.67 14.63
CA VAL A 198 -43.04 -2.73 13.82
C VAL A 198 -42.09 -3.93 13.81
N PRO A 199 -42.53 -5.07 14.38
CA PRO A 199 -41.64 -6.21 14.45
C PRO A 199 -41.57 -6.98 13.14
N THR A 200 -40.61 -7.89 13.06
CA THR A 200 -40.44 -8.85 11.97
C THR A 200 -40.90 -10.18 12.57
N THR A 201 -41.43 -11.08 11.74
CA THR A 201 -41.76 -12.41 12.26
C THR A 201 -40.69 -13.42 11.85
N VAL A 202 -40.34 -14.28 12.79
CA VAL A 202 -39.46 -15.41 12.49
C VAL A 202 -39.93 -16.65 13.21
N GLY A 203 -39.75 -17.80 12.55
CA GLY A 203 -40.19 -19.07 13.09
C GLY A 203 -39.18 -20.16 12.83
N GLU A 204 -39.01 -21.00 13.84
CA GLU A 204 -38.09 -22.12 13.78
C GLU A 204 -38.87 -23.44 13.87
N LEU A 205 -38.18 -24.57 13.70
CA LEU A 205 -38.81 -25.88 13.75
C LEU A 205 -38.58 -26.53 15.12
N ASP A 206 -39.66 -26.70 15.88
CA ASP A 206 -39.64 -27.53 17.07
C ASP A 206 -39.83 -28.97 16.62
N LEU A 207 -38.75 -29.71 16.45
CA LEU A 207 -38.80 -31.08 15.92
C LEU A 207 -39.57 -32.08 16.81
N SER A 208 -39.68 -31.77 18.10
CA SER A 208 -40.36 -32.67 19.05
C SER A 208 -41.87 -32.69 18.86
N SER A 209 -42.39 -31.70 18.10
CA SER A 209 -43.83 -31.59 17.85
C SER A 209 -44.27 -32.45 16.67
N LEU A 210 -43.30 -33.09 16.01
CA LEU A 210 -43.57 -33.90 14.84
C LEU A 210 -43.24 -35.38 15.08
N SER A 211 -44.07 -36.26 14.54
CA SER A 211 -43.86 -37.69 14.64
C SER A 211 -42.69 -38.12 13.77
N ALA A 212 -42.00 -39.19 14.19
CA ALA A 212 -40.85 -39.73 13.45
C ALA A 212 -41.27 -40.16 12.04
N GLU A 213 -42.51 -40.64 11.94
CA GLU A 213 -43.14 -41.01 10.68
C GLU A 213 -43.20 -39.83 9.70
N ASP A 214 -43.72 -38.70 10.20
CA ASP A 214 -43.83 -37.48 9.41
C ASP A 214 -42.46 -36.92 9.02
N ILE A 215 -41.51 -36.94 9.95
CA ILE A 215 -40.16 -36.47 9.69
C ILE A 215 -39.53 -37.22 8.53
N ASP A 216 -39.63 -38.54 8.54
CA ASP A 216 -39.09 -39.38 7.46
C ASP A 216 -39.69 -39.05 6.10
N VAL A 217 -40.99 -38.78 6.05
CA VAL A 217 -41.66 -38.39 4.81
C VAL A 217 -41.13 -37.03 4.32
N LEU A 218 -40.95 -36.10 5.25
CA LEU A 218 -40.48 -34.74 4.94
C LEU A 218 -39.05 -34.73 4.42
N PHE A 219 -38.29 -35.76 4.78
CA PHE A 219 -36.90 -35.94 4.32
C PHE A 219 -36.81 -36.55 2.93
N GLU A 220 -37.93 -37.08 2.44
CA GLU A 220 -37.97 -37.73 1.13
C GLU A 220 -38.34 -36.76 0.00
N PRO A 221 -37.88 -37.05 -1.24
CA PRO A 221 -38.16 -36.19 -2.40
C PRO A 221 -39.61 -36.34 -2.90
N ARG A 222 -40.53 -35.67 -2.22
CA ARG A 222 -41.96 -35.89 -2.45
C ARG A 222 -42.74 -34.61 -2.72
N TYR A 223 -42.03 -33.48 -2.77
CA TYR A 223 -42.66 -32.18 -2.84
C TYR A 223 -42.13 -31.37 -4.00
N HIS A 224 -42.99 -30.56 -4.58
CA HIS A 224 -42.56 -29.64 -5.63
C HIS A 224 -42.51 -28.24 -5.09
N ILE A 225 -41.36 -27.59 -5.27
CA ILE A 225 -41.24 -26.19 -4.87
C ILE A 225 -41.05 -25.29 -6.09
N ALA A 226 -42.03 -24.44 -6.36
CA ALA A 226 -42.01 -23.62 -7.56
C ALA A 226 -41.22 -22.32 -7.34
N PRO A 227 -40.57 -21.82 -8.40
CA PRO A 227 -39.87 -20.55 -8.30
C PRO A 227 -40.81 -19.35 -8.20
N ASP A 228 -40.36 -18.31 -7.49
CA ASP A 228 -41.00 -17.01 -7.59
C ASP A 228 -40.80 -16.51 -9.01
N GLU A 229 -41.76 -15.70 -9.49
CA GLU A 229 -41.75 -15.20 -10.86
C GLU A 229 -40.42 -14.53 -11.26
N SER A 230 -39.83 -13.80 -10.31
CA SER A 230 -38.57 -13.08 -10.53
C SER A 230 -37.39 -13.97 -10.93
N HIS A 231 -37.55 -15.29 -10.77
CA HIS A 231 -36.50 -16.25 -11.11
C HIS A 231 -36.73 -16.98 -12.41
N LEU A 232 -37.95 -16.89 -12.93
CA LEU A 232 -38.30 -17.50 -14.22
C LEU A 232 -37.45 -16.91 -15.36
N PRO A 233 -36.68 -17.75 -16.07
CA PRO A 233 -35.82 -17.33 -17.18
C PRO A 233 -36.56 -16.64 -18.34
N LYS A 234 -37.87 -16.84 -18.44
CA LYS A 234 -38.68 -16.14 -19.44
C LYS A 234 -38.98 -14.70 -19.03
N ASN A 235 -38.53 -14.32 -17.82
CA ASN A 235 -38.55 -12.93 -17.36
C ASN A 235 -37.54 -12.07 -18.11
N ASN A 236 -36.36 -12.66 -18.37
CA ASN A 236 -35.27 -11.97 -19.05
C ASN A 236 -35.12 -12.33 -20.54
N THR A 237 -34.04 -11.84 -21.14
CA THR A 237 -33.81 -11.91 -22.59
C THR A 237 -33.54 -13.35 -23.11
N ILE A 238 -33.67 -13.54 -24.42
CA ILE A 238 -33.42 -14.84 -25.07
C ILE A 238 -32.17 -14.79 -25.98
N ALA A 239 -31.49 -13.64 -25.98
CA ALA A 239 -30.32 -13.43 -26.85
C ALA A 239 -29.03 -14.02 -26.26
N THR A 240 -28.18 -14.54 -27.14
CA THR A 240 -26.86 -15.13 -26.81
C THR A 240 -26.91 -16.46 -26.03
N GLU A 241 -25.89 -17.29 -26.26
CA GLU A 241 -25.78 -18.59 -25.61
C GLU A 241 -25.32 -18.43 -24.17
N GLU A 242 -24.59 -17.35 -23.89
CA GLU A 242 -24.02 -17.08 -22.58
C GLU A 242 -25.08 -16.93 -21.47
N GLU A 243 -26.11 -16.13 -21.75
CA GLU A 243 -27.16 -15.88 -20.76
C GLU A 243 -28.14 -17.06 -20.66
N ALA A 244 -28.37 -17.75 -21.78
CA ALA A 244 -29.20 -18.96 -21.78
C ALA A 244 -28.59 -19.94 -20.78
N ALA A 245 -27.29 -20.14 -20.89
CA ALA A 245 -26.53 -21.01 -20.00
C ALA A 245 -26.63 -20.57 -18.53
N ARG A 246 -26.76 -19.27 -18.31
CA ARG A 246 -26.88 -18.70 -16.96
C ARG A 246 -28.22 -19.05 -16.30
N PHE A 247 -29.18 -19.49 -17.11
CA PHE A 247 -30.49 -19.86 -16.58
C PHE A 247 -30.89 -21.29 -16.86
N ALA A 248 -29.96 -22.04 -17.46
CA ALA A 248 -30.21 -23.41 -17.93
C ALA A 248 -30.60 -24.37 -16.81
N THR A 249 -29.90 -24.28 -15.67
CA THR A 249 -30.22 -25.10 -14.50
C THR A 249 -31.63 -24.82 -13.94
N ILE A 250 -31.99 -23.54 -13.82
CA ILE A 250 -33.34 -23.17 -13.39
C ILE A 250 -34.39 -23.60 -14.42
N GLN A 251 -34.09 -23.39 -15.71
CA GLN A 251 -34.98 -23.83 -16.78
C GLN A 251 -35.25 -25.32 -16.67
N ARG A 252 -34.20 -26.08 -16.39
CA ARG A 252 -34.30 -27.53 -16.24
C ARG A 252 -35.23 -27.93 -15.11
N MET A 253 -35.13 -27.22 -13.99
CA MET A 253 -36.02 -27.45 -12.85
C MET A 253 -37.48 -27.14 -13.20
N ILE A 254 -37.70 -26.10 -13.99
CA ILE A 254 -39.05 -25.73 -14.42
C ILE A 254 -39.63 -26.81 -15.37
N ASP A 255 -38.79 -27.31 -16.27
CA ASP A 255 -39.19 -28.26 -17.29
C ASP A 255 -39.43 -29.67 -16.75
N GLU A 256 -38.57 -30.12 -15.82
CA GLU A 256 -38.64 -31.49 -15.29
C GLU A 256 -39.45 -31.56 -14.01
N ARG A 257 -39.66 -30.42 -13.36
CA ARG A 257 -40.38 -30.37 -12.08
C ARG A 257 -39.96 -31.47 -11.09
N PRO A 258 -38.65 -31.54 -10.76
CA PRO A 258 -38.19 -32.58 -9.85
C PRO A 258 -38.83 -32.41 -8.49
N LEU A 259 -39.10 -33.52 -7.82
CA LEU A 259 -39.63 -33.48 -6.48
C LEU A 259 -38.45 -33.45 -5.53
N GLY A 260 -38.60 -32.73 -4.41
CA GLY A 260 -37.52 -32.57 -3.45
C GLY A 260 -38.00 -32.66 -2.01
N PRO A 261 -37.06 -32.73 -1.05
CA PRO A 261 -37.49 -32.81 0.35
C PRO A 261 -37.76 -31.44 0.94
N LEU A 262 -38.47 -31.39 2.05
CA LEU A 262 -38.67 -30.14 2.78
C LEU A 262 -37.73 -30.05 3.96
N LEU A 263 -37.27 -31.20 4.43
CA LEU A 263 -36.26 -31.27 5.50
C LEU A 263 -34.99 -31.98 5.01
N TYR A 264 -33.85 -31.60 5.56
CA TYR A 264 -32.57 -32.18 5.14
C TYR A 264 -31.50 -31.92 6.20
N GLY A 265 -30.28 -32.41 5.96
CA GLY A 265 -29.20 -32.36 6.95
C GLY A 265 -29.35 -33.52 7.93
N SER A 266 -29.34 -33.20 9.21
CA SER A 266 -29.41 -34.22 10.26
C SER A 266 -30.84 -34.51 10.68
N ARG A 267 -31.18 -35.79 10.77
CA ARG A 267 -32.51 -36.23 11.17
C ARG A 267 -32.88 -35.79 12.59
N LEU A 268 -31.86 -35.59 13.43
CA LEU A 268 -32.05 -35.18 14.83
C LEU A 268 -32.31 -33.68 15.00
N ASP A 269 -31.79 -32.88 14.06
CA ASP A 269 -31.91 -31.42 14.12
C ASP A 269 -31.83 -30.88 12.68
N PRO A 270 -32.97 -30.93 11.96
CA PRO A 270 -32.91 -30.75 10.51
C PRO A 270 -32.96 -29.31 10.03
N TYR A 271 -32.37 -29.07 8.88
CA TYR A 271 -32.61 -27.86 8.12
C TYR A 271 -33.96 -28.01 7.42
N MET A 272 -34.56 -26.88 7.08
CA MET A 272 -35.80 -26.88 6.35
C MET A 272 -35.80 -25.84 5.25
N ARG A 273 -36.61 -26.10 4.23
CA ARG A 273 -36.90 -25.13 3.19
C ARG A 273 -38.42 -25.17 2.96
N LEU A 274 -39.09 -24.13 3.45
CA LEU A 274 -40.53 -24.10 3.52
C LEU A 274 -41.05 -22.74 3.06
N ASP A 275 -41.62 -22.74 1.87
CA ASP A 275 -42.37 -21.60 1.37
C ASP A 275 -43.75 -22.08 0.99
N PRO A 276 -44.72 -21.97 1.93
CA PRO A 276 -46.04 -22.57 1.73
C PRO A 276 -46.70 -22.18 0.41
N TYR A 277 -46.53 -20.92 0.03
CA TYR A 277 -47.14 -20.38 -1.20
C TYR A 277 -46.67 -21.05 -2.49
N PHE A 278 -45.41 -21.48 -2.52
CA PHE A 278 -44.82 -22.05 -3.74
C PHE A 278 -44.66 -23.57 -3.65
N THR A 279 -45.19 -24.16 -2.59
CA THR A 279 -45.06 -25.58 -2.36
C THR A 279 -46.30 -26.33 -2.87
N SER A 280 -46.07 -27.36 -3.70
CA SER A 280 -47.14 -28.26 -4.14
C SER A 280 -46.93 -29.65 -3.56
N VAL A 281 -47.92 -30.11 -2.80
CA VAL A 281 -47.92 -31.50 -2.35
C VAL A 281 -48.73 -32.30 -3.39
N PRO A 282 -48.09 -33.24 -4.10
CA PRO A 282 -48.78 -34.05 -5.13
C PRO A 282 -50.07 -34.64 -4.59
N GLN A 283 -51.16 -34.46 -5.34
CA GLN A 283 -52.50 -34.83 -4.86
C GLN A 283 -52.59 -36.27 -4.35
N ASP A 284 -52.02 -37.20 -5.09
CA ASP A 284 -52.12 -38.63 -4.73
C ASP A 284 -51.21 -39.08 -3.60
N ASP A 285 -50.27 -38.21 -3.21
CA ASP A 285 -49.38 -38.55 -2.10
C ASP A 285 -49.98 -38.17 -0.75
N THR A 286 -50.77 -39.08 -0.19
CA THR A 286 -51.51 -38.89 1.05
C THR A 286 -50.60 -38.69 2.25
N ASP A 287 -49.48 -39.41 2.26
CA ASP A 287 -48.54 -39.32 3.36
C ASP A 287 -47.80 -37.98 3.33
N ALA A 288 -47.46 -37.51 2.12
CA ALA A 288 -46.80 -36.21 1.97
C ALA A 288 -47.72 -35.08 2.40
N ARG A 289 -49.03 -35.22 2.14
CA ARG A 289 -50.01 -34.23 2.57
C ARG A 289 -50.17 -34.20 4.09
N ARG A 290 -50.27 -35.38 4.71
CA ARG A 290 -50.39 -35.46 6.18
C ARG A 290 -49.17 -34.81 6.85
N ALA A 291 -47.98 -35.19 6.38
CA ALA A 291 -46.71 -34.70 6.95
C ALA A 291 -46.52 -33.20 6.73
N TYR A 292 -46.79 -32.73 5.51
CA TYR A 292 -46.73 -31.30 5.22
C TYR A 292 -47.66 -30.51 6.13
N ASP A 293 -48.90 -30.99 6.29
CA ASP A 293 -49.88 -30.29 7.12
C ASP A 293 -49.41 -30.20 8.56
N ALA A 294 -48.77 -31.26 9.04
CA ALA A 294 -48.21 -31.28 10.39
C ALA A 294 -47.05 -30.28 10.51
N LEU A 295 -46.17 -30.29 9.51
CA LEU A 295 -45.04 -29.35 9.47
C LEU A 295 -45.51 -27.90 9.46
N PHE A 296 -46.45 -27.57 8.57
CA PHE A 296 -47.01 -26.23 8.47
C PHE A 296 -47.60 -25.74 9.79
N LYS A 297 -48.37 -26.60 10.46
CA LYS A 297 -48.99 -26.23 11.74
C LYS A 297 -47.93 -25.92 12.79
N VAL A 298 -46.90 -26.76 12.85
CA VAL A 298 -45.81 -26.59 13.83
C VAL A 298 -45.06 -25.27 13.65
N VAL A 299 -44.70 -24.96 12.40
CA VAL A 299 -44.01 -23.70 12.10
C VAL A 299 -44.95 -22.50 12.29
N ASP A 300 -46.16 -22.59 11.76
CA ASP A 300 -47.12 -21.48 11.90
C ASP A 300 -47.34 -21.13 13.38
N SER A 301 -47.50 -22.14 14.24
CA SER A 301 -47.79 -21.89 15.65
C SER A 301 -46.56 -21.39 16.39
N GLY A 302 -45.37 -21.75 15.91
CA GLY A 302 -44.13 -21.30 16.52
C GLY A 302 -43.66 -19.90 16.11
N MET A 303 -44.36 -19.27 15.16
CA MET A 303 -43.98 -17.94 14.67
C MET A 303 -43.87 -16.93 15.82
N ARG A 304 -42.82 -16.12 15.80
CA ARG A 304 -42.56 -15.17 16.88
C ARG A 304 -42.38 -13.81 16.29
N GLU A 305 -42.79 -12.78 17.03
CA GLU A 305 -42.50 -11.41 16.67
C GLU A 305 -41.15 -11.06 17.27
N VAL A 306 -40.24 -10.62 16.41
CA VAL A 306 -38.92 -10.15 16.82
C VAL A 306 -38.90 -8.68 16.47
N VAL A 307 -38.77 -7.79 17.44
CA VAL A 307 -38.67 -6.39 17.01
C VAL A 307 -37.21 -6.07 16.74
N ALA A 308 -36.99 -5.49 15.58
CA ALA A 308 -35.73 -4.90 15.25
C ALA A 308 -36.03 -3.43 15.38
N ASP A 309 -35.67 -2.87 16.52
CA ASP A 309 -35.79 -1.44 16.76
C ASP A 309 -34.52 -0.77 16.30
N GLN A 310 -34.52 0.55 16.27
CA GLN A 310 -33.37 1.33 15.85
C GLN A 310 -32.12 0.83 16.56
N GLY A 311 -31.12 0.43 15.79
CA GLY A 311 -29.87 -0.04 16.36
C GLY A 311 -29.78 -1.54 16.55
N ASP A 312 -30.82 -2.29 16.16
CA ASP A 312 -30.80 -3.74 16.22
C ASP A 312 -30.43 -4.34 14.86
N VAL A 313 -29.58 -5.35 14.88
CA VAL A 313 -29.26 -6.13 13.67
C VAL A 313 -29.71 -7.56 13.88
N LEU A 314 -30.66 -8.00 13.05
CA LEU A 314 -31.20 -9.33 13.09
C LEU A 314 -30.50 -10.25 12.07
N PHE A 315 -30.10 -11.43 12.53
CA PHE A 315 -29.43 -12.43 11.70
C PHE A 315 -30.36 -13.63 11.55
N ILE A 316 -30.67 -14.02 10.31
CA ILE A 316 -31.57 -15.16 10.09
C ILE A 316 -30.81 -16.26 9.36
N ASP A 317 -30.84 -17.47 9.92
CA ASP A 317 -30.30 -18.66 9.27
C ASP A 317 -31.39 -19.16 8.31
N ASN A 318 -31.18 -18.98 7.02
CA ASN A 318 -32.18 -19.37 6.02
C ASN A 318 -32.41 -20.88 5.91
N HIS A 319 -31.58 -21.68 6.60
CA HIS A 319 -31.77 -23.14 6.65
C HIS A 319 -32.45 -23.60 7.91
N ARG A 320 -32.68 -22.70 8.86
CA ARG A 320 -33.31 -23.09 10.12
C ARG A 320 -34.49 -22.20 10.50
N ALA A 321 -34.68 -21.10 9.80
CA ALA A 321 -35.77 -20.20 10.14
C ALA A 321 -36.51 -19.69 8.92
N VAL A 322 -37.81 -19.50 9.08
CA VAL A 322 -38.64 -18.78 8.12
C VAL A 322 -38.84 -17.37 8.64
N HIS A 323 -39.18 -16.43 7.75
CA HIS A 323 -39.37 -15.05 8.13
C HIS A 323 -40.54 -14.44 7.40
N GLY A 324 -41.15 -13.43 8.00
CA GLY A 324 -42.25 -12.72 7.37
C GLY A 324 -42.29 -11.29 7.83
N ARG A 325 -43.24 -10.53 7.30
CA ARG A 325 -43.41 -9.14 7.68
C ARG A 325 -44.86 -8.87 8.03
N LEU A 326 -45.07 -7.96 8.98
CA LEU A 326 -46.39 -7.53 9.39
C LEU A 326 -46.75 -6.26 8.64
N PRO A 327 -48.02 -6.13 8.22
CA PRO A 327 -48.46 -4.89 7.58
C PRO A 327 -48.41 -3.72 8.55
N PHE A 328 -48.13 -2.52 8.02
CA PHE A 328 -48.15 -1.30 8.80
C PHE A 328 -48.50 -0.11 7.91
N GLN A 329 -49.15 0.89 8.48
CA GLN A 329 -49.49 2.11 7.74
C GLN A 329 -48.28 3.06 7.71
N ALA A 330 -47.80 3.34 6.51
CA ALA A 330 -46.69 4.28 6.32
C ALA A 330 -47.14 5.74 6.36
N ARG A 331 -46.20 6.63 6.66
CA ARG A 331 -46.46 8.06 6.63
C ARG A 331 -45.97 8.75 5.36
N TYR A 332 -45.00 8.12 4.68
CA TYR A 332 -44.39 8.66 3.46
C TYR A 332 -43.88 10.11 3.60
N ASP A 333 -43.30 10.41 4.76
CA ASP A 333 -42.87 11.76 5.07
C ASP A 333 -41.39 11.85 5.45
N GLY A 334 -40.64 10.79 5.21
CA GLY A 334 -39.23 10.75 5.61
C GLY A 334 -38.99 10.28 7.03
N THR A 335 -40.04 9.86 7.74
CA THR A 335 -39.91 9.40 9.12
C THR A 335 -40.15 7.89 9.22
N ASP A 336 -40.43 7.24 8.10
CA ASP A 336 -40.80 5.83 8.13
C ASP A 336 -39.69 4.86 8.52
N ARG A 337 -40.10 3.69 8.98
CA ARG A 337 -39.24 2.53 9.26
C ARG A 337 -38.32 2.27 8.08
N TRP A 338 -37.05 2.02 8.37
CA TRP A 338 -36.02 1.88 7.35
C TRP A 338 -35.09 0.79 7.78
N LEU A 339 -35.11 -0.32 7.05
CA LEU A 339 -34.15 -1.39 7.29
C LEU A 339 -33.20 -1.54 6.12
N LYS A 340 -32.04 -2.12 6.41
CA LYS A 340 -31.10 -2.50 5.37
C LYS A 340 -30.99 -4.03 5.38
N ARG A 341 -30.79 -4.61 4.20
CA ARG A 341 -30.77 -6.05 4.08
C ARG A 341 -29.59 -6.52 3.25
N VAL A 342 -28.92 -7.56 3.76
CA VAL A 342 -27.80 -8.20 3.07
C VAL A 342 -28.02 -9.70 3.07
N CYS A 343 -27.86 -10.29 1.89
CA CYS A 343 -27.95 -11.74 1.73
C CYS A 343 -26.56 -12.35 1.79
N VAL A 344 -26.44 -13.48 2.47
CA VAL A 344 -25.15 -14.11 2.68
C VAL A 344 -25.09 -15.52 2.10
N THR A 345 -24.02 -15.81 1.35
CA THR A 345 -23.72 -17.18 0.89
C THR A 345 -22.48 -17.77 1.56
N SER A 346 -22.58 -19.03 1.99
CA SER A 346 -21.42 -19.74 2.50
C SER A 346 -20.46 -20.17 1.40
N ASP A 347 -20.90 -20.14 0.14
CA ASP A 347 -20.09 -20.66 -0.95
C ASP A 347 -20.42 -19.93 -2.25
N LEU A 348 -19.75 -18.80 -2.45
CA LEU A 348 -19.96 -18.00 -3.67
C LEU A 348 -19.69 -18.77 -4.97
N ARG A 349 -18.65 -19.60 -4.99
CA ARG A 349 -18.30 -20.31 -6.23
C ARG A 349 -19.34 -21.34 -6.69
N ARG A 350 -20.12 -21.85 -5.75
CA ARG A 350 -21.20 -22.78 -6.08
C ARG A 350 -22.18 -22.24 -7.14
N SER A 351 -22.45 -20.94 -7.10
CA SER A 351 -23.40 -20.31 -8.00
C SER A 351 -22.74 -19.80 -9.28
N ARG A 352 -21.50 -20.19 -9.55
CA ARG A 352 -20.76 -19.61 -10.67
C ARG A 352 -21.52 -19.67 -12.02
N GLU A 353 -22.24 -20.77 -12.25
CA GLU A 353 -22.99 -20.97 -13.49
C GLU A 353 -24.02 -19.87 -13.74
N MET A 354 -24.51 -19.22 -12.68
CA MET A 354 -25.52 -18.17 -12.80
C MET A 354 -24.98 -16.74 -12.66
N ARG A 355 -23.66 -16.60 -12.53
CA ARG A 355 -23.02 -15.30 -12.42
C ARG A 355 -22.29 -14.98 -13.71
N ALA A 356 -22.42 -13.74 -14.19
CA ALA A 356 -21.87 -13.34 -15.50
C ALA A 356 -20.34 -13.40 -15.58
N THR A 357 -19.67 -13.18 -14.45
CA THR A 357 -18.22 -13.29 -14.34
C THR A 357 -17.87 -14.00 -13.03
N SER A 358 -16.60 -14.36 -12.88
CA SER A 358 -16.09 -14.84 -11.62
C SER A 358 -16.12 -13.79 -10.51
N ALA A 359 -15.86 -12.53 -10.85
CA ALA A 359 -15.79 -11.47 -9.83
C ALA A 359 -17.14 -11.00 -9.31
N THR A 360 -18.17 -11.04 -10.16
CA THR A 360 -19.46 -10.49 -9.77
C THR A 360 -20.11 -11.30 -8.67
N ARG A 361 -20.78 -10.62 -7.74
CA ARG A 361 -21.48 -11.28 -6.65
C ARG A 361 -22.98 -11.35 -6.91
N LEU A 362 -23.38 -10.99 -8.13
CA LEU A 362 -24.80 -10.96 -8.50
C LEU A 362 -25.21 -12.14 -9.37
N LEU A 363 -26.28 -12.83 -8.97
CA LEU A 363 -26.83 -13.92 -9.78
C LEU A 363 -27.85 -13.36 -10.75
N GLY A 364 -27.79 -13.86 -11.99
CA GLY A 364 -28.77 -13.52 -13.03
C GLY A 364 -28.15 -12.89 -14.26
N THR B 29 1.80 -17.98 -12.79
CA THR B 29 1.05 -18.17 -11.52
C THR B 29 1.58 -17.22 -10.44
N PRO B 30 0.72 -16.31 -9.95
CA PRO B 30 1.06 -15.41 -8.85
C PRO B 30 1.58 -16.16 -7.64
N SER B 31 2.51 -15.54 -6.93
CA SER B 31 3.04 -16.10 -5.70
C SER B 31 3.45 -14.92 -4.82
N TYR B 32 3.63 -15.19 -3.54
CA TYR B 32 3.95 -14.16 -2.58
C TYR B 32 5.24 -14.56 -1.87
N SER B 33 6.23 -13.68 -1.90
CA SER B 33 7.48 -13.91 -1.18
C SER B 33 7.56 -13.05 0.06
N LEU B 34 7.59 -13.69 1.21
CA LEU B 34 7.62 -13.03 2.51
C LEU B 34 8.94 -12.31 2.73
N THR B 35 8.89 -11.12 3.31
CA THR B 35 10.11 -10.48 3.76
C THR B 35 10.57 -11.22 5.00
N PRO B 36 11.84 -11.00 5.43
CA PRO B 36 12.25 -11.54 6.71
C PRO B 36 11.37 -11.05 7.86
N ALA B 37 10.96 -9.79 7.80
CA ALA B 37 10.07 -9.21 8.82
C ALA B 37 8.75 -9.95 8.87
N GLU B 38 8.17 -10.22 7.70
CA GLU B 38 6.91 -10.96 7.62
C GLU B 38 7.14 -12.39 8.12
N ALA B 39 8.21 -13.02 7.65
CA ALA B 39 8.53 -14.39 8.08
C ALA B 39 8.70 -14.49 9.60
N SER B 40 9.36 -13.49 10.20
CA SER B 40 9.53 -13.46 11.65
C SER B 40 8.20 -13.25 12.39
N ALA B 41 7.36 -12.35 11.88
CA ALA B 41 6.04 -12.12 12.47
C ALA B 41 5.19 -13.40 12.49
N VAL B 42 5.15 -14.10 11.37
CA VAL B 42 4.41 -15.35 11.24
C VAL B 42 4.96 -16.43 12.20
N ALA B 43 6.27 -16.59 12.22
CA ALA B 43 6.90 -17.55 13.11
C ALA B 43 6.52 -17.25 14.57
N GLU B 44 6.68 -15.99 14.97
CA GLU B 44 6.32 -15.54 16.34
C GLU B 44 4.85 -15.81 16.66
N LEU B 45 3.97 -15.45 15.73
CA LEU B 45 2.54 -15.73 15.91
C LEU B 45 2.28 -17.23 16.13
N THR B 46 2.85 -18.08 15.28
CA THR B 46 2.58 -19.51 15.39
C THR B 46 3.12 -20.09 16.70
N LEU B 47 4.29 -19.63 17.14
CA LEU B 47 4.82 -20.06 18.43
C LEU B 47 3.92 -19.63 19.57
N GLU B 48 3.42 -18.40 19.51
CA GLU B 48 2.51 -17.86 20.53
C GLU B 48 1.23 -18.70 20.63
N LEU B 49 0.62 -18.97 19.48
CA LEU B 49 -0.62 -19.74 19.45
C LEU B 49 -0.40 -21.16 19.95
N ALA B 50 0.72 -21.78 19.56
CA ALA B 50 1.05 -23.13 19.99
C ALA B 50 1.15 -23.27 21.51
N ALA B 51 1.59 -22.20 22.17
CA ALA B 51 1.68 -22.17 23.63
C ALA B 51 0.33 -21.86 24.26
N ALA B 52 -0.49 -21.07 23.56
CA ALA B 52 -1.78 -20.64 24.11
C ALA B 52 -2.87 -21.72 24.04
N TYR B 53 -2.82 -22.58 23.04
CA TYR B 53 -3.81 -23.64 22.83
C TYR B 53 -3.16 -25.03 22.94
N GLY B 54 -3.91 -26.02 23.42
CA GLY B 54 -3.35 -27.35 23.70
C GLY B 54 -3.16 -28.23 22.48
N SER B 55 -4.14 -28.19 21.58
CA SER B 55 -4.16 -29.00 20.38
C SER B 55 -5.32 -28.51 19.50
N PHE B 56 -5.48 -29.11 18.33
CA PHE B 56 -6.69 -28.90 17.53
C PHE B 56 -7.90 -29.59 18.14
N GLY B 57 -7.67 -30.37 19.20
CA GLY B 57 -8.74 -30.97 19.99
C GLY B 57 -9.45 -29.91 20.82
N ASP B 58 -8.77 -28.78 21.00
CA ASP B 58 -9.33 -27.62 21.68
C ASP B 58 -10.37 -26.93 20.78
N PRO B 59 -11.66 -27.00 21.17
CA PRO B 59 -12.71 -26.38 20.35
C PRO B 59 -12.59 -24.86 20.28
N VAL B 60 -11.97 -24.25 21.28
CA VAL B 60 -11.84 -22.78 21.30
C VAL B 60 -10.81 -22.29 20.26
N LEU B 61 -9.78 -23.09 19.98
CA LEU B 61 -8.87 -22.77 18.88
C LEU B 61 -9.62 -22.75 17.55
N LEU B 62 -10.39 -23.81 17.31
CA LEU B 62 -11.19 -23.93 16.09
C LEU B 62 -12.17 -22.77 15.93
N ARG B 63 -12.76 -22.31 17.04
CA ARG B 63 -13.60 -21.11 17.00
C ARG B 63 -12.79 -19.86 16.59
N ASP B 64 -11.64 -19.67 17.23
CA ASP B 64 -10.83 -18.45 17.11
C ASP B 64 -10.05 -18.32 15.82
N LEU B 65 -9.98 -19.41 15.05
CA LEU B 65 -9.14 -19.48 13.87
C LEU B 65 -9.24 -18.24 12.94
N PRO B 66 -10.46 -17.86 12.49
CA PRO B 66 -10.52 -16.68 11.59
C PRO B 66 -10.03 -15.38 12.23
N ARG B 67 -10.36 -15.16 13.48
CA ARG B 67 -9.89 -13.96 14.17
C ARG B 67 -8.35 -13.99 14.34
N LEU B 68 -7.81 -15.15 14.71
CA LEU B 68 -6.37 -15.34 14.84
C LEU B 68 -5.63 -15.17 13.51
N ALA B 69 -6.26 -15.63 12.43
CA ALA B 69 -5.68 -15.52 11.09
C ALA B 69 -5.56 -14.05 10.67
N ALA B 70 -6.44 -13.20 11.20
CA ALA B 70 -6.37 -11.76 10.96
C ALA B 70 -5.18 -11.10 11.66
N ARG B 71 -4.45 -11.86 12.47
CA ARG B 71 -3.21 -11.37 13.08
C ARG B 71 -1.99 -11.64 12.20
N LEU B 72 -2.18 -12.37 11.09
CA LEU B 72 -1.11 -12.60 10.13
C LEU B 72 -0.77 -11.28 9.44
N PRO B 73 0.40 -11.18 8.79
CA PRO B 73 0.75 -9.95 8.08
C PRO B 73 -0.33 -9.59 7.05
N GLU B 74 -0.66 -8.31 6.95
CA GLU B 74 -1.77 -7.89 6.10
C GLU B 74 -1.57 -8.21 4.62
N GLY B 75 -0.31 -8.17 4.16
CA GLY B 75 0.02 -8.48 2.76
C GLY B 75 -0.32 -9.92 2.43
N VAL B 76 -0.11 -10.80 3.41
CA VAL B 76 -0.39 -12.23 3.27
C VAL B 76 -1.90 -12.46 3.20
N GLN B 77 -2.65 -11.84 4.12
CA GLN B 77 -4.11 -11.90 4.09
C GLN B 77 -4.68 -11.42 2.76
N ASP B 78 -4.21 -10.26 2.30
CA ASP B 78 -4.71 -9.65 1.06
C ASP B 78 -4.43 -10.56 -0.14
N PHE B 79 -3.24 -11.17 -0.12
CA PHE B 79 -2.80 -12.01 -1.25
C PHE B 79 -3.67 -13.24 -1.41
N LEU B 80 -3.93 -13.93 -0.29
CA LEU B 80 -4.76 -15.11 -0.31
C LEU B 80 -6.21 -14.78 -0.65
N ARG B 81 -6.69 -13.65 -0.12
CA ARG B 81 -8.03 -13.17 -0.44
C ARG B 81 -8.19 -12.92 -1.93
N GLU B 82 -7.16 -12.31 -2.54
CA GLU B 82 -7.20 -12.03 -3.97
C GLU B 82 -7.22 -13.32 -4.79
N PHE B 83 -6.43 -14.30 -4.37
CA PHE B 83 -6.45 -15.63 -5.00
C PHE B 83 -7.86 -16.25 -4.90
N LYS B 84 -8.43 -16.24 -3.70
CA LYS B 84 -9.74 -16.84 -3.47
C LYS B 84 -10.82 -16.20 -4.33
N LEU B 85 -10.84 -14.87 -4.35
CA LEU B 85 -11.87 -14.13 -5.08
C LEU B 85 -11.63 -14.07 -6.58
N ALA B 86 -10.37 -14.08 -7.00
CA ALA B 86 -10.06 -14.02 -8.44
C ALA B 86 -10.66 -15.23 -9.14
N ASP B 87 -10.66 -16.37 -8.44
CA ASP B 87 -11.21 -17.61 -8.96
C ASP B 87 -10.70 -17.82 -10.40
N ARG B 88 -9.38 -17.68 -10.57
CA ARG B 88 -8.74 -17.69 -11.88
C ARG B 88 -7.62 -18.73 -11.98
N HIS B 89 -6.75 -18.76 -10.98
CA HIS B 89 -5.59 -19.65 -10.98
C HIS B 89 -5.84 -20.92 -10.22
N GLY B 90 -5.31 -22.02 -10.72
CA GLY B 90 -5.48 -23.33 -10.10
C GLY B 90 -4.64 -23.58 -8.86
N HIS B 91 -3.59 -22.77 -8.67
CA HIS B 91 -2.75 -22.85 -7.47
C HIS B 91 -2.01 -21.55 -7.22
N THR B 92 -1.49 -21.41 -6.00
CA THR B 92 -0.57 -20.30 -5.70
C THR B 92 0.34 -20.76 -4.57
N VAL B 93 1.44 -20.02 -4.35
CA VAL B 93 2.42 -20.40 -3.34
C VAL B 93 2.77 -19.18 -2.49
N ILE B 94 2.83 -19.36 -1.18
CA ILE B 94 3.46 -18.35 -0.32
C ILE B 94 4.82 -18.88 0.13
N ARG B 95 5.87 -18.17 -0.27
CA ARG B 95 7.25 -18.62 -0.09
C ARG B 95 7.99 -17.86 0.99
N GLY B 96 8.99 -18.51 1.59
CA GLY B 96 9.89 -17.84 2.52
C GLY B 96 9.50 -17.86 4.00
N HIS B 97 8.69 -18.81 4.42
CA HIS B 97 8.40 -18.97 5.84
C HIS B 97 9.65 -19.41 6.54
N ASP B 98 9.71 -19.16 7.85
CA ASP B 98 10.80 -19.61 8.69
C ASP B 98 10.32 -20.81 9.47
N PHE B 99 10.72 -22.00 9.02
CA PHE B 99 10.32 -23.25 9.68
C PHE B 99 11.57 -23.79 10.38
N ASP B 100 11.57 -23.67 11.70
CA ASP B 100 12.74 -23.93 12.52
C ASP B 100 13.04 -25.42 12.51
N GLN B 101 14.05 -25.81 11.73
CA GLN B 101 14.38 -27.22 11.49
C GLN B 101 14.82 -27.96 12.75
N ARG B 102 15.52 -27.26 13.64
CA ARG B 102 15.93 -27.81 14.93
C ARG B 102 14.71 -28.12 15.79
N ARG B 103 13.81 -27.15 15.92
CA ARG B 103 12.57 -27.35 16.70
C ARG B 103 11.66 -28.41 16.07
N ILE B 104 11.52 -28.38 14.74
CA ILE B 104 10.64 -29.35 14.08
C ILE B 104 11.13 -30.76 14.35
N GLY B 105 12.44 -30.93 14.36
CA GLY B 105 13.06 -32.22 14.68
C GLY B 105 12.99 -33.19 13.51
N PRO B 106 13.43 -34.44 13.72
CA PRO B 106 13.55 -35.44 12.65
C PRO B 106 12.20 -35.85 12.04
N THR B 107 12.19 -36.05 10.73
CA THR B 107 11.03 -36.59 10.00
C THR B 107 10.67 -37.94 10.59
N PRO B 108 9.44 -38.08 11.12
CA PRO B 108 9.03 -39.32 11.79
C PRO B 108 8.95 -40.52 10.85
N ASP B 109 8.98 -41.73 11.41
CA ASP B 109 8.90 -42.98 10.65
C ASP B 109 7.49 -43.24 10.14
N HIS B 110 6.49 -42.84 10.93
CA HIS B 110 5.09 -43.06 10.60
C HIS B 110 4.21 -42.06 11.31
N TRP B 111 2.99 -41.87 10.81
CA TRP B 111 1.98 -41.06 11.49
C TRP B 111 1.25 -41.79 12.60
N ARG B 112 1.01 -43.09 12.43
CA ARG B 112 0.14 -43.81 13.36
C ARG B 112 0.79 -44.10 14.69
N GLY B 113 0.03 -43.86 15.76
CA GLY B 113 0.52 -44.01 17.13
C GLY B 113 1.32 -42.81 17.62
N ARG B 114 1.73 -41.95 16.70
CA ARG B 114 2.53 -40.78 17.05
C ARG B 114 1.70 -39.77 17.86
N VAL B 115 2.24 -39.36 19.01
CA VAL B 115 1.61 -38.36 19.87
C VAL B 115 1.39 -37.04 19.12
N ARG B 116 0.19 -36.49 19.23
CA ARG B 116 -0.18 -35.20 18.64
C ARG B 116 -0.72 -34.26 19.71
N PRO B 117 -0.26 -32.98 19.71
CA PRO B 117 0.63 -32.37 18.74
C PRO B 117 2.12 -32.63 19.02
N GLY B 118 2.92 -32.65 17.96
CA GLY B 118 4.37 -32.76 18.06
C GLY B 118 5.05 -31.40 18.11
N PRO B 119 6.39 -31.38 18.00
CA PRO B 119 7.11 -30.12 18.05
C PRO B 119 6.80 -29.20 16.86
N GLU B 120 6.27 -29.77 15.78
CA GLU B 120 5.94 -29.03 14.55
C GLU B 120 4.52 -28.42 14.58
N PHE B 121 3.89 -28.47 15.75
CA PHE B 121 2.60 -27.82 16.02
C PHE B 121 2.46 -26.40 15.46
N PRO B 122 3.46 -25.52 15.68
CA PRO B 122 3.33 -24.16 15.14
C PRO B 122 3.09 -24.12 13.62
N GLU B 123 3.71 -25.03 12.88
CA GLU B 123 3.57 -25.09 11.44
C GLU B 123 2.18 -25.60 11.05
N GLU B 124 1.68 -26.59 11.80
CA GLU B 124 0.32 -27.10 11.62
C GLU B 124 -0.69 -25.99 11.89
N LEU B 125 -0.47 -25.24 12.97
CA LEU B 125 -1.32 -24.08 13.28
C LEU B 125 -1.32 -23.04 12.17
N LEU B 126 -0.16 -22.81 11.55
CA LEU B 126 -0.08 -21.90 10.40
C LEU B 126 -1.03 -22.30 9.28
N LEU B 127 -0.96 -23.58 8.89
CA LEU B 127 -1.81 -24.07 7.82
C LEU B 127 -3.28 -23.97 8.19
N MET B 128 -3.58 -24.14 9.47
CA MET B 128 -4.96 -24.00 9.96
C MET B 128 -5.42 -22.55 9.89
N LEU B 129 -4.55 -21.62 10.28
CA LEU B 129 -4.82 -20.20 10.05
C LEU B 129 -5.12 -19.91 8.58
N TYR B 130 -4.25 -20.41 7.70
CA TYR B 130 -4.46 -20.24 6.25
C TYR B 130 -5.80 -20.82 5.79
N SER B 131 -6.16 -21.98 6.36
CA SER B 131 -7.40 -22.64 6.01
C SER B 131 -8.63 -21.80 6.40
N ALA B 132 -8.52 -21.06 7.49
CA ALA B 132 -9.60 -20.18 7.97
C ALA B 132 -9.78 -18.93 7.10
N LEU B 133 -8.70 -18.49 6.44
CA LEU B 133 -8.81 -17.39 5.47
C LEU B 133 -9.51 -17.83 4.20
N LEU B 134 -9.34 -19.11 3.86
CA LEU B 134 -9.96 -19.65 2.67
C LEU B 134 -11.36 -20.18 2.87
N GLY B 135 -11.63 -20.78 4.03
CA GLY B 135 -12.91 -21.41 4.30
C GLY B 135 -12.88 -22.01 5.68
N GLU B 136 -13.15 -23.32 5.77
CA GLU B 136 -13.10 -24.07 7.03
C GLU B 136 -12.22 -25.29 6.84
N PRO B 137 -11.34 -25.56 7.82
CA PRO B 137 -10.64 -26.84 7.79
C PRO B 137 -11.59 -28.01 8.12
N PHE B 138 -11.46 -29.11 7.38
CA PHE B 138 -12.21 -30.33 7.66
C PHE B 138 -11.31 -31.53 7.32
N GLY B 139 -11.78 -32.73 7.72
CA GLY B 139 -11.03 -33.94 7.42
C GLY B 139 -11.93 -35.15 7.24
N TRP B 140 -11.29 -36.30 7.10
CA TRP B 140 -11.97 -37.59 6.93
C TRP B 140 -11.69 -38.46 8.10
N ALA B 141 -12.74 -38.86 8.82
CA ALA B 141 -12.62 -39.70 10.01
C ALA B 141 -11.80 -40.98 9.78
N THR B 142 -11.83 -41.52 8.58
CA THR B 142 -11.10 -42.77 8.25
C THR B 142 -9.72 -42.52 7.63
N GLN B 143 -9.30 -41.26 7.57
CA GLN B 143 -7.98 -40.94 7.06
C GLN B 143 -7.08 -40.40 8.19
N GLN B 144 -5.89 -40.99 8.29
CA GLN B 144 -4.90 -40.67 9.34
C GLN B 144 -5.47 -40.40 10.74
N ASP B 145 -6.26 -41.35 11.24
CA ASP B 145 -6.86 -41.27 12.59
C ASP B 145 -7.76 -40.05 12.80
N GLY B 146 -8.28 -39.50 11.70
CA GLY B 146 -9.18 -38.35 11.78
C GLY B 146 -8.50 -37.06 12.17
N HIS B 147 -7.18 -36.98 11.99
CA HIS B 147 -6.46 -35.74 12.28
C HIS B 147 -6.76 -34.71 11.22
N LEU B 148 -6.99 -33.47 11.66
CA LEU B 148 -7.27 -32.37 10.72
C LEU B 148 -6.07 -31.99 9.87
N VAL B 149 -4.86 -32.20 10.37
CA VAL B 149 -3.67 -31.97 9.58
C VAL B 149 -3.01 -33.32 9.28
N HIS B 150 -2.87 -33.62 7.99
CA HIS B 150 -2.27 -34.86 7.51
C HIS B 150 -0.77 -34.76 7.38
N ASP B 151 -0.10 -35.89 7.49
CA ASP B 151 1.35 -35.96 7.27
C ASP B 151 1.67 -36.57 5.92
N ILE B 152 2.62 -35.97 5.21
CA ILE B 152 3.09 -36.54 3.96
C ILE B 152 4.61 -36.70 4.03
N PHE B 153 5.05 -37.89 4.45
CA PHE B 153 6.47 -38.23 4.48
C PHE B 153 6.71 -39.71 4.10
N PRO B 154 7.93 -40.06 3.66
CA PRO B 154 8.16 -41.44 3.23
C PRO B 154 7.95 -42.43 4.36
N ILE B 155 7.21 -43.51 4.08
CA ILE B 155 6.98 -44.57 5.06
C ILE B 155 7.62 -45.88 4.59
N ARG B 156 8.54 -46.40 5.42
CA ARG B 156 9.36 -47.58 5.14
C ARG B 156 8.71 -48.74 4.37
N SER B 157 7.46 -49.08 4.72
CA SER B 157 6.72 -50.21 4.13
C SER B 157 6.89 -50.39 2.61
N HIS B 158 7.19 -49.29 1.92
CA HIS B 158 7.22 -49.27 0.45
C HIS B 158 8.61 -49.12 -0.11
N LYS B 168 8.00 -50.35 -10.30
CA LYS B 168 7.39 -49.60 -11.40
C LYS B 168 6.32 -48.65 -10.86
N GLN B 169 6.70 -47.39 -10.66
CA GLN B 169 5.80 -46.39 -10.10
C GLN B 169 5.13 -45.62 -11.21
N LEU B 170 3.82 -45.82 -11.37
CA LEU B 170 3.03 -45.07 -12.36
C LEU B 170 2.74 -43.65 -11.85
N LEU B 171 2.77 -42.70 -12.76
CA LEU B 171 2.56 -41.30 -12.41
C LEU B 171 1.11 -40.92 -12.68
N THR B 172 0.38 -40.59 -11.62
CA THR B 172 -1.04 -40.27 -11.74
C THR B 172 -1.34 -38.85 -11.20
N TRP B 173 -2.48 -38.32 -11.62
CA TRP B 173 -2.99 -37.06 -11.07
C TRP B 173 -4.49 -37.12 -10.95
N HIS B 174 -5.04 -36.29 -10.07
CA HIS B 174 -6.48 -36.24 -9.86
C HIS B 174 -6.94 -35.01 -9.15
N THR B 175 -8.25 -34.79 -9.23
CA THR B 175 -8.98 -33.93 -8.31
C THR B 175 -9.10 -34.71 -7.01
N GLU B 176 -8.93 -34.05 -5.88
CA GLU B 176 -9.08 -34.72 -4.59
C GLU B 176 -10.54 -35.14 -4.40
N ASP B 177 -10.75 -36.42 -4.09
CA ASP B 177 -12.07 -37.01 -3.84
C ASP B 177 -13.13 -36.65 -4.89
N ALA B 178 -12.75 -36.78 -6.17
CA ALA B 178 -13.57 -36.28 -7.28
C ALA B 178 -15.02 -36.77 -7.24
N PHE B 179 -15.23 -38.00 -6.76
CA PHE B 179 -16.54 -38.64 -6.67
C PHE B 179 -17.49 -37.96 -5.67
N HIS B 180 -16.90 -37.37 -4.64
CA HIS B 180 -17.63 -36.99 -3.43
C HIS B 180 -18.26 -35.60 -3.54
N PRO B 181 -19.56 -35.47 -3.18
CA PRO B 181 -20.21 -34.17 -3.33
C PRO B 181 -19.65 -33.10 -2.37
N TYR B 182 -19.02 -33.56 -1.29
CA TYR B 182 -18.48 -32.66 -0.27
C TYR B 182 -16.96 -32.66 -0.25
N ARG B 183 -16.36 -33.04 -1.39
CA ARG B 183 -14.90 -32.97 -1.54
C ARG B 183 -14.35 -31.57 -1.23
N SER B 184 -13.07 -31.53 -0.90
CA SER B 184 -12.33 -30.30 -0.66
C SER B 184 -12.55 -29.26 -1.74
N ASP B 185 -12.68 -28.02 -1.30
CA ASP B 185 -12.68 -26.90 -2.20
C ASP B 185 -11.25 -26.42 -2.46
N TYR B 186 -10.40 -26.42 -1.43
CA TYR B 186 -8.98 -26.12 -1.60
C TYR B 186 -8.15 -27.12 -0.84
N LEU B 187 -6.89 -27.25 -1.26
CA LEU B 187 -5.91 -28.01 -0.48
C LEU B 187 -4.72 -27.12 -0.14
N ILE B 188 -4.20 -27.29 1.06
CA ILE B 188 -3.06 -26.52 1.55
C ILE B 188 -1.92 -27.49 1.90
N LEU B 189 -0.80 -27.32 1.24
CA LEU B 189 0.37 -28.16 1.45
C LEU B 189 1.53 -27.32 1.93
N GLY B 190 1.94 -27.54 3.19
CA GLY B 190 3.08 -26.84 3.76
C GLY B 190 4.32 -27.71 3.74
N ALA B 191 5.38 -27.23 3.10
CA ALA B 191 6.61 -28.02 3.02
C ALA B 191 7.49 -27.72 4.23
N LEU B 192 7.43 -28.62 5.23
CA LEU B 192 8.31 -28.49 6.40
C LEU B 192 9.77 -28.74 6.02
N ARG B 193 10.00 -29.74 5.16
CA ARG B 193 11.32 -29.97 4.57
C ARG B 193 11.25 -30.68 3.23
N ASN B 194 12.23 -30.44 2.37
CA ASN B 194 12.27 -31.00 1.02
C ASN B 194 13.70 -30.97 0.48
N PRO B 195 14.61 -31.74 1.10
CA PRO B 195 16.05 -31.61 0.81
C PRO B 195 16.46 -31.85 -0.66
N ASP B 196 15.76 -32.75 -1.34
CA ASP B 196 16.07 -33.03 -2.74
C ASP B 196 15.17 -32.28 -3.75
N HIS B 197 14.39 -31.33 -3.24
CA HIS B 197 13.54 -30.48 -4.10
C HIS B 197 12.60 -31.26 -4.97
N VAL B 198 11.93 -32.23 -4.38
CA VAL B 198 10.96 -33.06 -5.10
C VAL B 198 9.67 -32.29 -5.34
N PRO B 199 9.31 -32.06 -6.61
CA PRO B 199 8.14 -31.26 -6.97
C PRO B 199 6.82 -32.00 -6.74
N THR B 200 5.72 -31.24 -6.79
CA THR B 200 4.37 -31.75 -6.87
C THR B 200 3.89 -31.45 -8.30
N THR B 201 3.07 -32.32 -8.88
CA THR B 201 2.49 -32.02 -10.18
C THR B 201 1.18 -31.27 -10.00
N VAL B 202 0.97 -30.24 -10.83
CA VAL B 202 -0.30 -29.50 -10.83
C VAL B 202 -0.74 -29.23 -12.26
N GLY B 203 -2.01 -29.50 -12.56
CA GLY B 203 -2.52 -29.27 -13.90
C GLY B 203 -3.84 -28.53 -13.91
N GLU B 204 -3.96 -27.58 -14.83
CA GLU B 204 -5.17 -26.79 -15.00
C GLU B 204 -5.84 -27.14 -16.34
N LEU B 205 -7.01 -26.53 -16.60
CA LEU B 205 -7.72 -26.76 -17.85
C LEU B 205 -7.53 -25.62 -18.85
N ASP B 206 -6.88 -25.91 -19.97
CA ASP B 206 -6.82 -25.00 -21.09
C ASP B 206 -7.99 -25.31 -22.02
N LEU B 207 -8.97 -24.42 -22.05
CA LEU B 207 -10.19 -24.64 -22.85
C LEU B 207 -10.00 -24.57 -24.36
N SER B 208 -9.08 -23.73 -24.81
CA SER B 208 -8.93 -23.42 -26.23
C SER B 208 -8.62 -24.65 -27.08
N SER B 209 -8.28 -25.74 -26.42
CA SER B 209 -7.91 -26.98 -27.08
C SER B 209 -9.14 -27.87 -27.33
N LEU B 210 -10.23 -27.56 -26.63
CA LEU B 210 -11.45 -28.38 -26.69
C LEU B 210 -12.53 -27.74 -27.57
N SER B 211 -13.30 -28.59 -28.24
CA SER B 211 -14.43 -28.14 -29.05
C SER B 211 -15.60 -27.78 -28.15
N ALA B 212 -16.44 -26.84 -28.61
CA ALA B 212 -17.66 -26.48 -27.89
C ALA B 212 -18.57 -27.69 -27.72
N GLU B 213 -18.55 -28.57 -28.72
CA GLU B 213 -19.29 -29.83 -28.68
C GLU B 213 -18.85 -30.71 -27.50
N ASP B 214 -17.55 -30.90 -27.34
CA ASP B 214 -17.03 -31.74 -26.27
C ASP B 214 -17.33 -31.14 -24.90
N ILE B 215 -17.16 -29.82 -24.80
CA ILE B 215 -17.44 -29.12 -23.55
C ILE B 215 -18.89 -29.34 -23.12
N ASP B 216 -19.83 -29.20 -24.06
CA ASP B 216 -21.25 -29.40 -23.75
C ASP B 216 -21.53 -30.79 -23.19
N VAL B 217 -20.92 -31.81 -23.80
CA VAL B 217 -21.09 -33.20 -23.36
C VAL B 217 -20.51 -33.41 -21.95
N LEU B 218 -19.40 -32.75 -21.67
CA LEU B 218 -18.72 -32.91 -20.37
C LEU B 218 -19.49 -32.25 -19.24
N PHE B 219 -20.28 -31.23 -19.60
CA PHE B 219 -21.17 -30.55 -18.67
C PHE B 219 -22.40 -31.38 -18.26
N GLU B 220 -22.64 -32.48 -18.98
CA GLU B 220 -23.84 -33.30 -18.78
C GLU B 220 -23.57 -34.51 -17.89
N PRO B 221 -24.59 -35.00 -17.16
CA PRO B 221 -24.36 -36.08 -16.19
C PRO B 221 -24.29 -37.45 -16.88
N ARG B 222 -23.11 -37.78 -17.39
CA ARG B 222 -22.95 -38.98 -18.23
C ARG B 222 -21.76 -39.84 -17.79
N TYR B 223 -21.12 -39.46 -16.69
CA TYR B 223 -19.89 -40.09 -16.24
C TYR B 223 -20.02 -40.69 -14.85
N HIS B 224 -19.40 -41.84 -14.66
CA HIS B 224 -19.30 -42.45 -13.33
C HIS B 224 -17.94 -42.21 -12.75
N ILE B 225 -17.92 -41.74 -11.51
CA ILE B 225 -16.67 -41.63 -10.76
C ILE B 225 -16.81 -42.43 -9.48
N ALA B 226 -15.93 -43.41 -9.32
CA ALA B 226 -15.99 -44.33 -8.19
C ALA B 226 -15.12 -43.81 -7.04
N PRO B 227 -15.43 -44.21 -5.78
CA PRO B 227 -14.69 -43.76 -4.59
C PRO B 227 -13.28 -44.32 -4.45
N ASP B 228 -12.47 -43.67 -3.62
CA ASP B 228 -11.09 -44.07 -3.36
C ASP B 228 -11.02 -45.22 -2.35
N GLU B 229 -9.91 -45.28 -1.60
CA GLU B 229 -9.72 -46.28 -0.54
C GLU B 229 -10.79 -46.21 0.56
N SER B 230 -10.94 -47.34 1.28
CA SER B 230 -11.95 -47.49 2.34
C SER B 230 -11.97 -46.33 3.33
N ALA B 245 -15.23 -46.54 16.61
CA ALA B 245 -16.56 -46.10 16.20
C ALA B 245 -17.49 -47.29 15.93
N ARG B 246 -18.76 -47.13 16.29
CA ARG B 246 -19.78 -48.16 16.06
C ARG B 246 -21.06 -47.50 15.53
N PHE B 247 -21.43 -46.38 16.15
CA PHE B 247 -22.68 -45.67 15.89
C PHE B 247 -22.47 -44.57 14.84
N ALA B 248 -23.51 -43.81 14.47
CA ALA B 248 -24.89 -43.97 14.96
C ALA B 248 -25.69 -44.90 14.04
N THR B 249 -25.76 -44.55 12.77
CA THR B 249 -26.23 -45.46 11.74
C THR B 249 -24.99 -45.89 10.95
N ILE B 250 -24.53 -47.11 11.24
CA ILE B 250 -23.19 -47.59 10.88
C ILE B 250 -22.63 -47.13 9.52
N GLN B 251 -21.43 -46.53 9.58
CA GLN B 251 -20.62 -46.22 8.40
C GLN B 251 -21.37 -45.69 7.18
N ARG B 252 -21.60 -46.59 6.22
CA ARG B 252 -22.17 -46.25 4.92
C ARG B 252 -23.60 -45.73 5.04
N MET B 253 -23.78 -44.45 4.73
CA MET B 253 -25.06 -43.76 4.88
C MET B 253 -25.61 -43.28 3.54
N ILE B 254 -25.12 -42.14 3.07
CA ILE B 254 -25.56 -41.56 1.81
C ILE B 254 -24.59 -42.03 0.73
N ASP B 255 -24.92 -43.16 0.11
CA ASP B 255 -23.96 -43.94 -0.66
C ASP B 255 -23.89 -43.54 -2.14
N GLU B 256 -23.75 -44.54 -3.01
CA GLU B 256 -23.64 -44.33 -4.45
C GLU B 256 -25.02 -44.13 -5.08
N ARG B 257 -25.11 -43.23 -6.04
CA ARG B 257 -26.36 -43.01 -6.77
C ARG B 257 -26.21 -42.77 -8.30
N PRO B 258 -26.18 -41.49 -8.76
CA PRO B 258 -26.37 -41.26 -10.19
C PRO B 258 -25.09 -41.06 -11.01
N LEU B 259 -25.25 -40.81 -12.31
CA LEU B 259 -24.16 -40.34 -13.17
C LEU B 259 -24.00 -38.84 -12.99
N GLY B 260 -22.80 -38.32 -13.22
CA GLY B 260 -22.51 -36.89 -13.02
C GLY B 260 -21.64 -36.27 -14.10
N PRO B 261 -21.53 -34.92 -14.12
CA PRO B 261 -20.69 -34.29 -15.11
C PRO B 261 -19.22 -34.26 -14.68
N LEU B 262 -18.33 -33.93 -15.61
CA LEU B 262 -16.91 -33.70 -15.29
C LEU B 262 -16.55 -32.23 -15.30
N LEU B 263 -17.30 -31.44 -16.06
CA LEU B 263 -17.12 -30.00 -16.12
C LEU B 263 -18.39 -29.34 -15.64
N TYR B 264 -18.25 -28.20 -14.97
CA TYR B 264 -19.38 -27.50 -14.33
C TYR B 264 -18.97 -26.03 -14.06
N GLY B 265 -19.88 -25.22 -13.50
CA GLY B 265 -19.60 -23.80 -13.30
C GLY B 265 -19.85 -23.05 -14.59
N SER B 266 -18.94 -22.15 -14.94
CA SER B 266 -19.07 -21.36 -16.16
C SER B 266 -18.72 -22.19 -17.39
N ARG B 267 -19.57 -22.15 -18.42
CA ARG B 267 -19.30 -22.82 -19.69
C ARG B 267 -18.04 -22.28 -20.36
N LEU B 268 -17.69 -21.04 -20.05
CA LEU B 268 -16.55 -20.36 -20.67
C LEU B 268 -15.23 -20.50 -19.90
N ASP B 269 -15.33 -20.84 -18.61
CA ASP B 269 -14.17 -21.05 -17.75
C ASP B 269 -14.58 -22.04 -16.67
N PRO B 270 -14.72 -23.33 -17.05
CA PRO B 270 -15.34 -24.32 -16.19
C PRO B 270 -14.48 -24.82 -15.06
N TYR B 271 -15.14 -25.28 -14.00
CA TYR B 271 -14.49 -26.07 -12.98
C TYR B 271 -14.46 -27.52 -13.46
N MET B 272 -13.61 -28.33 -12.84
CA MET B 272 -13.52 -29.74 -13.21
C MET B 272 -13.38 -30.67 -12.02
N ARG B 273 -13.87 -31.90 -12.18
CA ARG B 273 -13.62 -32.99 -11.24
C ARG B 273 -13.18 -34.20 -12.09
N LEU B 274 -11.91 -34.55 -11.96
CA LEU B 274 -11.28 -35.46 -12.89
C LEU B 274 -10.35 -36.36 -12.12
N ASP B 275 -10.70 -37.64 -12.04
CA ASP B 275 -9.87 -38.70 -11.47
C ASP B 275 -9.87 -39.87 -12.46
N PRO B 276 -8.90 -39.87 -13.40
CA PRO B 276 -8.95 -40.83 -14.51
C PRO B 276 -9.06 -42.30 -14.06
N TYR B 277 -8.34 -42.67 -13.02
CA TYR B 277 -8.34 -44.07 -12.57
C TYR B 277 -9.71 -44.58 -12.12
N PHE B 278 -10.54 -43.67 -11.60
CA PHE B 278 -11.83 -44.04 -11.05
C PHE B 278 -13.01 -43.57 -11.88
N THR B 279 -12.70 -43.08 -13.07
CA THR B 279 -13.70 -42.55 -13.99
C THR B 279 -14.00 -43.57 -15.08
N SER B 280 -15.29 -43.81 -15.30
CA SER B 280 -15.75 -44.70 -16.36
C SER B 280 -17.00 -44.12 -17.03
N VAL B 281 -17.18 -44.50 -18.29
CA VAL B 281 -18.24 -44.01 -19.13
C VAL B 281 -18.99 -45.23 -19.65
N PRO B 282 -20.33 -45.22 -19.56
CA PRO B 282 -21.12 -46.30 -20.18
C PRO B 282 -20.68 -46.55 -21.64
N GLN B 283 -20.40 -47.81 -21.96
CA GLN B 283 -19.94 -48.22 -23.30
C GLN B 283 -20.75 -47.60 -24.46
N ASP B 284 -22.08 -47.58 -24.33
CA ASP B 284 -22.96 -47.08 -25.40
C ASP B 284 -22.81 -45.59 -25.67
N ASP B 285 -22.35 -44.83 -24.67
CA ASP B 285 -22.28 -43.38 -24.80
C ASP B 285 -21.01 -42.96 -25.51
N THR B 286 -21.03 -42.99 -26.84
CA THR B 286 -19.79 -42.77 -27.60
C THR B 286 -19.36 -41.31 -27.60
N ASP B 287 -20.33 -40.39 -27.54
CA ASP B 287 -20.04 -38.96 -27.45
C ASP B 287 -19.31 -38.62 -26.16
N ALA B 288 -19.78 -39.18 -25.04
CA ALA B 288 -19.20 -38.91 -23.73
C ALA B 288 -17.81 -39.52 -23.62
N ARG B 289 -17.58 -40.58 -24.36
CA ARG B 289 -16.26 -41.23 -24.38
C ARG B 289 -15.25 -40.40 -25.15
N ARG B 290 -15.69 -39.89 -26.30
CA ARG B 290 -14.90 -39.00 -27.15
C ARG B 290 -14.50 -37.71 -26.42
N ALA B 291 -15.48 -37.09 -25.77
CA ALA B 291 -15.26 -35.85 -25.05
C ALA B 291 -14.33 -36.05 -23.86
N TYR B 292 -14.51 -37.18 -23.17
CA TYR B 292 -13.64 -37.51 -22.04
C TYR B 292 -12.19 -37.75 -22.46
N ASP B 293 -11.99 -38.55 -23.50
CA ASP B 293 -10.64 -38.73 -24.07
C ASP B 293 -9.98 -37.39 -24.35
N ALA B 294 -10.72 -36.46 -24.92
CA ALA B 294 -10.17 -35.15 -25.31
C ALA B 294 -9.81 -34.33 -24.07
N LEU B 295 -10.67 -34.39 -23.05
CA LEU B 295 -10.42 -33.70 -21.77
C LEU B 295 -9.16 -34.25 -21.08
N PHE B 296 -9.10 -35.57 -20.92
CA PHE B 296 -7.89 -36.21 -20.39
C PHE B 296 -6.63 -35.75 -21.12
N LYS B 297 -6.65 -35.75 -22.46
CA LYS B 297 -5.45 -35.40 -23.25
C LYS B 297 -4.96 -34.00 -22.96
N VAL B 298 -5.92 -33.07 -22.88
CA VAL B 298 -5.66 -31.66 -22.60
C VAL B 298 -5.07 -31.48 -21.20
N VAL B 299 -5.68 -32.12 -20.21
CA VAL B 299 -5.21 -31.99 -18.84
C VAL B 299 -3.86 -32.70 -18.65
N ASP B 300 -3.75 -33.92 -19.16
CA ASP B 300 -2.50 -34.66 -19.11
C ASP B 300 -1.35 -33.88 -19.72
N SER B 301 -1.55 -33.30 -20.90
CA SER B 301 -0.48 -32.60 -21.60
C SER B 301 -0.04 -31.28 -20.95
N GLY B 302 -0.92 -30.64 -20.19
CA GLY B 302 -0.61 -29.35 -19.53
C GLY B 302 -0.07 -29.45 -18.11
N MET B 303 0.04 -30.66 -17.57
CA MET B 303 0.58 -30.90 -16.23
C MET B 303 1.94 -30.21 -16.03
N ARG B 304 2.07 -29.52 -14.91
CA ARG B 304 3.32 -28.83 -14.56
C ARG B 304 3.91 -29.37 -13.26
N GLU B 305 5.22 -29.28 -13.11
CA GLU B 305 5.87 -29.59 -11.83
C GLU B 305 6.06 -28.29 -11.03
N VAL B 306 5.60 -28.31 -9.79
CA VAL B 306 5.64 -27.15 -8.89
C VAL B 306 6.45 -27.58 -7.67
N VAL B 307 7.53 -26.88 -7.34
CA VAL B 307 8.27 -27.33 -6.15
C VAL B 307 7.82 -26.54 -4.93
N ALA B 308 7.42 -27.28 -3.91
CA ALA B 308 7.21 -26.73 -2.60
C ALA B 308 8.47 -27.07 -1.79
N ASP B 309 9.43 -26.14 -1.75
CA ASP B 309 10.64 -26.31 -0.94
C ASP B 309 10.37 -25.94 0.53
N GLN B 310 11.34 -26.21 1.40
CA GLN B 310 11.22 -25.84 2.81
C GLN B 310 10.72 -24.39 2.95
N GLY B 311 9.65 -24.21 3.71
CA GLY B 311 9.15 -22.87 3.97
C GLY B 311 8.14 -22.36 2.97
N ASP B 312 7.82 -23.16 1.95
CA ASP B 312 6.76 -22.84 0.98
C ASP B 312 5.44 -23.43 1.42
N VAL B 313 4.38 -22.67 1.26
CA VAL B 313 3.03 -23.24 1.40
C VAL B 313 2.30 -23.15 0.06
N LEU B 314 1.96 -24.32 -0.48
CA LEU B 314 1.28 -24.40 -1.77
C LEU B 314 -0.23 -24.53 -1.54
N PHE B 315 -1.00 -23.74 -2.29
CA PHE B 315 -2.45 -23.73 -2.20
C PHE B 315 -3.01 -24.28 -3.52
N ILE B 316 -3.81 -25.32 -3.46
CA ILE B 316 -4.41 -25.88 -4.68
C ILE B 316 -5.92 -25.67 -4.67
N ASP B 317 -6.43 -25.09 -5.74
CA ASP B 317 -7.86 -24.95 -5.95
C ASP B 317 -8.34 -26.27 -6.55
N ASN B 318 -9.06 -27.05 -5.75
CA ASN B 318 -9.57 -28.37 -6.14
C ASN B 318 -10.65 -28.35 -7.24
N HIS B 319 -11.11 -27.16 -7.61
CA HIS B 319 -12.07 -27.02 -8.70
C HIS B 319 -11.43 -26.62 -10.00
N ARG B 320 -10.23 -26.05 -9.93
CA ARG B 320 -9.55 -25.59 -11.13
C ARG B 320 -8.27 -26.34 -11.45
N ALA B 321 -7.84 -27.20 -10.55
CA ALA B 321 -6.57 -27.91 -10.76
C ALA B 321 -6.63 -29.34 -10.29
N VAL B 322 -5.94 -30.19 -11.04
CA VAL B 322 -5.67 -31.55 -10.58
C VAL B 322 -4.26 -31.55 -10.00
N HIS B 323 -3.94 -32.53 -9.17
CA HIS B 323 -2.60 -32.64 -8.61
C HIS B 323 -2.16 -34.08 -8.57
N GLY B 324 -0.85 -34.27 -8.60
CA GLY B 324 -0.26 -35.59 -8.47
C GLY B 324 1.00 -35.55 -7.65
N ARG B 325 1.37 -36.70 -7.10
CA ARG B 325 2.62 -36.86 -6.39
C ARG B 325 3.65 -37.52 -7.31
N LEU B 326 4.92 -37.25 -7.07
CA LEU B 326 5.99 -37.79 -7.91
C LEU B 326 6.79 -38.76 -7.06
N PRO B 327 7.12 -39.94 -7.62
CA PRO B 327 7.96 -40.90 -6.92
C PRO B 327 9.34 -40.30 -6.68
N PHE B 328 9.93 -40.62 -5.53
CA PHE B 328 11.26 -40.15 -5.19
C PHE B 328 11.92 -41.15 -4.26
N GLN B 329 13.24 -41.26 -4.36
CA GLN B 329 14.01 -42.12 -3.47
C GLN B 329 14.17 -41.44 -2.11
N ALA B 330 13.68 -42.12 -1.07
CA ALA B 330 13.79 -41.65 0.31
C ALA B 330 15.04 -42.21 0.98
N ARG B 331 15.53 -41.51 2.00
CA ARG B 331 16.69 -41.96 2.78
C ARG B 331 16.27 -42.76 4.04
N TYR B 332 15.06 -42.49 4.51
CA TYR B 332 14.49 -43.10 5.72
C TYR B 332 15.38 -42.92 6.96
N ASP B 333 16.02 -41.75 7.07
CA ASP B 333 16.98 -41.47 8.13
C ASP B 333 16.58 -40.28 9.01
N GLY B 334 15.31 -39.88 8.94
CA GLY B 334 14.81 -38.72 9.69
C GLY B 334 15.02 -37.38 9.01
N THR B 335 15.64 -37.40 7.83
CA THR B 335 15.91 -36.17 7.11
C THR B 335 15.03 -36.04 5.84
N ASP B 336 14.07 -36.94 5.68
CA ASP B 336 13.27 -36.97 4.44
C ASP B 336 12.27 -35.83 4.33
N ARG B 337 11.97 -35.47 3.08
CA ARG B 337 10.85 -34.61 2.70
C ARG B 337 9.64 -34.81 3.63
N TRP B 338 9.05 -33.70 4.08
CA TRP B 338 7.93 -33.77 5.01
C TRP B 338 6.98 -32.67 4.71
N LEU B 339 5.80 -33.01 4.20
CA LEU B 339 4.76 -31.99 3.98
C LEU B 339 3.62 -32.18 4.95
N LYS B 340 2.91 -31.09 5.23
CA LYS B 340 1.66 -31.14 5.98
C LYS B 340 0.52 -30.74 5.05
N ARG B 341 -0.63 -31.37 5.23
CA ARG B 341 -1.78 -31.09 4.37
C ARG B 341 -3.04 -30.81 5.19
N VAL B 342 -3.75 -29.76 4.79
CA VAL B 342 -5.07 -29.44 5.35
C VAL B 342 -6.08 -29.33 4.19
N CYS B 343 -7.27 -29.88 4.41
CA CYS B 343 -8.36 -29.81 3.44
C CYS B 343 -9.31 -28.70 3.85
N VAL B 344 -9.79 -27.94 2.86
CA VAL B 344 -10.61 -26.76 3.12
C VAL B 344 -11.95 -26.90 2.42
N THR B 345 -13.04 -26.68 3.16
CA THR B 345 -14.37 -26.59 2.57
C THR B 345 -14.88 -25.17 2.67
N SER B 346 -15.48 -24.71 1.57
CA SER B 346 -16.13 -23.39 1.57
C SER B 346 -17.42 -23.41 2.38
N ASP B 347 -18.05 -24.57 2.55
CA ASP B 347 -19.35 -24.66 3.21
C ASP B 347 -19.45 -25.91 4.08
N LEU B 348 -19.02 -25.78 5.34
CA LEU B 348 -19.08 -26.90 6.28
C LEU B 348 -20.51 -27.46 6.49
N ARG B 349 -21.53 -26.59 6.51
CA ARG B 349 -22.88 -27.08 6.77
C ARG B 349 -23.42 -27.97 5.67
N ARG B 350 -22.91 -27.81 4.45
CA ARG B 350 -23.40 -28.59 3.32
C ARG B 350 -23.16 -30.10 3.50
N SER B 351 -22.11 -30.47 4.25
CA SER B 351 -21.81 -31.88 4.53
C SER B 351 -22.44 -32.45 5.82
N ARG B 352 -23.36 -31.72 6.44
CA ARG B 352 -23.90 -32.08 7.75
C ARG B 352 -24.39 -33.54 7.85
N GLU B 353 -25.01 -34.03 6.77
CA GLU B 353 -25.58 -35.39 6.79
C GLU B 353 -24.54 -36.51 6.95
N MET B 354 -23.28 -36.20 6.62
CA MET B 354 -22.19 -37.16 6.73
C MET B 354 -21.25 -36.85 7.88
N ARG B 355 -21.69 -35.98 8.79
CA ARG B 355 -20.93 -35.63 9.98
C ARG B 355 -21.71 -36.04 11.23
N ALA B 356 -21.03 -36.71 12.15
CA ALA B 356 -21.68 -37.33 13.32
C ALA B 356 -22.41 -36.35 14.23
N THR B 357 -21.86 -35.14 14.34
CA THR B 357 -22.46 -34.06 15.10
C THR B 357 -22.31 -32.75 14.31
N SER B 358 -22.94 -31.70 14.84
CA SER B 358 -22.84 -30.36 14.28
C SER B 358 -21.43 -29.80 14.41
N ALA B 359 -20.77 -30.07 15.54
CA ALA B 359 -19.45 -29.54 15.85
C ALA B 359 -18.30 -30.18 15.10
N THR B 360 -18.42 -31.48 14.81
CA THR B 360 -17.31 -32.21 14.18
C THR B 360 -17.00 -31.74 12.75
N ARG B 361 -15.71 -31.65 12.44
CA ARG B 361 -15.25 -31.28 11.09
C ARG B 361 -14.81 -32.52 10.31
N LEU B 362 -15.09 -33.71 10.86
CA LEU B 362 -14.73 -34.97 10.20
C LEU B 362 -15.89 -35.64 9.48
N LEU B 363 -15.70 -35.94 8.20
CA LEU B 363 -16.72 -36.63 7.43
C LEU B 363 -16.53 -38.14 7.58
N GLY B 364 -17.64 -38.85 7.78
CA GLY B 364 -17.65 -40.31 7.72
C GLY B 364 -17.79 -40.98 9.08
N THR C 29 38.84 6.44 5.93
CA THR C 29 37.74 7.42 6.12
C THR C 29 38.19 8.63 6.95
N PRO C 30 38.12 9.84 6.36
CA PRO C 30 38.46 11.04 7.12
C PRO C 30 37.65 11.22 8.42
N SER C 31 38.29 11.83 9.40
CA SER C 31 37.62 12.33 10.59
C SER C 31 38.35 13.60 11.03
N TYR C 32 37.79 14.27 12.01
CA TYR C 32 38.29 15.56 12.48
C TYR C 32 38.23 15.54 14.01
N SER C 33 39.29 16.03 14.66
CA SER C 33 39.35 16.06 16.11
C SER C 33 39.52 17.50 16.56
N LEU C 34 38.58 17.99 17.35
CA LEU C 34 38.62 19.38 17.84
C LEU C 34 39.76 19.54 18.84
N THR C 35 40.49 20.65 18.75
CA THR C 35 41.43 21.02 19.82
C THR C 35 40.60 21.37 21.09
N PRO C 36 41.23 21.34 22.29
CA PRO C 36 40.52 21.82 23.48
C PRO C 36 39.89 23.22 23.33
N ALA C 37 40.60 24.14 22.67
CA ALA C 37 40.06 25.49 22.44
C ALA C 37 38.82 25.48 21.53
N GLU C 38 38.83 24.64 20.50
CA GLU C 38 37.66 24.50 19.61
C GLU C 38 36.47 23.93 20.37
N ALA C 39 36.72 22.89 21.16
CA ALA C 39 35.68 22.27 21.98
C ALA C 39 35.07 23.25 22.97
N SER C 40 35.90 24.09 23.61
CA SER C 40 35.37 25.11 24.54
C SER C 40 34.49 26.12 23.82
N ALA C 41 34.99 26.59 22.68
CA ALA C 41 34.28 27.56 21.86
C ALA C 41 32.92 27.03 21.39
N VAL C 42 32.88 25.76 20.98
CA VAL C 42 31.64 25.12 20.53
C VAL C 42 30.68 24.96 21.72
N ALA C 43 31.19 24.47 22.85
CA ALA C 43 30.34 24.22 24.01
C ALA C 43 29.72 25.53 24.49
N GLU C 44 30.53 26.59 24.49
CA GLU C 44 30.12 27.96 24.84
C GLU C 44 29.03 28.49 23.90
N LEU C 45 29.23 28.28 22.61
CA LEU C 45 28.23 28.66 21.62
C LEU C 45 26.89 27.97 21.91
N THR C 46 26.91 26.65 22.06
CA THR C 46 25.67 25.92 22.28
C THR C 46 24.97 26.38 23.56
N LEU C 47 25.74 26.73 24.59
CA LEU C 47 25.15 27.23 25.84
C LEU C 47 24.40 28.53 25.58
N GLU C 48 25.03 29.43 24.84
CA GLU C 48 24.45 30.72 24.47
C GLU C 48 23.17 30.54 23.66
N LEU C 49 23.23 29.64 22.67
CA LEU C 49 22.08 29.41 21.82
C LEU C 49 20.94 28.80 22.64
N ALA C 50 21.26 27.86 23.51
CA ALA C 50 20.23 27.24 24.36
C ALA C 50 19.47 28.27 25.20
N ALA C 51 20.18 29.29 25.69
CA ALA C 51 19.56 30.39 26.43
C ALA C 51 18.72 31.31 25.54
N ALA C 52 19.05 31.40 24.26
CA ALA C 52 18.42 32.35 23.35
C ALA C 52 17.19 31.80 22.63
N TYR C 53 17.15 30.49 22.40
CA TYR C 53 16.06 29.90 21.62
C TYR C 53 15.23 28.94 22.47
N GLY C 54 13.98 28.70 22.06
CA GLY C 54 13.01 28.03 22.94
C GLY C 54 12.93 26.51 22.84
N SER C 55 13.14 26.00 21.62
CA SER C 55 13.13 24.57 21.35
C SER C 55 13.76 24.33 19.97
N PHE C 56 14.06 23.07 19.65
CA PHE C 56 14.25 22.71 18.25
C PHE C 56 12.82 22.61 17.70
N GLY C 57 12.53 23.40 16.69
CA GLY C 57 11.14 23.63 16.28
C GLY C 57 10.82 25.11 16.34
N ASP C 58 11.54 25.83 17.19
CA ASP C 58 11.44 27.29 17.26
C ASP C 58 11.65 27.88 15.85
N PRO C 59 10.62 28.53 15.29
CA PRO C 59 10.71 29.07 13.93
C PRO C 59 11.87 30.05 13.75
N VAL C 60 12.19 30.81 14.80
CA VAL C 60 13.30 31.75 14.69
C VAL C 60 14.63 31.02 14.66
N LEU C 61 14.77 29.98 15.48
CA LEU C 61 15.94 29.12 15.42
C LEU C 61 16.10 28.51 14.02
N LEU C 62 15.01 27.98 13.48
CA LEU C 62 15.05 27.33 12.18
C LEU C 62 15.50 28.31 11.09
N ARG C 63 14.99 29.54 11.13
CA ARG C 63 15.45 30.60 10.22
C ARG C 63 16.93 30.89 10.38
N ASP C 64 17.39 31.04 11.63
CA ASP C 64 18.76 31.48 11.91
C ASP C 64 19.83 30.42 11.72
N LEU C 65 19.40 29.17 11.56
CA LEU C 65 20.29 28.03 11.71
C LEU C 65 21.60 28.07 10.88
N PRO C 66 21.50 28.36 9.54
CA PRO C 66 22.74 28.38 8.75
C PRO C 66 23.71 29.49 9.17
N ARG C 67 23.16 30.65 9.48
CA ARG C 67 23.95 31.77 9.99
C ARG C 67 24.62 31.38 11.31
N LEU C 68 23.84 30.84 12.24
CA LEU C 68 24.36 30.32 13.51
C LEU C 68 25.48 29.29 13.33
N ALA C 69 25.30 28.38 12.37
CA ALA C 69 26.31 27.36 12.10
C ALA C 69 27.67 27.93 11.64
N ALA C 70 27.65 29.08 10.97
CA ALA C 70 28.89 29.77 10.58
C ALA C 70 29.65 30.37 11.77
N ARG C 71 29.08 30.23 12.98
CA ARG C 71 29.80 30.61 14.20
C ARG C 71 30.66 29.48 14.74
N LEU C 72 30.46 28.28 14.20
CA LEU C 72 31.33 27.15 14.50
C LEU C 72 32.72 27.45 13.99
N PRO C 73 33.74 26.77 14.56
CA PRO C 73 35.10 27.02 14.07
C PRO C 73 35.20 26.82 12.56
N GLU C 74 35.97 27.68 11.90
CA GLU C 74 36.13 27.64 10.44
C GLU C 74 36.55 26.26 9.92
N GLY C 75 37.54 25.66 10.58
CA GLY C 75 38.03 24.32 10.24
C GLY C 75 36.94 23.25 10.23
N VAL C 76 36.04 23.31 11.21
CA VAL C 76 34.89 22.40 11.29
C VAL C 76 33.97 22.56 10.07
N GLN C 77 33.65 23.80 9.73
CA GLN C 77 32.77 24.07 8.60
C GLN C 77 33.40 23.57 7.30
N ASP C 78 34.70 23.85 7.12
CA ASP C 78 35.40 23.44 5.91
C ASP C 78 35.42 21.91 5.79
N PHE C 79 35.65 21.23 6.90
CA PHE C 79 35.70 19.77 6.94
C PHE C 79 34.40 19.10 6.49
N LEU C 80 33.28 19.58 7.05
CA LEU C 80 31.97 19.04 6.72
C LEU C 80 31.58 19.40 5.30
N ARG C 81 31.96 20.60 4.88
CA ARG C 81 31.73 21.03 3.51
C ARG C 81 32.49 20.16 2.51
N GLU C 82 33.74 19.81 2.83
CA GLU C 82 34.52 18.90 1.98
C GLU C 82 33.88 17.51 1.88
N PHE C 83 33.44 16.97 3.02
CA PHE C 83 32.70 15.72 3.05
C PHE C 83 31.43 15.79 2.20
N LYS C 84 30.65 16.85 2.34
CA LYS C 84 29.43 17.03 1.55
C LYS C 84 29.71 17.11 0.04
N LEU C 85 30.61 18.00 -0.36
CA LEU C 85 30.94 18.17 -1.77
C LEU C 85 31.70 16.99 -2.41
N ALA C 86 32.54 16.30 -1.63
CA ALA C 86 33.25 15.12 -2.17
C ALA C 86 32.31 14.01 -2.64
N ASP C 87 31.21 13.81 -1.92
CA ASP C 87 30.23 12.80 -2.28
C ASP C 87 30.97 11.51 -2.62
N ARG C 88 31.77 11.04 -1.67
CA ARG C 88 32.68 9.93 -1.89
C ARG C 88 32.58 8.96 -0.72
N HIS C 89 32.67 9.48 0.50
CA HIS C 89 32.73 8.67 1.71
C HIS C 89 31.38 8.48 2.33
N GLY C 90 31.14 7.29 2.88
CA GLY C 90 29.83 6.95 3.43
C GLY C 90 29.54 7.62 4.77
N HIS C 91 30.60 7.95 5.51
CA HIS C 91 30.43 8.60 6.82
C HIS C 91 31.68 9.34 7.18
N THR C 92 31.54 10.22 8.15
CA THR C 92 32.71 10.84 8.76
C THR C 92 32.34 11.16 10.20
N VAL C 93 33.35 11.50 11.01
CA VAL C 93 33.15 11.77 12.43
C VAL C 93 33.91 13.03 12.86
N ILE C 94 33.30 13.84 13.70
CA ILE C 94 34.00 14.92 14.39
C ILE C 94 34.04 14.53 15.86
N ARG C 95 35.25 14.42 16.40
CA ARG C 95 35.49 13.91 17.75
C ARG C 95 35.95 15.02 18.68
N GLY C 96 35.77 14.80 19.98
CA GLY C 96 36.37 15.67 20.99
C GLY C 96 35.53 16.86 21.44
N HIS C 97 34.22 16.80 21.20
CA HIS C 97 33.30 17.80 21.73
C HIS C 97 33.25 17.67 23.24
N ASP C 98 32.94 18.77 23.91
CA ASP C 98 32.82 18.75 25.37
C ASP C 98 31.34 18.68 25.73
N PHE C 99 30.90 17.50 26.16
CA PHE C 99 29.49 17.26 26.47
C PHE C 99 29.40 17.10 27.99
N ASP C 100 29.08 18.21 28.67
CA ASP C 100 29.03 18.26 30.14
C ASP C 100 28.08 17.22 30.75
N GLN C 101 28.66 16.13 31.23
CA GLN C 101 27.87 14.98 31.74
C GLN C 101 26.95 15.32 32.92
N ARG C 102 27.39 16.20 33.81
CA ARG C 102 26.56 16.61 34.95
C ARG C 102 25.34 17.40 34.49
N ARG C 103 25.53 18.38 33.59
CA ARG C 103 24.40 19.13 33.05
C ARG C 103 23.43 18.23 32.29
N ILE C 104 23.96 17.33 31.47
CA ILE C 104 23.16 16.43 30.64
C ILE C 104 22.22 15.53 31.46
N GLY C 105 22.72 15.05 32.60
CA GLY C 105 21.90 14.23 33.50
C GLY C 105 21.77 12.77 33.08
N PRO C 106 20.92 12.01 33.81
CA PRO C 106 20.81 10.58 33.53
C PRO C 106 20.09 10.27 32.22
N THR C 107 20.47 9.15 31.60
CA THR C 107 19.78 8.64 30.43
C THR C 107 18.35 8.25 30.81
N PRO C 108 17.35 8.86 30.14
CA PRO C 108 15.94 8.58 30.44
C PRO C 108 15.47 7.14 30.18
N ASP C 109 14.35 6.77 30.79
CA ASP C 109 13.74 5.44 30.66
C ASP C 109 12.92 5.33 29.37
N HIS C 110 12.42 6.47 28.91
CA HIS C 110 11.66 6.53 27.67
C HIS C 110 11.74 7.92 27.10
N TRP C 111 11.50 8.02 25.80
CA TRP C 111 11.37 9.33 25.18
C TRP C 111 9.95 9.79 25.31
N ARG C 112 9.01 8.83 25.29
CA ARG C 112 7.56 9.11 25.28
C ARG C 112 7.12 9.90 26.49
N GLY C 113 6.62 11.10 26.22
CA GLY C 113 6.04 11.95 27.25
C GLY C 113 6.99 12.96 27.88
N ARG C 114 8.26 12.61 28.01
CA ARG C 114 9.24 13.47 28.72
C ARG C 114 9.39 14.87 28.12
N VAL C 115 9.84 15.80 28.96
CA VAL C 115 9.91 17.23 28.65
C VAL C 115 10.98 17.53 27.60
N ARG C 116 10.60 18.27 26.56
CA ARG C 116 11.55 18.78 25.57
C ARG C 116 11.37 20.29 25.41
N PRO C 117 12.49 21.06 25.45
CA PRO C 117 13.87 20.58 25.53
C PRO C 117 14.35 20.34 26.96
N GLY C 118 15.01 19.20 27.17
CA GLY C 118 15.63 18.89 28.44
C GLY C 118 16.96 19.60 28.64
N PRO C 119 17.70 19.20 29.69
CA PRO C 119 18.96 19.85 30.03
C PRO C 119 20.09 19.63 28.98
N GLU C 120 19.87 18.70 28.05
CA GLU C 120 20.84 18.38 26.99
C GLU C 120 20.58 19.19 25.71
N PHE C 121 19.82 20.28 25.86
CA PHE C 121 19.45 21.15 24.76
C PHE C 121 20.64 21.71 23.97
N PRO C 122 21.73 22.12 24.66
CA PRO C 122 22.88 22.60 23.90
C PRO C 122 23.41 21.56 22.91
N GLU C 123 23.44 20.30 23.31
CA GLU C 123 23.91 19.22 22.46
C GLU C 123 22.94 18.98 21.30
N GLU C 124 21.65 19.16 21.58
CA GLU C 124 20.68 19.01 20.50
C GLU C 124 20.81 20.15 19.48
N LEU C 125 21.03 21.36 20.00
CA LEU C 125 21.27 22.53 19.14
C LEU C 125 22.53 22.37 18.28
N LEU C 126 23.62 21.86 18.86
CA LEU C 126 24.83 21.54 18.10
C LEU C 126 24.48 20.69 16.89
N LEU C 127 23.68 19.66 17.12
CA LEU C 127 23.31 18.76 16.01
C LEU C 127 22.49 19.48 14.97
N MET C 128 21.63 20.40 15.42
CA MET C 128 20.84 21.26 14.52
C MET C 128 21.75 22.18 13.70
N LEU C 129 22.76 22.76 14.34
CA LEU C 129 23.79 23.55 13.61
C LEU C 129 24.44 22.71 12.52
N TYR C 130 24.89 21.50 12.89
CA TYR C 130 25.48 20.61 11.92
C TYR C 130 24.53 20.25 10.77
N SER C 131 23.25 20.05 11.09
CA SER C 131 22.27 19.73 10.04
C SER C 131 22.16 20.85 9.00
N ALA C 132 22.27 22.10 9.45
CA ALA C 132 22.20 23.26 8.53
C ALA C 132 23.41 23.41 7.63
N LEU C 133 24.55 22.88 8.05
CA LEU C 133 25.73 22.86 7.19
C LEU C 133 25.56 21.84 6.08
N LEU C 134 24.77 20.79 6.33
CA LEU C 134 24.57 19.75 5.33
C LEU C 134 23.33 19.94 4.48
N GLY C 135 22.30 20.56 5.04
CA GLY C 135 21.04 20.76 4.33
C GLY C 135 20.01 21.34 5.28
N GLU C 136 18.89 20.66 5.43
CA GLU C 136 17.81 21.11 6.31
C GLU C 136 17.38 20.01 7.26
N PRO C 137 17.23 20.33 8.56
CA PRO C 137 16.68 19.34 9.46
C PRO C 137 15.19 19.13 9.16
N PHE C 138 14.74 17.88 9.25
CA PHE C 138 13.33 17.57 9.08
C PHE C 138 13.01 16.35 9.94
N GLY C 139 11.73 16.05 10.08
CA GLY C 139 11.34 14.89 10.87
C GLY C 139 10.10 14.21 10.31
N TRP C 140 9.56 13.30 11.12
CA TRP C 140 8.43 12.48 10.71
C TRP C 140 7.37 12.63 11.74
N ALA C 141 6.19 13.08 11.31
CA ALA C 141 5.02 13.09 12.17
C ALA C 141 4.73 11.68 12.68
N THR C 142 5.10 10.69 11.87
CA THR C 142 4.80 9.27 12.10
C THR C 142 5.88 8.54 12.90
N GLN C 143 6.92 9.27 13.32
CA GLN C 143 8.02 8.69 14.10
C GLN C 143 8.38 9.58 15.29
N GLN C 144 8.46 8.98 16.47
CA GLN C 144 8.87 9.66 17.72
C GLN C 144 8.13 10.99 18.03
N ASP C 145 6.85 11.04 17.66
CA ASP C 145 5.98 12.19 17.96
C ASP C 145 6.38 13.53 17.33
N GLY C 146 7.07 13.46 16.20
CA GLY C 146 7.38 14.64 15.42
C GLY C 146 8.51 15.53 15.91
N HIS C 147 9.26 15.06 16.91
CA HIS C 147 10.45 15.77 17.38
C HIS C 147 11.50 15.78 16.31
N LEU C 148 12.12 16.94 16.10
CA LEU C 148 13.16 17.09 15.07
C LEU C 148 14.48 16.42 15.46
N VAL C 149 14.69 16.24 16.75
CA VAL C 149 15.87 15.55 17.27
C VAL C 149 15.42 14.28 18.00
N HIS C 150 15.82 13.11 17.48
CA HIS C 150 15.39 11.82 18.03
C HIS C 150 16.34 11.33 19.07
N ASP C 151 15.81 10.49 19.96
CA ASP C 151 16.61 9.78 20.95
C ASP C 151 16.96 8.37 20.48
N ILE C 152 18.18 7.95 20.81
CA ILE C 152 18.59 6.57 20.67
C ILE C 152 19.17 6.18 22.03
N PHE C 153 18.33 5.53 22.84
CA PHE C 153 18.81 4.88 24.06
C PHE C 153 17.99 3.60 24.35
N PRO C 154 18.56 2.65 25.12
CA PRO C 154 17.84 1.38 25.28
C PRO C 154 16.58 1.51 26.14
N ILE C 155 15.48 1.06 25.57
CA ILE C 155 14.20 0.95 26.27
C ILE C 155 13.91 -0.55 26.40
N ARG C 156 13.47 -0.97 27.58
CA ARG C 156 13.31 -2.39 27.92
C ARG C 156 12.27 -3.12 27.05
N SER C 157 11.17 -2.45 26.73
CA SER C 157 10.11 -3.01 25.90
C SER C 157 10.44 -3.07 24.40
N HIS C 158 11.67 -2.68 24.06
CA HIS C 158 12.16 -2.76 22.68
C HIS C 158 13.38 -3.62 22.55
N GLU C 159 13.82 -4.17 23.67
CA GLU C 159 15.02 -5.01 23.78
C GLU C 159 15.23 -6.00 22.63
N ASN C 160 14.13 -6.55 22.12
CA ASN C 160 14.19 -7.55 21.06
C ASN C 160 13.51 -7.09 19.75
N ASP C 161 13.57 -5.78 19.49
CA ASP C 161 12.99 -5.20 18.29
C ASP C 161 14.06 -4.70 17.32
N GLN C 162 13.68 -4.58 16.05
CA GLN C 162 14.54 -3.98 15.03
C GLN C 162 14.39 -2.45 15.05
N LEU C 163 14.77 -1.86 16.19
CA LEU C 163 14.68 -0.43 16.42
C LEU C 163 15.94 0.08 17.13
N GLY C 164 16.21 1.37 16.96
CA GLY C 164 17.31 2.04 17.66
C GLY C 164 17.22 1.90 19.17
N MET C 165 16.00 1.71 19.69
CA MET C 165 15.74 1.58 21.13
C MET C 165 16.03 0.15 21.65
N GLY C 166 16.45 -0.73 20.75
CA GLY C 166 16.82 -2.10 21.10
C GLY C 166 18.24 -2.21 21.62
N SER C 167 18.65 -3.43 21.94
CA SER C 167 19.98 -3.69 22.49
C SER C 167 20.42 -5.13 22.24
N LYS C 168 19.65 -6.08 22.78
CA LYS C 168 20.00 -7.52 22.78
C LYS C 168 20.16 -8.13 21.40
N GLN C 169 19.41 -7.63 20.43
CA GLN C 169 19.47 -8.13 19.06
C GLN C 169 20.27 -7.21 18.15
N LEU C 170 20.98 -7.81 17.19
CA LEU C 170 21.62 -7.09 16.12
C LEU C 170 20.63 -6.15 15.41
N LEU C 171 20.92 -4.85 15.44
CA LEU C 171 20.21 -3.92 14.54
C LEU C 171 20.74 -4.16 13.13
N THR C 172 20.00 -5.00 12.39
CA THR C 172 20.37 -5.36 11.03
C THR C 172 20.52 -4.06 10.26
N TRP C 173 21.52 -4.01 9.41
CA TRP C 173 21.83 -2.74 8.77
C TRP C 173 20.81 -2.37 7.75
N HIS C 174 20.75 -1.08 7.44
CA HIS C 174 19.75 -0.54 6.53
C HIS C 174 20.07 0.89 6.20
N THR C 175 19.53 1.34 5.07
CA THR C 175 19.38 2.74 4.74
C THR C 175 18.24 3.25 5.59
N GLU C 176 18.40 4.44 6.20
CA GLU C 176 17.33 5.04 6.98
C GLU C 176 16.10 5.37 6.11
N ASP C 177 14.95 4.83 6.51
CA ASP C 177 13.68 5.00 5.78
C ASP C 177 13.79 4.60 4.31
N ALA C 178 14.42 3.45 4.07
CA ALA C 178 14.72 2.97 2.72
C ALA C 178 13.51 2.98 1.78
N PHE C 179 12.35 2.65 2.33
CA PHE C 179 11.08 2.58 1.58
C PHE C 179 10.62 3.93 1.03
N HIS C 180 10.99 5.00 1.72
CA HIS C 180 10.38 6.32 1.52
C HIS C 180 11.09 7.15 0.50
N PRO C 181 10.34 7.78 -0.45
CA PRO C 181 11.00 8.58 -1.47
C PRO C 181 11.62 9.86 -0.92
N TYR C 182 11.20 10.27 0.26
CA TYR C 182 11.73 11.49 0.87
C TYR C 182 12.56 11.21 2.13
N ARG C 183 13.11 10.00 2.20
CA ARG C 183 14.06 9.63 3.25
C ARG C 183 15.23 10.61 3.36
N SER C 184 15.94 10.55 4.49
CA SER C 184 17.09 11.44 4.74
C SER C 184 18.14 11.33 3.64
N ASP C 185 18.78 12.45 3.35
CA ASP C 185 20.01 12.44 2.55
C ASP C 185 21.22 12.21 3.46
N TYR C 186 21.15 12.74 4.68
CA TYR C 186 22.19 12.49 5.69
C TYR C 186 21.56 12.28 7.05
N LEU C 187 22.30 11.59 7.92
CA LEU C 187 21.94 11.43 9.32
C LEU C 187 23.07 11.96 10.16
N ILE C 188 22.71 12.58 11.26
CA ILE C 188 23.68 13.07 12.22
C ILE C 188 23.41 12.37 13.55
N LEU C 189 24.41 11.63 14.02
CA LEU C 189 24.30 10.93 15.29
C LEU C 189 25.32 11.46 16.30
N GLY C 190 24.83 12.11 17.35
CA GLY C 190 25.70 12.61 18.41
C GLY C 190 25.67 11.68 19.61
N ALA C 191 26.85 11.28 20.08
CA ALA C 191 26.95 10.37 21.21
C ALA C 191 27.11 11.17 22.49
N LEU C 192 26.01 11.39 23.20
CA LEU C 192 26.04 12.07 24.50
C LEU C 192 26.83 11.23 25.51
N ARG C 193 26.68 9.91 25.41
CA ARG C 193 27.46 8.97 26.21
C ARG C 193 27.43 7.57 25.60
N ASN C 194 28.47 6.80 25.90
CA ASN C 194 28.62 5.43 25.39
C ASN C 194 29.65 4.72 26.27
N PRO C 195 29.34 4.57 27.59
CA PRO C 195 30.35 4.15 28.57
C PRO C 195 31.02 2.81 28.24
N ASP C 196 30.29 1.90 27.60
CA ASP C 196 30.83 0.61 27.23
C ASP C 196 31.32 0.53 25.78
N HIS C 197 31.38 1.69 25.10
CA HIS C 197 31.93 1.82 23.74
C HIS C 197 31.31 0.91 22.73
N VAL C 198 29.98 0.84 22.75
CA VAL C 198 29.23 0.04 21.82
C VAL C 198 29.38 0.65 20.42
N PRO C 199 29.83 -0.15 19.44
CA PRO C 199 30.10 0.41 18.12
C PRO C 199 28.82 0.57 17.30
N THR C 200 28.87 1.48 16.33
CA THR C 200 27.85 1.57 15.30
C THR C 200 28.43 0.81 14.13
N THR C 201 27.58 0.10 13.39
CA THR C 201 28.03 -0.50 12.14
C THR C 201 27.67 0.42 10.97
N VAL C 202 28.59 0.51 10.02
CA VAL C 202 28.42 1.35 8.84
C VAL C 202 29.05 0.60 7.66
N GLY C 203 28.32 0.51 6.55
CA GLY C 203 28.84 -0.16 5.38
C GLY C 203 28.63 0.64 4.12
N GLU C 204 29.62 0.61 3.25
CA GLU C 204 29.54 1.27 1.96
C GLU C 204 29.30 0.23 0.89
N LEU C 205 29.19 0.69 -0.36
CA LEU C 205 29.07 -0.17 -1.52
C LEU C 205 30.45 -0.28 -2.16
N ASP C 206 31.02 -1.48 -2.18
CA ASP C 206 32.23 -1.74 -2.96
C ASP C 206 31.86 -2.51 -4.23
N LEU C 207 32.42 -2.10 -5.37
CA LEU C 207 32.04 -2.70 -6.65
C LEU C 207 33.05 -3.73 -7.19
N SER C 208 33.99 -4.15 -6.35
CA SER C 208 35.09 -5.01 -6.80
C SER C 208 34.68 -6.46 -7.16
N SER C 209 33.41 -6.81 -6.96
CA SER C 209 32.91 -8.13 -7.36
C SER C 209 31.56 -8.06 -8.07
N LEU C 210 31.20 -6.86 -8.52
CA LEU C 210 29.91 -6.63 -9.17
C LEU C 210 30.10 -6.13 -10.59
N SER C 211 29.38 -6.74 -11.52
CA SER C 211 29.51 -6.42 -12.94
C SER C 211 28.63 -5.24 -13.31
N ALA C 212 28.93 -4.63 -14.46
CA ALA C 212 28.04 -3.64 -15.06
C ALA C 212 26.62 -4.20 -15.19
N GLU C 213 26.53 -5.50 -15.48
CA GLU C 213 25.26 -6.21 -15.65
C GLU C 213 24.48 -6.34 -14.34
N ASP C 214 25.16 -6.74 -13.27
CA ASP C 214 24.57 -6.80 -11.93
C ASP C 214 24.02 -5.41 -11.55
N ILE C 215 24.83 -4.38 -11.73
CA ILE C 215 24.43 -2.98 -11.47
C ILE C 215 23.22 -2.52 -12.29
N ASP C 216 23.21 -2.82 -13.59
CA ASP C 216 22.09 -2.48 -14.46
C ASP C 216 20.79 -3.07 -13.95
N VAL C 217 20.82 -4.34 -13.55
CA VAL C 217 19.63 -5.03 -13.01
C VAL C 217 19.18 -4.40 -11.67
N LEU C 218 20.14 -3.95 -10.89
CA LEU C 218 19.87 -3.33 -9.59
C LEU C 218 19.32 -1.91 -9.69
N PHE C 219 19.52 -1.26 -10.84
CA PHE C 219 18.97 0.07 -11.14
C PHE C 219 17.51 0.01 -11.60
N GLU C 220 17.02 -1.19 -11.89
CA GLU C 220 15.66 -1.35 -12.39
C GLU C 220 14.66 -1.57 -11.25
N PRO C 221 13.39 -1.12 -11.43
CA PRO C 221 12.34 -1.23 -10.41
C PRO C 221 11.80 -2.65 -10.23
N ARG C 222 12.59 -3.49 -9.59
CA ARG C 222 12.31 -4.93 -9.53
C ARG C 222 12.28 -5.48 -8.10
N TYR C 223 12.40 -4.58 -7.12
CA TYR C 223 12.55 -4.96 -5.72
C TYR C 223 11.49 -4.33 -4.83
N HIS C 224 11.07 -5.07 -3.81
CA HIS C 224 10.09 -4.59 -2.86
C HIS C 224 10.73 -4.27 -1.54
N ILE C 225 10.62 -3.02 -1.10
CA ILE C 225 11.00 -2.68 0.28
C ILE C 225 9.79 -2.14 1.04
N ALA C 226 9.45 -2.81 2.14
CA ALA C 226 8.33 -2.41 2.99
C ALA C 226 8.78 -1.41 4.06
N PRO C 227 7.85 -0.63 4.65
CA PRO C 227 8.13 0.28 5.77
C PRO C 227 8.45 -0.41 7.09
N ASP C 228 9.34 0.19 7.89
CA ASP C 228 9.78 -0.38 9.18
C ASP C 228 8.82 -0.06 10.34
N GLU C 229 9.12 -0.59 11.53
CA GLU C 229 8.23 -0.54 12.70
C GLU C 229 8.22 0.78 13.51
N SER C 230 9.23 1.63 13.31
CA SER C 230 9.25 2.94 14.00
C SER C 230 8.15 3.87 13.51
N HIS C 231 7.63 3.58 12.31
CA HIS C 231 6.52 4.34 11.72
C HIS C 231 5.15 3.83 12.09
N LEU C 232 5.07 2.81 12.95
CA LEU C 232 3.78 2.26 13.39
C LEU C 232 3.11 3.10 14.48
N PRO C 233 1.77 3.25 14.41
CA PRO C 233 0.98 3.92 15.46
C PRO C 233 1.25 3.36 16.85
N LYS C 234 1.49 2.05 16.92
CA LYS C 234 1.89 1.34 18.14
C LYS C 234 3.01 2.07 18.90
N ASN C 235 4.01 2.56 18.15
CA ASN C 235 5.21 3.18 18.70
C ASN C 235 5.20 4.72 18.69
N ASN C 236 4.00 5.29 18.57
CA ASN C 236 3.79 6.73 18.66
C ASN C 236 2.61 7.02 19.61
N THR C 237 2.54 8.24 20.13
CA THR C 237 1.40 8.66 20.97
C THR C 237 0.10 8.57 20.14
N ILE C 238 -0.92 7.97 20.76
CA ILE C 238 -2.15 7.47 20.08
C ILE C 238 -2.47 8.07 18.70
N ALA C 239 -2.62 7.18 17.73
CA ALA C 239 -2.84 7.52 16.32
C ALA C 239 -4.15 8.28 16.07
N THR C 240 -5.23 7.80 16.67
CA THR C 240 -6.56 8.40 16.51
C THR C 240 -6.54 9.91 16.80
N GLU C 241 -5.98 10.28 17.96
CA GLU C 241 -5.72 11.69 18.32
C GLU C 241 -6.91 12.59 17.93
N GLU C 242 -6.62 13.67 17.20
CA GLU C 242 -7.64 14.48 16.53
C GLU C 242 -7.48 14.31 15.02
N GLU C 243 -6.37 13.69 14.63
CA GLU C 243 -6.03 13.50 13.22
C GLU C 243 -6.15 12.03 12.80
N ALA C 244 -7.01 11.78 11.83
CA ALA C 244 -7.23 10.43 11.30
C ALA C 244 -6.24 10.09 10.18
N ALA C 245 -5.65 11.13 9.59
CA ALA C 245 -4.79 10.98 8.41
C ALA C 245 -3.28 11.00 8.72
N ARG C 246 -2.93 10.92 10.00
CA ARG C 246 -1.52 10.99 10.43
C ARG C 246 -0.63 9.94 9.74
N PHE C 247 -1.08 8.69 9.77
CA PHE C 247 -0.31 7.55 9.25
C PHE C 247 -0.73 7.12 7.83
N ALA C 248 -1.45 8.01 7.14
CA ALA C 248 -2.03 7.71 5.82
C ALA C 248 -0.99 7.52 4.72
N THR C 249 0.02 8.40 4.70
CA THR C 249 1.10 8.35 3.69
C THR C 249 1.82 7.01 3.68
N ILE C 250 2.10 6.49 4.88
CA ILE C 250 2.80 5.21 5.02
C ILE C 250 1.85 4.03 4.78
N GLN C 251 0.59 4.19 5.16
CA GLN C 251 -0.46 3.21 4.87
C GLN C 251 -0.64 2.95 3.38
N ARG C 252 -0.70 4.03 2.61
CA ARG C 252 -0.79 3.98 1.16
C ARG C 252 0.37 3.18 0.58
N MET C 253 1.57 3.42 1.14
CA MET C 253 2.79 2.70 0.73
C MET C 253 2.78 1.22 1.12
N ILE C 254 2.17 0.90 2.26
CA ILE C 254 2.03 -0.49 2.70
C ILE C 254 1.12 -1.27 1.72
N ASP C 255 -0.01 -0.66 1.36
CA ASP C 255 -1.03 -1.29 0.53
C ASP C 255 -0.59 -1.59 -0.92
N GLU C 256 -0.26 -0.55 -1.68
CA GLU C 256 -0.02 -0.65 -3.13
C GLU C 256 1.21 -1.46 -3.54
N ARG C 257 2.20 -1.53 -2.65
CA ARG C 257 3.36 -2.45 -2.78
C ARG C 257 4.24 -2.32 -4.04
N PRO C 258 4.46 -1.08 -4.56
CA PRO C 258 5.12 -1.00 -5.87
C PRO C 258 6.58 -1.42 -5.82
N LEU C 259 7.11 -1.88 -6.95
CA LEU C 259 8.51 -2.27 -7.04
C LEU C 259 9.39 -1.06 -7.30
N GLY C 260 10.63 -1.10 -6.81
CA GLY C 260 11.58 0.01 -6.94
C GLY C 260 13.02 -0.48 -7.05
N PRO C 261 13.93 0.39 -7.50
CA PRO C 261 15.33 0.01 -7.64
C PRO C 261 16.06 -0.01 -6.28
N LEU C 262 17.22 -0.65 -6.25
CA LEU C 262 18.07 -0.68 -5.07
C LEU C 262 19.31 0.18 -5.25
N LEU C 263 19.69 0.37 -6.52
CA LEU C 263 20.77 1.29 -6.83
C LEU C 263 20.21 2.37 -7.74
N TYR C 264 20.79 3.57 -7.64
CA TYR C 264 20.37 4.73 -8.43
C TYR C 264 21.51 5.74 -8.51
N GLY C 265 21.29 6.80 -9.28
CA GLY C 265 22.32 7.81 -9.53
C GLY C 265 23.17 7.41 -10.72
N SER C 266 24.48 7.41 -10.54
CA SER C 266 25.39 7.04 -11.62
C SER C 266 25.74 5.55 -11.56
N ARG C 267 25.58 4.86 -12.69
CA ARG C 267 25.93 3.46 -12.81
C ARG C 267 27.40 3.18 -12.51
N LEU C 268 28.25 4.19 -12.68
CA LEU C 268 29.68 4.08 -12.37
C LEU C 268 30.03 4.24 -10.89
N ASP C 269 29.11 4.81 -10.12
CA ASP C 269 29.38 5.15 -8.73
C ASP C 269 28.04 5.29 -8.00
N PRO C 270 27.26 4.19 -7.92
CA PRO C 270 25.86 4.27 -7.56
C PRO C 270 25.58 4.63 -6.11
N TYR C 271 24.45 5.28 -5.91
CA TYR C 271 23.85 5.42 -4.60
C TYR C 271 23.04 4.16 -4.33
N MET C 272 22.77 3.89 -3.06
CA MET C 272 22.01 2.70 -2.69
C MET C 272 20.88 2.99 -1.70
N ARG C 273 19.82 2.18 -1.80
CA ARG C 273 18.78 2.11 -0.78
C ARG C 273 18.48 0.65 -0.47
N LEU C 274 18.78 0.26 0.76
CA LEU C 274 18.72 -1.13 1.18
C LEU C 274 18.06 -1.24 2.54
N ASP C 275 17.24 -2.27 2.70
CA ASP C 275 16.71 -2.64 4.00
C ASP C 275 16.32 -4.12 3.92
N PRO C 276 17.32 -5.03 4.09
CA PRO C 276 17.11 -6.44 3.84
C PRO C 276 16.00 -7.06 4.71
N TYR C 277 15.90 -6.65 5.97
CA TYR C 277 14.84 -7.18 6.84
C TYR C 277 13.45 -6.94 6.25
N PHE C 278 13.30 -5.89 5.46
CA PHE C 278 12.00 -5.50 4.92
C PHE C 278 11.92 -5.63 3.40
N THR C 279 12.77 -6.51 2.85
CA THR C 279 12.88 -6.67 1.40
C THR C 279 12.38 -8.06 0.96
N SER C 280 11.71 -8.09 -0.19
CA SER C 280 11.43 -9.33 -0.90
C SER C 280 11.56 -9.06 -2.39
N VAL C 281 11.71 -10.12 -3.17
CA VAL C 281 11.84 -10.03 -4.63
C VAL C 281 10.84 -11.05 -5.22
N PRO C 282 10.06 -10.65 -6.26
CA PRO C 282 9.14 -11.64 -6.84
C PRO C 282 9.88 -12.89 -7.31
N GLN C 283 9.30 -14.06 -7.03
CA GLN C 283 9.95 -15.37 -7.24
C GLN C 283 10.36 -15.63 -8.69
N ASP C 284 9.56 -15.18 -9.64
CA ASP C 284 9.82 -15.40 -11.07
C ASP C 284 10.99 -14.57 -11.58
N ASP C 285 11.27 -13.45 -10.91
CA ASP C 285 12.40 -12.60 -11.31
C ASP C 285 13.74 -13.15 -10.82
N THR C 286 14.24 -14.15 -11.54
CA THR C 286 15.50 -14.82 -11.23
C THR C 286 16.73 -13.89 -11.22
N ASP C 287 16.83 -13.01 -12.21
CA ASP C 287 18.00 -12.15 -12.34
C ASP C 287 18.03 -11.13 -11.18
N ALA C 288 16.87 -10.55 -10.88
CA ALA C 288 16.75 -9.60 -9.77
C ALA C 288 17.06 -10.27 -8.44
N ARG C 289 16.56 -11.50 -8.23
CA ARG C 289 16.88 -12.28 -7.02
C ARG C 289 18.38 -12.51 -6.85
N ARG C 290 19.05 -12.93 -7.93
CA ARG C 290 20.50 -13.17 -7.89
C ARG C 290 21.28 -11.87 -7.65
N ALA C 291 20.89 -10.81 -8.35
CA ALA C 291 21.57 -9.52 -8.20
C ALA C 291 21.40 -9.00 -6.78
N TYR C 292 20.18 -9.08 -6.26
CA TYR C 292 19.91 -8.66 -4.87
C TYR C 292 20.76 -9.44 -3.87
N ASP C 293 20.72 -10.78 -3.97
CA ASP C 293 21.52 -11.62 -3.09
C ASP C 293 23.01 -11.26 -3.16
N ALA C 294 23.48 -10.96 -4.38
CA ALA C 294 24.89 -10.58 -4.55
C ALA C 294 25.15 -9.26 -3.82
N LEU C 295 24.30 -8.27 -4.06
CA LEU C 295 24.44 -6.96 -3.40
C LEU C 295 24.38 -7.06 -1.86
N PHE C 296 23.44 -7.84 -1.34
CA PHE C 296 23.38 -8.08 0.10
C PHE C 296 24.70 -8.64 0.66
N LYS C 297 25.27 -9.61 -0.03
CA LYS C 297 26.51 -10.26 0.44
C LYS C 297 27.67 -9.28 0.38
N VAL C 298 27.76 -8.53 -0.72
CA VAL C 298 28.76 -7.48 -0.90
C VAL C 298 28.73 -6.47 0.26
N VAL C 299 27.55 -5.92 0.52
CA VAL C 299 27.39 -4.88 1.56
C VAL C 299 27.60 -5.49 2.94
N ASP C 300 27.06 -6.69 3.17
CA ASP C 300 27.23 -7.35 4.47
C ASP C 300 28.70 -7.63 4.81
N SER C 301 29.47 -8.10 3.84
CA SER C 301 30.90 -8.37 4.09
C SER C 301 31.74 -7.09 4.33
N GLY C 302 31.27 -5.96 3.80
CA GLY C 302 32.02 -4.71 3.92
C GLY C 302 31.68 -3.87 5.15
N MET C 303 30.76 -4.34 5.98
CA MET C 303 30.33 -3.60 7.18
C MET C 303 31.51 -3.36 8.13
N ARG C 304 31.60 -2.15 8.65
CA ARG C 304 32.65 -1.75 9.58
C ARG C 304 32.06 -1.36 10.93
N GLU C 305 32.83 -1.61 11.99
CA GLU C 305 32.50 -1.06 13.29
C GLU C 305 33.07 0.34 13.40
N VAL C 306 32.21 1.28 13.78
CA VAL C 306 32.59 2.67 13.96
C VAL C 306 32.14 3.03 15.37
N VAL C 307 33.07 3.39 16.23
CA VAL C 307 32.67 3.73 17.58
C VAL C 307 32.38 5.22 17.66
N ALA C 308 31.23 5.54 18.22
CA ALA C 308 30.87 6.90 18.51
C ALA C 308 30.92 6.98 20.02
N ASP C 309 32.01 7.52 20.56
CA ASP C 309 32.18 7.68 22.00
C ASP C 309 31.63 9.01 22.45
N GLN C 310 31.58 9.22 23.76
CA GLN C 310 31.14 10.51 24.30
C GLN C 310 31.91 11.64 23.61
N GLY C 311 31.17 12.63 23.12
CA GLY C 311 31.77 13.78 22.42
C GLY C 311 31.98 13.63 20.91
N ASP C 312 31.61 12.48 20.35
CA ASP C 312 31.74 12.21 18.91
C ASP C 312 30.42 12.48 18.23
N VAL C 313 30.50 13.09 17.04
CA VAL C 313 29.32 13.26 16.23
C VAL C 313 29.58 12.52 14.93
N LEU C 314 28.74 11.52 14.66
CA LEU C 314 28.83 10.71 13.46
C LEU C 314 27.89 11.24 12.38
N PHE C 315 28.43 11.42 11.17
CA PHE C 315 27.69 11.89 10.02
C PHE C 315 27.58 10.75 9.03
N ILE C 316 26.35 10.38 8.69
CA ILE C 316 26.14 9.28 7.76
C ILE C 316 25.54 9.83 6.47
N ASP C 317 26.13 9.46 5.34
CA ASP C 317 25.56 9.76 4.04
C ASP C 317 24.54 8.65 3.75
N ASN C 318 23.25 8.97 3.82
CA ASN C 318 22.19 7.96 3.66
C ASN C 318 22.06 7.44 2.22
N HIS C 319 22.83 8.00 1.30
CA HIS C 319 22.89 7.45 -0.06
C HIS C 319 24.07 6.57 -0.32
N ARG C 320 25.09 6.65 0.54
CA ARG C 320 26.34 5.94 0.29
C ARG C 320 26.68 4.95 1.38
N ALA C 321 25.90 4.95 2.45
CA ALA C 321 26.15 4.05 3.56
C ALA C 321 24.87 3.51 4.14
N VAL C 322 24.89 2.23 4.53
CA VAL C 322 23.90 1.66 5.43
C VAL C 322 24.49 1.69 6.83
N HIS C 323 23.63 1.50 7.83
CA HIS C 323 24.10 1.53 9.21
C HIS C 323 23.29 0.59 10.04
N GLY C 324 23.89 0.11 11.12
CA GLY C 324 23.15 -0.62 12.12
C GLY C 324 23.86 -0.48 13.45
N ARG C 325 23.54 -1.39 14.37
CA ARG C 325 24.17 -1.39 15.68
C ARG C 325 24.30 -2.82 16.18
N LEU C 326 25.43 -3.10 16.83
CA LEU C 326 25.69 -4.43 17.39
C LEU C 326 24.89 -4.68 18.68
N PRO C 327 24.71 -5.97 19.05
CA PRO C 327 24.03 -6.30 20.31
C PRO C 327 24.81 -5.82 21.53
N PHE C 328 24.11 -5.33 22.54
CA PHE C 328 24.73 -5.00 23.82
C PHE C 328 23.79 -5.21 24.99
N GLN C 329 24.35 -5.30 26.20
CA GLN C 329 23.55 -5.47 27.41
C GLN C 329 23.33 -4.12 28.09
N ALA C 330 22.10 -3.63 28.02
CA ALA C 330 21.72 -2.38 28.66
C ALA C 330 21.63 -2.54 30.17
N ARG C 331 21.88 -1.44 30.90
CA ARG C 331 21.84 -1.46 32.36
C ARG C 331 20.53 -0.88 32.91
N TYR C 332 19.78 -0.19 32.06
CA TYR C 332 18.50 0.43 32.41
C TYR C 332 18.49 1.21 33.73
N ASP C 333 19.59 1.90 34.03
CA ASP C 333 19.76 2.57 35.32
C ASP C 333 20.14 4.07 35.24
N GLY C 334 19.92 4.68 34.07
CA GLY C 334 20.22 6.10 33.88
C GLY C 334 21.66 6.41 33.51
N THR C 335 22.43 5.38 33.21
CA THR C 335 23.84 5.54 32.83
C THR C 335 24.11 4.98 31.43
N ASP C 336 23.06 4.49 30.77
CA ASP C 336 23.19 3.81 29.48
C ASP C 336 23.58 4.70 28.30
N ARG C 337 24.14 4.08 27.27
CA ARG C 337 24.42 4.70 25.99
C ARG C 337 23.27 5.61 25.57
N TRP C 338 23.62 6.81 25.10
CA TRP C 338 22.62 7.79 24.69
C TRP C 338 23.10 8.55 23.49
N LEU C 339 22.44 8.32 22.35
CA LEU C 339 22.73 9.09 21.14
C LEU C 339 21.54 9.97 20.74
N LYS C 340 21.81 11.06 20.04
CA LYS C 340 20.77 11.91 19.45
C LYS C 340 20.89 11.84 17.94
N ARG C 341 19.74 11.87 17.25
CA ARG C 341 19.72 11.73 15.80
C ARG C 341 18.96 12.86 15.16
N VAL C 342 19.56 13.52 14.17
CA VAL C 342 18.85 14.48 13.35
C VAL C 342 18.89 14.00 11.90
N CYS C 343 17.72 13.96 11.27
CA CYS C 343 17.57 13.65 9.84
C CYS C 343 17.76 14.92 9.01
N VAL C 344 18.52 14.81 7.93
CA VAL C 344 18.82 15.97 7.08
C VAL C 344 18.31 15.72 5.67
N THR C 345 17.63 16.71 5.10
CA THR C 345 17.23 16.67 3.70
C THR C 345 17.94 17.76 2.90
N SER C 346 18.44 17.37 1.73
CA SER C 346 19.03 18.35 0.83
C SER C 346 17.99 19.28 0.20
N ASP C 347 16.73 18.87 0.17
CA ASP C 347 15.70 19.62 -0.56
C ASP C 347 14.35 19.39 0.11
N LEU C 348 14.03 20.28 1.07
CA LEU C 348 12.78 20.22 1.82
C LEU C 348 11.55 20.32 0.91
N ARG C 349 11.67 21.12 -0.14
CA ARG C 349 10.52 21.36 -1.02
C ARG C 349 10.09 20.13 -1.81
N ARG C 350 11.04 19.24 -2.08
CA ARG C 350 10.74 18.00 -2.80
C ARG C 350 9.65 17.16 -2.12
N SER C 351 9.53 17.30 -0.81
CA SER C 351 8.53 16.55 -0.03
C SER C 351 7.21 17.31 0.17
N ARG C 352 7.07 18.45 -0.50
CA ARG C 352 5.93 19.35 -0.25
C ARG C 352 4.58 18.63 -0.28
N GLU C 353 4.45 17.64 -1.14
CA GLU C 353 3.20 16.89 -1.26
C GLU C 353 2.84 16.08 0.01
N MET C 354 3.86 15.71 0.78
CA MET C 354 3.61 14.92 2.00
C MET C 354 3.75 15.75 3.25
N ARG C 355 3.77 17.06 3.11
CA ARG C 355 3.85 17.95 4.25
C ARG C 355 2.59 18.80 4.32
N ALA C 356 2.09 18.99 5.54
CA ALA C 356 0.78 19.63 5.79
C ALA C 356 0.72 21.08 5.31
N THR C 357 1.80 21.82 5.53
CA THR C 357 1.93 23.21 5.13
C THR C 357 3.29 23.39 4.48
N SER C 358 3.53 24.54 3.86
CA SER C 358 4.85 24.87 3.32
C SER C 358 5.89 25.03 4.42
N ALA C 359 5.43 25.52 5.58
CA ALA C 359 6.31 25.83 6.71
C ALA C 359 6.75 24.61 7.53
N THR C 360 5.92 23.57 7.57
CA THR C 360 6.24 22.40 8.42
C THR C 360 7.39 21.55 7.88
N ARG C 361 8.21 21.06 8.81
CA ARG C 361 9.36 20.22 8.50
C ARG C 361 9.05 18.75 8.79
N LEU C 362 7.79 18.46 9.11
CA LEU C 362 7.37 17.11 9.46
C LEU C 362 6.60 16.45 8.33
N LEU C 363 7.05 15.27 7.93
CA LEU C 363 6.46 14.53 6.83
C LEU C 363 5.28 13.68 7.32
N GLY C 364 4.22 13.64 6.51
CA GLY C 364 2.99 12.91 6.87
C GLY C 364 1.83 13.84 7.16
N THR D 29 4.38 41.83 -2.83
CA THR D 29 5.67 41.09 -2.98
C THR D 29 6.79 41.79 -2.19
N PRO D 30 7.21 41.19 -1.06
CA PRO D 30 8.26 41.77 -0.22
C PRO D 30 9.57 41.97 -1.00
N SER D 31 10.23 43.09 -0.72
CA SER D 31 11.58 43.37 -1.23
C SER D 31 12.43 44.01 -0.12
N TYR D 32 13.74 43.99 -0.30
CA TYR D 32 14.68 44.51 0.70
C TYR D 32 15.54 45.60 0.10
N SER D 33 15.64 46.73 0.78
CA SER D 33 16.44 47.86 0.29
C SER D 33 17.65 48.10 1.19
N LEU D 34 18.84 47.94 0.62
CA LEU D 34 20.09 48.11 1.36
C LEU D 34 20.29 49.58 1.75
N THR D 35 20.65 49.79 3.02
CA THR D 35 21.14 51.07 3.50
C THR D 35 22.52 51.33 2.90
N PRO D 36 22.92 52.61 2.78
CA PRO D 36 24.27 52.90 2.29
C PRO D 36 25.37 52.15 3.05
N ALA D 37 25.21 51.98 4.36
CA ALA D 37 26.15 51.17 5.13
C ALA D 37 26.20 49.71 4.64
N GLU D 38 25.03 49.10 4.47
CA GLU D 38 24.93 47.72 3.96
C GLU D 38 25.59 47.57 2.60
N ALA D 39 25.21 48.44 1.66
CA ALA D 39 25.78 48.42 0.30
C ALA D 39 27.29 48.52 0.33
N SER D 40 27.82 49.38 1.22
CA SER D 40 29.26 49.54 1.34
C SER D 40 29.92 48.28 1.87
N ALA D 41 29.31 47.67 2.89
CA ALA D 41 29.81 46.42 3.45
C ALA D 41 29.85 45.32 2.39
N VAL D 42 28.77 45.22 1.60
CA VAL D 42 28.68 44.20 0.55
C VAL D 42 29.74 44.43 -0.52
N ALA D 43 29.86 45.68 -0.99
CA ALA D 43 30.86 46.02 -2.01
C ALA D 43 32.28 45.63 -1.58
N GLU D 44 32.68 46.02 -0.38
CA GLU D 44 34.04 45.72 0.06
C GLU D 44 34.31 44.24 0.37
N LEU D 45 33.28 43.50 0.79
CA LEU D 45 33.42 42.06 0.93
C LEU D 45 33.70 41.46 -0.43
N THR D 46 32.94 41.88 -1.41
CA THR D 46 33.07 41.34 -2.76
C THR D 46 34.40 41.71 -3.43
N LEU D 47 34.92 42.90 -3.14
CA LEU D 47 36.24 43.31 -3.63
C LEU D 47 37.35 42.50 -2.97
N GLU D 48 37.21 42.26 -1.67
CA GLU D 48 38.11 41.38 -0.93
C GLU D 48 38.13 39.98 -1.55
N LEU D 49 36.94 39.43 -1.79
CA LEU D 49 36.85 38.07 -2.31
C LEU D 49 37.40 37.93 -3.73
N ALA D 50 37.17 38.94 -4.55
CA ALA D 50 37.73 39.00 -5.91
C ALA D 50 39.25 39.01 -5.91
N ALA D 51 39.85 39.66 -4.93
CA ALA D 51 41.30 39.69 -4.77
C ALA D 51 41.83 38.35 -4.23
N ALA D 52 41.13 37.76 -3.27
CA ALA D 52 41.62 36.56 -2.57
C ALA D 52 41.52 35.28 -3.40
N TYR D 53 40.54 35.19 -4.29
CA TYR D 53 40.34 34.01 -5.15
C TYR D 53 40.51 34.36 -6.62
N GLY D 54 40.98 33.39 -7.41
CA GLY D 54 41.34 33.63 -8.82
C GLY D 54 40.18 33.62 -9.80
N SER D 55 39.33 32.60 -9.70
CA SER D 55 38.13 32.47 -10.51
C SER D 55 37.18 31.47 -9.83
N PHE D 56 36.15 31.05 -10.55
CA PHE D 56 35.28 29.96 -10.07
C PHE D 56 35.90 28.60 -10.38
N GLY D 57 36.96 28.59 -11.19
CA GLY D 57 37.75 27.39 -11.44
C GLY D 57 38.47 26.96 -10.19
N ASP D 58 38.31 27.73 -9.11
CA ASP D 58 38.93 27.42 -7.83
C ASP D 58 37.97 26.57 -6.99
N PRO D 59 38.30 25.28 -6.79
CA PRO D 59 37.46 24.43 -5.95
C PRO D 59 37.30 24.99 -4.53
N VAL D 60 38.33 25.68 -4.04
CA VAL D 60 38.32 26.21 -2.68
C VAL D 60 37.28 27.32 -2.51
N LEU D 61 37.12 28.16 -3.54
CA LEU D 61 36.07 29.18 -3.54
C LEU D 61 34.68 28.54 -3.45
N LEU D 62 34.42 27.55 -4.31
CA LEU D 62 33.15 26.83 -4.30
C LEU D 62 32.88 26.22 -2.92
N ARG D 63 33.92 25.61 -2.33
CA ARG D 63 33.86 25.12 -0.94
C ARG D 63 33.51 26.23 0.05
N ASP D 64 34.21 27.37 -0.04
CA ASP D 64 34.05 28.42 0.95
C ASP D 64 32.74 29.21 0.83
N LEU D 65 32.04 29.06 -0.30
CA LEU D 65 30.85 29.89 -0.59
C LEU D 65 29.84 30.12 0.54
N PRO D 66 29.29 29.03 1.16
CA PRO D 66 28.29 29.29 2.21
C PRO D 66 28.87 30.02 3.44
N ARG D 67 30.11 29.70 3.81
CA ARG D 67 30.77 30.37 4.95
C ARG D 67 31.00 31.87 4.62
N LEU D 68 31.45 32.14 3.39
CA LEU D 68 31.68 33.51 2.91
C LEU D 68 30.38 34.34 2.92
N ALA D 69 29.30 33.71 2.49
CA ALA D 69 27.99 34.34 2.43
C ALA D 69 27.49 34.79 3.80
N ALA D 70 27.90 34.07 4.85
CA ALA D 70 27.57 34.47 6.23
C ALA D 70 28.27 35.75 6.65
N ARG D 71 29.22 36.22 5.83
CA ARG D 71 29.81 37.53 6.05
C ARG D 71 28.96 38.68 5.49
N LEU D 72 27.93 38.38 4.70
CA LEU D 72 26.99 39.40 4.21
C LEU D 72 26.21 40.01 5.38
N PRO D 73 25.63 41.21 5.21
CA PRO D 73 24.89 41.79 6.33
C PRO D 73 23.83 40.84 6.88
N GLU D 74 23.62 40.88 8.18
CA GLU D 74 22.71 39.96 8.85
C GLU D 74 21.27 40.06 8.35
N GLY D 75 20.82 41.30 8.11
CA GLY D 75 19.46 41.52 7.61
C GLY D 75 19.23 40.93 6.23
N VAL D 76 20.26 40.97 5.39
CA VAL D 76 20.22 40.37 4.06
C VAL D 76 20.02 38.86 4.17
N GLN D 77 20.87 38.20 4.94
CA GLN D 77 20.78 36.75 5.12
C GLN D 77 19.41 36.37 5.65
N ASP D 78 18.95 37.08 6.68
CA ASP D 78 17.63 36.85 7.30
C ASP D 78 16.53 36.96 6.26
N PHE D 79 16.61 37.97 5.42
CA PHE D 79 15.57 38.24 4.43
C PHE D 79 15.49 37.13 3.37
N LEU D 80 16.65 36.71 2.87
CA LEU D 80 16.67 35.63 1.88
C LEU D 80 16.25 34.29 2.47
N ARG D 81 16.70 34.04 3.70
CA ARG D 81 16.27 32.85 4.43
C ARG D 81 14.74 32.80 4.55
N GLU D 82 14.14 33.93 4.91
CA GLU D 82 12.67 34.03 5.03
C GLU D 82 11.93 33.77 3.70
N PHE D 83 12.43 34.35 2.60
CA PHE D 83 11.91 34.09 1.25
C PHE D 83 11.98 32.59 0.91
N LYS D 84 13.16 32.00 1.11
CA LYS D 84 13.38 30.57 0.88
C LYS D 84 12.41 29.69 1.67
N LEU D 85 12.35 29.88 2.99
CA LEU D 85 11.55 28.99 3.85
C LEU D 85 10.03 29.23 3.72
N ALA D 86 9.64 30.46 3.45
CA ALA D 86 8.23 30.77 3.28
C ALA D 86 7.62 29.95 2.14
N ASP D 87 8.39 29.75 1.07
CA ASP D 87 7.91 29.00 -0.09
C ASP D 87 6.50 29.48 -0.46
N ARG D 88 6.36 30.78 -0.65
CA ARG D 88 5.09 31.42 -0.89
C ARG D 88 5.19 32.28 -2.16
N HIS D 89 6.12 33.22 -2.16
CA HIS D 89 6.26 34.20 -3.23
C HIS D 89 7.15 33.71 -4.34
N GLY D 90 6.80 34.09 -5.56
CA GLY D 90 7.49 33.63 -6.78
C GLY D 90 8.82 34.32 -7.00
N HIS D 91 8.97 35.51 -6.42
CA HIS D 91 10.20 36.26 -6.55
C HIS D 91 10.36 37.24 -5.44
N THR D 92 11.59 37.73 -5.27
CA THR D 92 11.88 38.83 -4.39
C THR D 92 13.08 39.60 -4.93
N VAL D 93 13.31 40.80 -4.41
CA VAL D 93 14.37 41.66 -4.92
C VAL D 93 15.12 42.28 -3.75
N ILE D 94 16.43 42.31 -3.85
CA ILE D 94 17.28 43.10 -2.97
C ILE D 94 17.83 44.23 -3.81
N ARG D 95 17.48 45.46 -3.43
CA ARG D 95 17.84 46.64 -4.22
C ARG D 95 18.91 47.45 -3.50
N GLY D 96 19.64 48.25 -4.25
CA GLY D 96 20.54 49.24 -3.67
C GLY D 96 21.99 48.84 -3.52
N HIS D 97 22.43 47.81 -4.24
CA HIS D 97 23.84 47.46 -4.29
C HIS D 97 24.61 48.55 -5.00
N ASP D 98 25.85 48.76 -4.55
CA ASP D 98 26.79 49.65 -5.21
C ASP D 98 27.57 48.88 -6.27
N PHE D 99 27.19 49.04 -7.54
CA PHE D 99 27.89 48.41 -8.65
C PHE D 99 28.74 49.44 -9.41
N ASP D 100 30.03 49.51 -9.06
CA ASP D 100 30.97 50.47 -9.64
C ASP D 100 30.98 50.34 -11.17
N GLN D 101 30.45 51.35 -11.84
CA GLN D 101 30.25 51.29 -13.29
C GLN D 101 31.54 51.39 -14.09
N ARG D 102 32.50 52.17 -13.59
CA ARG D 102 33.81 52.30 -14.22
C ARG D 102 34.58 50.98 -14.17
N ARG D 103 34.64 50.38 -12.98
CA ARG D 103 35.25 49.06 -12.81
C ARG D 103 34.58 48.00 -13.70
N ILE D 104 33.25 47.92 -13.63
CA ILE D 104 32.49 46.95 -14.44
C ILE D 104 32.82 47.05 -15.94
N GLY D 105 32.83 48.27 -16.47
CA GLY D 105 33.18 48.51 -17.87
C GLY D 105 32.03 48.28 -18.85
N PRO D 106 32.33 48.35 -20.16
CA PRO D 106 31.29 48.30 -21.19
C PRO D 106 30.64 46.93 -21.36
N THR D 107 29.32 46.93 -21.58
CA THR D 107 28.58 45.72 -21.91
C THR D 107 29.24 45.06 -23.14
N PRO D 108 29.71 43.80 -22.99
CA PRO D 108 30.44 43.15 -24.09
C PRO D 108 29.57 42.89 -25.31
N ASP D 109 30.20 42.61 -26.44
CA ASP D 109 29.47 42.31 -27.67
C ASP D 109 28.99 40.87 -27.70
N HIS D 110 29.74 40.00 -27.03
CA HIS D 110 29.41 38.59 -26.94
C HIS D 110 29.99 38.01 -25.68
N TRP D 111 29.35 36.95 -25.17
CA TRP D 111 29.86 36.23 -24.00
C TRP D 111 31.08 35.39 -24.33
N ARG D 112 31.16 34.92 -25.57
CA ARG D 112 32.33 34.18 -26.08
C ARG D 112 33.56 35.07 -26.13
N GLY D 113 34.74 34.45 -25.97
CA GLY D 113 35.97 35.20 -25.77
C GLY D 113 36.01 35.70 -24.34
N ARG D 114 36.49 36.93 -24.15
CA ARG D 114 36.59 37.56 -22.82
C ARG D 114 37.52 36.83 -21.85
N VAL D 115 38.52 37.54 -21.35
CA VAL D 115 39.36 37.02 -20.27
C VAL D 115 38.44 36.81 -19.07
N ARG D 116 38.36 35.57 -18.60
CA ARG D 116 37.46 35.21 -17.51
C ARG D 116 38.27 34.88 -16.26
N PRO D 117 37.94 35.50 -15.12
CA PRO D 117 36.82 36.44 -14.97
C PRO D 117 37.19 37.87 -15.34
N GLY D 118 36.24 38.58 -15.93
CA GLY D 118 36.42 39.99 -16.26
C GLY D 118 36.40 40.89 -15.03
N PRO D 119 36.39 42.22 -15.26
CA PRO D 119 36.44 43.20 -14.16
C PRO D 119 35.16 43.23 -13.29
N GLU D 120 34.11 42.55 -13.75
CA GLU D 120 32.85 42.46 -13.01
C GLU D 120 32.81 41.23 -12.08
N PHE D 121 33.98 40.61 -11.86
CA PHE D 121 34.14 39.43 -10.98
C PHE D 121 33.52 39.62 -9.58
N PRO D 122 33.76 40.79 -8.94
CA PRO D 122 33.13 41.05 -7.63
C PRO D 122 31.61 40.82 -7.63
N GLU D 123 30.94 41.28 -8.68
CA GLU D 123 29.48 41.12 -8.85
C GLU D 123 29.05 39.68 -9.10
N GLU D 124 29.86 38.93 -9.85
CA GLU D 124 29.59 37.51 -10.07
C GLU D 124 29.73 36.74 -8.75
N LEU D 125 30.75 37.10 -7.98
CA LEU D 125 30.97 36.54 -6.64
C LEU D 125 29.82 36.80 -5.69
N LEU D 126 29.32 38.03 -5.69
CA LEU D 126 28.10 38.39 -4.94
C LEU D 126 26.95 37.44 -5.29
N LEU D 127 26.71 37.23 -6.58
CA LEU D 127 25.63 36.33 -6.97
C LEU D 127 25.91 34.88 -6.56
N MET D 128 27.18 34.49 -6.55
CA MET D 128 27.59 33.17 -6.09
C MET D 128 27.39 33.06 -4.57
N LEU D 129 27.73 34.12 -3.85
CA LEU D 129 27.37 34.20 -2.42
C LEU D 129 25.88 34.02 -2.20
N TYR D 130 25.07 34.77 -2.93
CA TYR D 130 23.62 34.63 -2.81
C TYR D 130 23.15 33.21 -3.16
N SER D 131 23.77 32.60 -4.18
CA SER D 131 23.37 31.24 -4.59
C SER D 131 23.57 30.25 -3.46
N ALA D 132 24.65 30.42 -2.72
CA ALA D 132 24.98 29.50 -1.64
C ALA D 132 24.05 29.66 -0.44
N LEU D 133 23.46 30.85 -0.28
CA LEU D 133 22.44 31.04 0.74
C LEU D 133 21.17 30.30 0.39
N LEU D 134 20.90 30.20 -0.92
CA LEU D 134 19.68 29.53 -1.36
C LEU D 134 19.82 28.03 -1.61
N GLY D 135 20.98 27.60 -2.10
CA GLY D 135 21.23 26.19 -2.39
C GLY D 135 22.65 26.03 -2.88
N GLU D 136 22.82 25.51 -4.11
CA GLU D 136 24.15 25.36 -4.72
C GLU D 136 24.15 25.90 -6.14
N PRO D 137 25.15 26.73 -6.50
CA PRO D 137 25.22 27.11 -7.92
C PRO D 137 25.63 25.92 -8.78
N PHE D 138 25.02 25.82 -9.95
CA PHE D 138 25.36 24.78 -10.91
C PHE D 138 25.18 25.37 -12.30
N GLY D 139 25.62 24.64 -13.32
CA GLY D 139 25.41 25.08 -14.67
C GLY D 139 25.21 23.94 -15.63
N TRP D 140 25.32 24.26 -16.92
CA TRP D 140 25.05 23.33 -17.99
C TRP D 140 26.22 23.31 -18.92
N ALA D 141 26.76 22.12 -19.17
CA ALA D 141 27.83 21.97 -20.15
C ALA D 141 27.30 22.33 -21.54
N THR D 142 25.99 22.17 -21.72
CA THR D 142 25.30 22.41 -23.00
C THR D 142 24.80 23.84 -23.18
N GLN D 143 25.00 24.69 -22.17
CA GLN D 143 24.59 26.10 -22.24
C GLN D 143 25.69 27.07 -21.80
N GLN D 144 25.99 28.04 -22.68
CA GLN D 144 27.08 29.03 -22.49
C GLN D 144 28.42 28.46 -22.04
N ASP D 145 28.79 27.30 -22.60
CA ASP D 145 30.08 26.64 -22.35
C ASP D 145 30.38 26.37 -20.87
N GLY D 146 29.34 26.01 -20.13
CA GLY D 146 29.49 25.60 -18.74
C GLY D 146 30.03 26.62 -17.75
N HIS D 147 29.95 27.91 -18.09
CA HIS D 147 30.24 28.97 -17.11
C HIS D 147 29.19 28.93 -16.04
N LEU D 148 29.59 29.13 -14.78
CA LEU D 148 28.64 29.09 -13.64
C LEU D 148 27.77 30.34 -13.51
N VAL D 149 28.28 31.47 -14.00
CA VAL D 149 27.51 32.71 -14.06
C VAL D 149 27.30 33.06 -15.53
N HIS D 150 26.03 33.09 -15.96
CA HIS D 150 25.66 33.37 -17.36
C HIS D 150 25.60 34.84 -17.61
N ASP D 151 25.62 35.21 -18.89
CA ASP D 151 25.47 36.59 -19.31
C ASP D 151 24.15 36.84 -20.00
N ILE D 152 23.55 37.98 -19.70
CA ILE D 152 22.34 38.41 -20.35
C ILE D 152 22.59 39.83 -20.82
N PHE D 153 22.66 39.97 -22.14
CA PHE D 153 22.80 41.26 -22.81
C PHE D 153 22.53 41.05 -24.30
N PRO D 154 22.05 42.10 -25.00
CA PRO D 154 21.72 41.91 -26.42
C PRO D 154 22.95 41.63 -27.29
N ILE D 155 22.83 40.61 -28.13
CA ILE D 155 23.82 40.25 -29.13
C ILE D 155 23.13 40.35 -30.50
N ARG D 156 23.80 40.98 -31.46
CA ARG D 156 23.23 41.29 -32.78
C ARG D 156 22.49 40.11 -33.44
N SER D 157 23.14 38.95 -33.47
CA SER D 157 22.64 37.77 -34.19
C SER D 157 21.51 37.01 -33.49
N HIS D 158 21.20 37.37 -32.25
CA HIS D 158 20.06 36.77 -31.53
C HIS D 158 18.91 37.73 -31.38
N GLU D 159 18.90 38.77 -32.20
CA GLU D 159 17.85 39.82 -32.16
C GLU D 159 16.45 39.26 -32.16
N ASN D 160 16.21 38.25 -33.00
CA ASN D 160 14.87 37.71 -33.24
C ASN D 160 14.63 36.34 -32.59
N ASP D 161 15.49 35.99 -31.64
CA ASP D 161 15.43 34.69 -30.97
C ASP D 161 14.72 34.74 -29.62
N GLN D 162 14.19 33.59 -29.20
CA GLN D 162 13.58 33.44 -27.88
C GLN D 162 14.63 33.11 -26.82
N LEU D 163 15.69 33.93 -26.81
CA LEU D 163 16.85 33.74 -25.95
C LEU D 163 17.12 34.98 -25.12
N GLY D 164 17.93 34.82 -24.06
CA GLY D 164 18.29 35.93 -23.17
C GLY D 164 19.07 37.03 -23.86
N MET D 165 19.86 36.65 -24.87
CA MET D 165 20.65 37.60 -25.67
C MET D 165 19.79 38.32 -26.73
N GLY D 166 18.48 38.06 -26.71
CA GLY D 166 17.54 38.72 -27.61
C GLY D 166 17.16 40.12 -27.16
N SER D 167 16.29 40.77 -27.95
CA SER D 167 15.78 42.12 -27.64
C SER D 167 14.52 42.48 -28.41
N LYS D 168 14.57 42.32 -29.74
CA LYS D 168 13.48 42.73 -30.64
C LYS D 168 12.13 42.10 -30.31
N GLN D 169 12.13 40.78 -30.15
CA GLN D 169 10.90 40.04 -29.83
C GLN D 169 10.71 39.91 -28.32
N LEU D 170 9.44 39.83 -27.92
CA LEU D 170 9.07 39.55 -26.53
C LEU D 170 9.62 38.20 -26.13
N LEU D 171 10.43 38.17 -25.07
CA LEU D 171 10.86 36.88 -24.52
C LEU D 171 9.64 36.26 -23.84
N THR D 172 9.00 35.34 -24.56
CA THR D 172 7.79 34.69 -24.07
C THR D 172 8.14 34.08 -22.74
N TRP D 173 7.28 34.27 -21.76
CA TRP D 173 7.61 33.83 -20.43
C TRP D 173 7.72 32.34 -20.35
N HIS D 174 8.50 31.87 -19.37
CA HIS D 174 8.76 30.45 -19.21
C HIS D 174 9.40 30.20 -17.88
N THR D 175 9.30 28.95 -17.45
CA THR D 175 10.09 28.39 -16.37
C THR D 175 11.47 28.13 -16.98
N GLU D 176 12.55 28.44 -16.25
CA GLU D 176 13.89 28.18 -16.81
C GLU D 176 14.12 26.66 -16.94
N ASP D 177 14.49 26.24 -18.15
CA ASP D 177 14.73 24.83 -18.47
C ASP D 177 13.57 23.93 -18.08
N ALA D 178 12.36 24.36 -18.42
CA ALA D 178 11.13 23.68 -18.03
C ALA D 178 11.13 22.18 -18.37
N PHE D 179 11.66 21.83 -19.54
CA PHE D 179 11.74 20.44 -20.01
C PHE D 179 12.58 19.51 -19.12
N HIS D 180 13.51 20.09 -18.35
CA HIS D 180 14.59 19.32 -17.73
C HIS D 180 14.27 18.89 -16.31
N PRO D 181 14.44 17.59 -16.00
CA PRO D 181 14.15 17.11 -14.64
C PRO D 181 15.02 17.77 -13.56
N TYR D 182 16.21 18.24 -13.92
CA TYR D 182 17.13 18.86 -12.97
C TYR D 182 17.30 20.37 -13.22
N ARG D 183 16.24 20.98 -13.73
CA ARG D 183 16.19 22.42 -13.93
C ARG D 183 16.39 23.11 -12.60
N SER D 184 16.78 24.38 -12.65
CA SER D 184 16.97 25.21 -11.45
C SER D 184 15.78 25.16 -10.50
N ASP D 185 16.09 25.27 -9.22
CA ASP D 185 15.07 25.53 -8.21
C ASP D 185 14.86 27.04 -8.02
N TYR D 186 15.96 27.79 -8.09
CA TYR D 186 15.95 29.25 -8.07
C TYR D 186 16.86 29.81 -9.16
N LEU D 187 16.56 31.04 -9.59
CA LEU D 187 17.45 31.82 -10.47
C LEU D 187 17.83 33.11 -9.77
N ILE D 188 19.06 33.51 -9.97
CA ILE D 188 19.54 34.79 -9.45
C ILE D 188 19.94 35.64 -10.64
N LEU D 189 19.28 36.79 -10.77
CA LEU D 189 19.54 37.73 -11.84
C LEU D 189 20.00 39.05 -11.26
N GLY D 190 21.27 39.38 -11.50
CA GLY D 190 21.82 40.63 -11.02
C GLY D 190 21.89 41.63 -12.15
N ALA D 191 21.27 42.80 -11.95
CA ALA D 191 21.28 43.87 -12.94
C ALA D 191 22.52 44.74 -12.76
N LEU D 192 23.53 44.49 -13.59
CA LEU D 192 24.74 45.31 -13.60
C LEU D 192 24.44 46.71 -14.16
N ARG D 193 23.56 46.76 -15.16
CA ARG D 193 23.01 48.02 -15.67
C ARG D 193 21.71 47.83 -16.43
N ASN D 194 20.85 48.85 -16.35
CA ASN D 194 19.58 48.87 -17.07
C ASN D 194 19.19 50.34 -17.33
N PRO D 195 19.97 51.03 -18.19
CA PRO D 195 19.82 52.49 -18.36
C PRO D 195 18.43 52.93 -18.85
N ASP D 196 17.74 52.04 -19.56
CA ASP D 196 16.41 52.35 -20.09
C ASP D 196 15.29 51.67 -19.30
N HIS D 197 15.68 50.95 -18.24
CA HIS D 197 14.74 50.35 -17.30
C HIS D 197 13.81 49.37 -17.95
N VAL D 198 14.39 48.44 -18.70
CA VAL D 198 13.63 47.38 -19.35
C VAL D 198 13.09 46.40 -18.29
N PRO D 199 11.78 46.18 -18.29
CA PRO D 199 11.16 45.31 -17.28
C PRO D 199 11.34 43.81 -17.57
N THR D 200 11.78 43.07 -16.55
CA THR D 200 11.66 41.63 -16.53
C THR D 200 10.17 41.39 -16.27
N THR D 201 9.62 40.35 -16.87
CA THR D 201 8.25 39.99 -16.57
C THR D 201 8.25 38.75 -15.67
N VAL D 202 7.42 38.75 -14.65
CA VAL D 202 7.31 37.60 -13.77
C VAL D 202 5.88 37.37 -13.33
N GLY D 203 5.49 36.10 -13.32
CA GLY D 203 4.13 35.71 -13.04
C GLY D 203 4.02 34.46 -12.20
N GLU D 204 3.05 34.47 -11.30
CA GLU D 204 2.77 33.36 -10.42
C GLU D 204 1.50 32.66 -10.85
N LEU D 205 1.09 31.66 -10.07
CA LEU D 205 -0.12 30.91 -10.34
C LEU D 205 -1.20 31.29 -9.34
N ASP D 206 -2.27 31.90 -9.85
CA ASP D 206 -3.47 32.14 -9.05
C ASP D 206 -4.33 30.89 -9.13
N LEU D 207 -4.24 30.04 -8.11
CA LEU D 207 -4.89 28.73 -8.11
C LEU D 207 -6.42 28.84 -8.16
N SER D 208 -6.94 29.91 -7.57
CA SER D 208 -8.37 30.14 -7.44
C SER D 208 -9.08 30.34 -8.78
N SER D 209 -8.32 30.80 -9.78
CA SER D 209 -8.89 31.11 -11.11
C SER D 209 -9.05 29.87 -12.00
N LEU D 210 -8.75 28.71 -11.45
CA LEU D 210 -8.86 27.44 -12.18
C LEU D 210 -9.88 26.52 -11.50
N SER D 211 -10.55 25.70 -12.30
CA SER D 211 -11.49 24.69 -11.80
C SER D 211 -10.72 23.51 -11.18
N ALA D 212 -11.45 22.65 -10.50
CA ALA D 212 -10.87 21.48 -9.83
C ALA D 212 -10.47 20.37 -10.80
N GLU D 213 -11.25 20.20 -11.86
CA GLU D 213 -10.93 19.17 -12.87
C GLU D 213 -9.80 19.62 -13.79
N ASP D 214 -9.67 20.93 -14.01
CA ASP D 214 -8.54 21.47 -14.75
C ASP D 214 -7.23 21.24 -14.00
N ILE D 215 -7.22 21.56 -12.70
CA ILE D 215 -6.06 21.29 -11.84
C ILE D 215 -5.67 19.81 -11.86
N ASP D 216 -6.65 18.92 -11.70
CA ASP D 216 -6.40 17.48 -11.71
C ASP D 216 -5.76 16.99 -13.01
N VAL D 217 -6.24 17.49 -14.14
CA VAL D 217 -5.67 17.11 -15.44
C VAL D 217 -4.24 17.64 -15.59
N LEU D 218 -4.00 18.84 -15.06
CA LEU D 218 -2.70 19.48 -15.11
C LEU D 218 -1.61 18.73 -14.31
N PHE D 219 -2.02 17.98 -13.29
CA PHE D 219 -1.11 17.14 -12.49
C PHE D 219 -0.71 15.86 -13.22
N GLU D 220 -1.41 15.54 -14.30
CA GLU D 220 -1.18 14.30 -15.02
C GLU D 220 -0.17 14.47 -16.14
N PRO D 221 0.57 13.39 -16.47
CA PRO D 221 1.59 13.44 -17.52
C PRO D 221 0.99 13.49 -18.94
N ARG D 222 0.45 14.66 -19.31
CA ARG D 222 -0.30 14.77 -20.56
C ARG D 222 0.23 15.83 -21.54
N TYR D 223 1.35 16.46 -21.20
CA TYR D 223 1.85 17.62 -21.95
C TYR D 223 3.29 17.44 -22.41
N HIS D 224 3.59 17.94 -23.61
CA HIS D 224 4.94 17.85 -24.16
C HIS D 224 5.65 19.17 -24.05
N ILE D 225 6.78 19.19 -23.35
CA ILE D 225 7.67 20.36 -23.34
C ILE D 225 9.04 19.98 -23.87
N ALA D 226 9.45 20.67 -24.93
CA ALA D 226 10.71 20.38 -25.62
C ALA D 226 11.84 21.26 -25.06
N PRO D 227 13.10 20.84 -25.26
CA PRO D 227 14.26 21.70 -24.89
C PRO D 227 14.38 22.95 -25.77
N ASP D 228 14.89 24.04 -25.18
CA ASP D 228 14.99 25.34 -25.85
C ASP D 228 16.28 25.49 -26.66
N GLU D 229 16.42 26.62 -27.35
CA GLU D 229 17.56 26.84 -28.25
C GLU D 229 18.91 27.08 -27.58
N SER D 230 18.90 27.56 -26.33
CA SER D 230 20.15 27.83 -25.59
C SER D 230 21.00 26.58 -25.45
N HIS D 231 20.33 25.42 -25.50
CA HIS D 231 20.98 24.11 -25.37
C HIS D 231 21.45 23.52 -26.67
N LEU D 232 21.32 24.26 -27.77
CA LEU D 232 21.78 23.81 -29.09
C LEU D 232 23.31 23.90 -29.28
N PRO D 233 23.90 22.94 -30.03
CA PRO D 233 25.34 22.95 -30.36
C PRO D 233 25.84 24.26 -31.01
N LYS D 234 25.03 24.85 -31.91
CA LYS D 234 25.37 26.12 -32.57
C LYS D 234 25.44 27.33 -31.62
N ASN D 235 24.79 27.21 -30.46
CA ASN D 235 24.80 28.27 -29.44
C ASN D 235 25.87 28.08 -28.36
N ASN D 236 26.72 27.08 -28.56
CA ASN D 236 27.88 26.85 -27.70
C ASN D 236 29.13 26.76 -28.58
N THR D 237 30.32 26.88 -27.99
CA THR D 237 31.53 26.59 -28.74
C THR D 237 31.49 25.14 -29.18
N ILE D 238 31.86 24.90 -30.43
CA ILE D 238 31.88 23.55 -31.04
C ILE D 238 32.51 22.54 -30.08
N ALA D 239 31.94 21.33 -30.04
CA ALA D 239 32.43 20.27 -29.16
C ALA D 239 33.67 19.59 -29.71
N THR D 240 34.60 19.25 -28.82
CA THR D 240 35.80 18.47 -29.16
C THR D 240 35.41 16.99 -29.32
N GLU D 241 36.38 16.12 -29.60
CA GLU D 241 36.10 14.69 -29.73
C GLU D 241 35.99 14.00 -28.37
N GLU D 242 36.64 14.56 -27.36
CA GLU D 242 36.43 14.18 -25.96
C GLU D 242 35.02 14.63 -25.54
N GLU D 243 34.42 15.50 -26.36
CA GLU D 243 33.16 16.13 -26.05
C GLU D 243 32.05 15.69 -27.03
N ALA D 244 32.21 14.50 -27.61
CA ALA D 244 31.25 13.96 -28.58
C ALA D 244 29.89 13.62 -27.96
N ALA D 245 29.88 13.34 -26.67
CA ALA D 245 28.66 13.03 -25.92
C ALA D 245 28.12 14.22 -25.11
N ARG D 246 28.69 15.39 -25.35
CA ARG D 246 28.32 16.62 -24.63
C ARG D 246 26.81 16.89 -24.66
N PHE D 247 26.18 16.68 -25.82
CA PHE D 247 24.76 17.02 -26.02
C PHE D 247 23.83 15.80 -26.01
N ALA D 248 24.39 14.63 -25.71
CA ALA D 248 23.67 13.36 -25.68
C ALA D 248 22.47 13.33 -24.72
N THR D 249 22.58 13.99 -23.56
CA THR D 249 21.47 13.98 -22.59
C THR D 249 20.25 14.73 -23.11
N ILE D 250 20.49 15.83 -23.81
CA ILE D 250 19.40 16.62 -24.38
C ILE D 250 18.91 16.02 -25.70
N GLN D 251 19.82 15.43 -26.47
CA GLN D 251 19.43 14.70 -27.69
C GLN D 251 18.54 13.49 -27.43
N ARG D 252 18.76 12.81 -26.30
CA ARG D 252 17.88 11.71 -25.89
C ARG D 252 16.47 12.20 -25.57
N MET D 253 16.37 13.34 -24.86
CA MET D 253 15.10 13.96 -24.53
C MET D 253 14.34 14.48 -25.76
N ILE D 254 15.08 14.99 -26.75
CA ILE D 254 14.50 15.42 -28.02
C ILE D 254 13.87 14.22 -28.74
N ASP D 255 14.57 13.08 -28.72
CA ASP D 255 14.12 11.87 -29.42
C ASP D 255 12.85 11.28 -28.83
N GLU D 256 12.76 11.27 -27.51
CA GLU D 256 11.68 10.57 -26.80
C GLU D 256 10.34 11.32 -26.75
N ARG D 257 10.41 12.65 -26.70
CA ARG D 257 9.23 13.52 -26.58
C ARG D 257 8.23 13.07 -25.49
N PRO D 258 8.72 12.80 -24.26
CA PRO D 258 7.83 12.21 -23.24
C PRO D 258 6.76 13.19 -22.76
N LEU D 259 5.66 12.68 -22.23
CA LEU D 259 4.63 13.53 -21.68
C LEU D 259 4.85 13.72 -20.17
N GLY D 260 4.59 14.93 -19.70
CA GLY D 260 4.72 15.24 -18.28
C GLY D 260 3.68 16.21 -17.79
N PRO D 261 3.57 16.36 -16.46
CA PRO D 261 2.64 17.30 -15.86
C PRO D 261 3.13 18.74 -15.97
N LEU D 262 2.22 19.69 -15.77
CA LEU D 262 2.57 21.09 -15.71
C LEU D 262 2.46 21.60 -14.28
N LEU D 263 1.65 20.92 -13.48
CA LEU D 263 1.53 21.21 -12.05
C LEU D 263 1.96 20.00 -11.25
N TYR D 264 2.55 20.23 -10.07
CA TYR D 264 3.08 19.16 -9.21
C TYR D 264 3.22 19.66 -7.77
N GLY D 265 3.65 18.78 -6.88
CA GLY D 265 3.75 19.13 -5.47
C GLY D 265 2.39 19.03 -4.81
N SER D 266 2.07 20.00 -3.94
CA SER D 266 0.81 19.97 -3.21
C SER D 266 -0.37 20.38 -4.09
N ARG D 267 -1.38 19.51 -4.16
CA ARG D 267 -2.57 19.77 -4.94
C ARG D 267 -3.32 21.04 -4.53
N LEU D 268 -3.12 21.47 -3.30
CA LEU D 268 -3.74 22.68 -2.77
C LEU D 268 -2.85 23.90 -2.98
N ASP D 269 -1.58 23.65 -3.32
CA ASP D 269 -0.57 24.71 -3.42
C ASP D 269 0.55 24.32 -4.40
N PRO D 270 0.21 24.15 -5.69
CA PRO D 270 1.17 23.50 -6.58
C PRO D 270 2.31 24.35 -7.14
N TYR D 271 3.40 23.66 -7.44
CA TYR D 271 4.47 24.25 -8.21
C TYR D 271 4.08 24.10 -9.67
N MET D 272 4.77 24.81 -10.57
CA MET D 272 4.49 24.69 -11.98
C MET D 272 5.76 24.70 -12.82
N ARG D 273 5.67 24.05 -13.98
CA ARG D 273 6.65 24.22 -15.02
C ARG D 273 5.93 24.52 -16.32
N LEU D 274 6.37 25.56 -17.00
CA LEU D 274 5.68 26.08 -18.18
C LEU D 274 6.69 26.64 -19.14
N ASP D 275 6.46 26.41 -20.43
CA ASP D 275 7.28 26.98 -21.49
C ASP D 275 6.47 26.91 -22.79
N PRO D 276 5.52 27.85 -22.94
CA PRO D 276 4.53 27.84 -24.03
C PRO D 276 5.16 27.69 -25.41
N TYR D 277 6.25 28.42 -25.65
CA TYR D 277 6.90 28.37 -26.94
C TYR D 277 7.37 26.96 -27.33
N PHE D 278 7.70 26.13 -26.33
CA PHE D 278 8.18 24.78 -26.59
C PHE D 278 7.19 23.69 -26.18
N THR D 279 5.92 24.07 -26.07
CA THR D 279 4.89 23.14 -25.62
C THR D 279 3.92 22.71 -26.74
N SER D 280 3.60 21.41 -26.75
CA SER D 280 2.46 20.94 -27.53
C SER D 280 1.60 19.99 -26.67
N VAL D 281 0.37 19.77 -27.09
CA VAL D 281 -0.56 18.90 -26.37
C VAL D 281 -1.19 17.97 -27.41
N PRO D 282 -1.19 16.65 -27.15
CA PRO D 282 -1.77 15.72 -28.12
C PRO D 282 -3.19 16.11 -28.53
N GLN D 283 -3.48 16.02 -29.82
CA GLN D 283 -4.74 16.52 -30.36
C GLN D 283 -5.98 15.86 -29.75
N ASP D 284 -5.90 14.56 -29.50
CA ASP D 284 -7.03 13.78 -28.96
C ASP D 284 -7.37 14.17 -27.52
N ASP D 285 -6.37 14.60 -26.76
CA ASP D 285 -6.59 14.91 -25.35
C ASP D 285 -7.27 16.27 -25.16
N THR D 286 -8.60 16.27 -25.35
CA THR D 286 -9.44 17.45 -25.20
C THR D 286 -9.38 18.05 -23.80
N ASP D 287 -9.35 17.19 -22.78
CA ASP D 287 -9.23 17.66 -21.39
C ASP D 287 -7.94 18.46 -21.17
N ALA D 288 -6.81 17.87 -21.57
CA ALA D 288 -5.51 18.53 -21.44
C ALA D 288 -5.43 19.86 -22.20
N ARG D 289 -5.93 19.90 -23.44
CA ARG D 289 -5.90 21.14 -24.22
C ARG D 289 -6.73 22.22 -23.55
N ARG D 290 -7.89 21.83 -23.02
CA ARG D 290 -8.76 22.76 -22.29
C ARG D 290 -8.01 23.31 -21.07
N ALA D 291 -7.45 22.39 -20.28
CA ALA D 291 -6.79 22.73 -19.02
C ALA D 291 -5.56 23.60 -19.26
N TYR D 292 -4.77 23.23 -20.27
CA TYR D 292 -3.59 24.00 -20.62
C TYR D 292 -3.92 25.42 -21.08
N ASP D 293 -4.86 25.55 -22.02
CA ASP D 293 -5.37 26.87 -22.43
C ASP D 293 -5.79 27.73 -21.22
N ALA D 294 -6.51 27.12 -20.27
CA ALA D 294 -6.98 27.84 -19.08
C ALA D 294 -5.80 28.30 -18.22
N LEU D 295 -4.83 27.40 -18.03
CA LEU D 295 -3.64 27.70 -17.25
C LEU D 295 -2.82 28.80 -17.91
N PHE D 296 -2.63 28.70 -19.22
CA PHE D 296 -1.90 29.71 -19.96
C PHE D 296 -2.53 31.08 -19.73
N LYS D 297 -3.85 31.15 -19.85
CA LYS D 297 -4.59 32.42 -19.74
C LYS D 297 -4.43 33.03 -18.35
N VAL D 298 -4.61 32.20 -17.32
CA VAL D 298 -4.44 32.61 -15.93
C VAL D 298 -3.02 33.10 -15.65
N VAL D 299 -2.02 32.42 -16.21
CA VAL D 299 -0.63 32.84 -15.98
C VAL D 299 -0.29 34.09 -16.81
N ASP D 300 -0.74 34.12 -18.06
CA ASP D 300 -0.40 35.24 -18.96
C ASP D 300 -0.96 36.58 -18.47
N SER D 301 -2.21 36.57 -18.00
CA SER D 301 -2.87 37.79 -17.53
C SER D 301 -2.35 38.23 -16.17
N GLY D 302 -1.88 37.26 -15.39
CA GLY D 302 -1.31 37.54 -14.07
C GLY D 302 0.10 38.08 -14.08
N MET D 303 0.75 38.12 -15.25
CA MET D 303 2.13 38.59 -15.38
C MET D 303 2.33 40.02 -14.88
N ARG D 304 3.42 40.23 -14.14
CA ARG D 304 3.79 41.55 -13.63
C ARG D 304 5.09 42.02 -14.23
N GLU D 305 5.20 43.32 -14.45
CA GLU D 305 6.47 43.92 -14.79
C GLU D 305 7.25 44.21 -13.51
N VAL D 306 8.51 43.78 -13.50
CA VAL D 306 9.41 43.97 -12.37
C VAL D 306 10.70 44.51 -12.95
N VAL D 307 11.06 45.72 -12.61
CA VAL D 307 12.27 46.28 -13.17
C VAL D 307 13.47 45.93 -12.29
N ALA D 308 14.44 45.29 -12.91
CA ALA D 308 15.73 45.07 -12.32
C ALA D 308 16.61 46.21 -12.83
N ASP D 309 16.79 47.23 -12.00
CA ASP D 309 17.67 48.34 -12.34
C ASP D 309 19.08 48.08 -11.81
N GLN D 310 20.02 48.90 -12.24
CA GLN D 310 21.40 48.80 -11.78
C GLN D 310 21.43 48.66 -10.26
N GLY D 311 22.15 47.65 -9.77
CA GLY D 311 22.23 47.40 -8.33
C GLY D 311 21.09 46.58 -7.74
N ASP D 312 20.15 46.16 -8.58
CA ASP D 312 19.06 45.28 -8.16
C ASP D 312 19.45 43.83 -8.40
N VAL D 313 19.10 42.98 -7.44
CA VAL D 313 19.29 41.52 -7.59
C VAL D 313 17.92 40.86 -7.44
N LEU D 314 17.51 40.18 -8.49
CA LEU D 314 16.19 39.57 -8.56
C LEU D 314 16.33 38.07 -8.32
N PHE D 315 15.54 37.57 -7.38
CA PHE D 315 15.53 36.17 -6.98
C PHE D 315 14.22 35.55 -7.45
N ILE D 316 14.31 34.54 -8.33
CA ILE D 316 13.12 33.89 -8.84
C ILE D 316 13.04 32.46 -8.34
N ASP D 317 11.88 32.09 -7.82
CA ASP D 317 11.55 30.72 -7.46
C ASP D 317 11.07 30.01 -8.73
N ASN D 318 11.95 29.18 -9.29
CA ASN D 318 11.68 28.54 -10.58
C ASN D 318 10.52 27.55 -10.52
N HIS D 319 10.06 27.23 -9.31
CA HIS D 319 8.87 26.41 -9.15
C HIS D 319 7.60 27.18 -8.93
N ARG D 320 7.69 28.47 -8.65
CA ARG D 320 6.47 29.25 -8.42
C ARG D 320 6.27 30.45 -9.34
N ALA D 321 7.26 30.72 -10.19
CA ALA D 321 7.18 31.84 -11.12
C ALA D 321 7.78 31.48 -12.46
N VAL D 322 7.13 31.98 -13.52
CA VAL D 322 7.71 31.99 -14.86
C VAL D 322 8.28 33.37 -15.04
N HIS D 323 9.18 33.52 -16.00
CA HIS D 323 9.74 34.82 -16.27
C HIS D 323 9.93 35.04 -17.74
N GLY D 324 9.91 36.30 -18.13
CA GLY D 324 10.23 36.67 -19.50
C GLY D 324 10.81 38.06 -19.50
N ARG D 325 10.81 38.68 -20.66
CA ARG D 325 11.31 40.03 -20.83
C ARG D 325 10.52 40.72 -21.94
N LEU D 326 10.25 42.01 -21.75
CA LEU D 326 9.57 42.81 -22.76
C LEU D 326 10.51 43.17 -23.92
N PRO D 327 9.94 43.43 -25.13
CA PRO D 327 10.79 43.88 -26.24
C PRO D 327 11.44 45.22 -25.92
N PHE D 328 12.66 45.42 -26.43
CA PHE D 328 13.35 46.69 -26.26
C PHE D 328 14.36 46.94 -27.38
N GLN D 329 14.65 48.21 -27.62
CA GLN D 329 15.64 48.60 -28.61
C GLN D 329 17.05 48.60 -27.99
N ALA D 330 17.91 47.75 -28.55
CA ALA D 330 19.30 47.65 -28.12
C ALA D 330 20.18 48.63 -28.90
N ARG D 331 21.23 49.11 -28.26
CA ARG D 331 22.14 50.07 -28.87
C ARG D 331 23.36 49.44 -29.53
N TYR D 332 23.83 48.32 -28.96
CA TYR D 332 25.03 47.59 -29.43
C TYR D 332 26.30 48.43 -29.43
N ASP D 333 26.48 49.23 -28.39
CA ASP D 333 27.61 50.15 -28.30
C ASP D 333 28.34 50.10 -26.96
N GLY D 334 27.98 49.10 -26.14
CA GLY D 334 28.62 48.89 -24.83
C GLY D 334 27.95 49.59 -23.66
N THR D 335 26.69 49.98 -23.85
CA THR D 335 25.92 50.63 -22.79
C THR D 335 24.57 49.93 -22.57
N ASP D 336 24.44 48.75 -23.18
CA ASP D 336 23.19 47.99 -23.12
C ASP D 336 22.93 47.38 -21.75
N ARG D 337 21.65 47.13 -21.47
CA ARG D 337 21.20 46.37 -20.32
C ARG D 337 22.05 45.11 -20.15
N TRP D 338 22.67 44.98 -18.97
CA TRP D 338 23.56 43.85 -18.69
C TRP D 338 23.24 43.18 -17.38
N LEU D 339 22.72 41.96 -17.46
CA LEU D 339 22.43 41.15 -16.27
C LEU D 339 23.32 39.92 -16.20
N LYS D 340 23.53 39.42 -14.99
CA LYS D 340 24.24 38.16 -14.75
C LYS D 340 23.26 37.15 -14.16
N ARG D 341 23.37 35.88 -14.56
CA ARG D 341 22.46 34.84 -14.08
C ARG D 341 23.21 33.67 -13.45
N VAL D 342 22.70 33.21 -12.31
CA VAL D 342 23.21 32.00 -11.65
C VAL D 342 22.02 31.07 -11.44
N CYS D 343 22.16 29.81 -11.88
CA CYS D 343 21.15 28.79 -11.60
C CYS D 343 21.48 28.14 -10.26
N VAL D 344 20.45 27.92 -9.44
CA VAL D 344 20.60 27.34 -8.11
C VAL D 344 19.83 26.04 -8.03
N THR D 345 20.50 24.98 -7.56
CA THR D 345 19.82 23.75 -7.22
C THR D 345 19.79 23.54 -5.70
N SER D 346 18.66 23.06 -5.21
CA SER D 346 18.54 22.68 -3.80
C SER D 346 19.26 21.35 -3.55
N ASP D 347 19.43 20.53 -4.58
CA ASP D 347 20.08 19.24 -4.37
C ASP D 347 20.98 18.86 -5.56
N LEU D 348 22.27 19.14 -5.44
CA LEU D 348 23.23 18.82 -6.50
C LEU D 348 23.27 17.31 -6.78
N ARG D 349 23.12 16.50 -5.75
CA ARG D 349 23.27 15.05 -5.93
C ARG D 349 22.13 14.40 -6.71
N ARG D 350 20.96 15.03 -6.72
CA ARG D 350 19.82 14.54 -7.51
C ARG D 350 20.17 14.38 -9.01
N SER D 351 21.06 15.24 -9.51
CA SER D 351 21.46 15.21 -10.92
C SER D 351 22.70 14.36 -11.22
N ARG D 352 23.13 13.55 -10.25
CA ARG D 352 24.41 12.86 -10.36
C ARG D 352 24.52 12.04 -11.65
N GLU D 353 23.42 11.41 -12.07
CA GLU D 353 23.42 10.60 -13.29
C GLU D 353 23.69 11.38 -14.58
N MET D 354 23.52 12.71 -14.51
CA MET D 354 23.77 13.59 -15.64
C MET D 354 24.99 14.47 -15.50
N ARG D 355 25.83 14.17 -14.51
CA ARG D 355 27.08 14.89 -14.31
C ARG D 355 28.27 13.93 -14.49
N ALA D 356 29.34 14.42 -15.10
CA ALA D 356 30.49 13.56 -15.46
C ALA D 356 31.22 12.97 -14.25
N THR D 357 31.19 13.71 -13.14
CA THR D 357 31.90 13.34 -11.92
C THR D 357 31.07 13.83 -10.74
N SER D 358 31.39 13.33 -9.55
CA SER D 358 30.75 13.83 -8.32
C SER D 358 31.05 15.31 -8.06
N ALA D 359 32.28 15.74 -8.36
CA ALA D 359 32.71 17.11 -8.07
C ALA D 359 32.11 18.17 -8.99
N THR D 360 31.88 17.82 -10.26
CA THR D 360 31.40 18.83 -11.23
C THR D 360 29.99 19.35 -10.94
N ARG D 361 29.80 20.64 -11.20
CA ARG D 361 28.53 21.32 -11.03
C ARG D 361 27.83 21.50 -12.38
N LEU D 362 28.42 20.94 -13.44
CA LEU D 362 27.92 21.11 -14.80
C LEU D 362 27.16 19.88 -15.26
N LEU D 363 25.93 20.09 -15.71
CA LEU D 363 25.08 19.00 -16.18
C LEU D 363 25.32 18.72 -17.65
N GLY D 364 25.27 17.43 -18.00
CA GLY D 364 25.49 16.96 -19.36
C GLY D 364 26.58 15.92 -19.42
#